data_1DC8
# 
_entry.id   1DC8 
# 
_audit_conform.dict_name       mmcif_pdbx.dic 
_audit_conform.dict_version    5.362 
_audit_conform.dict_location   http://mmcif.pdb.org/dictionaries/ascii/mmcif_pdbx.dic 
# 
loop_
_database_2.database_id 
_database_2.database_code 
_database_2.pdbx_database_accession 
_database_2.pdbx_DOI 
PDB   1DC8         pdb_00001dc8 10.2210/pdb1dc8/pdb 
RCSB  RCSB009966   ?            ?                   
WWPDB D_1000009966 ?            ?                   
# 
loop_
_pdbx_database_related.db_name 
_pdbx_database_related.db_id 
_pdbx_database_related.details 
_pdbx_database_related.content_type 
PDB 1NTR 'THREE-DIMENSIONAL SOLUTION STRUCTURE OF THE N-TERMINAL RECEIVER DOMAIN OF NTRC' unspecified 
PDB 1DC7 'UNPHOSPHORYLATED NTRC RECEIVER DOMAIN'                                          unspecified 
# 
_pdbx_database_status.status_code                     REL 
_pdbx_database_status.entry_id                        1DC8 
_pdbx_database_status.recvd_initial_deposition_date   1999-11-04 
_pdbx_database_status.deposit_site                    RCSB 
_pdbx_database_status.process_site                    RCSB 
_pdbx_database_status.status_code_mr                  REL 
_pdbx_database_status.SG_entry                        . 
_pdbx_database_status.pdb_format_compatible           Y 
_pdbx_database_status.status_code_sf                  ? 
_pdbx_database_status.status_code_cs                  ? 
_pdbx_database_status.status_code_nmr_data            ? 
_pdbx_database_status.methods_development_category    ? 
# 
loop_
_audit_author.name 
_audit_author.pdbx_ordinal 
'Kern, D.'      1 
'Volkman, B.F.' 2 
'Luginbuhl, P.' 3 
'Nohaile, M.J.' 4 
'Kustu, S.'     5 
'Wemmer, D.E.'  6 
# 
loop_
_citation.id 
_citation.title 
_citation.journal_abbrev 
_citation.journal_volume 
_citation.page_first 
_citation.page_last 
_citation.year 
_citation.journal_id_ASTM 
_citation.country 
_citation.journal_id_ISSN 
_citation.journal_id_CSD 
_citation.book_publisher 
_citation.pdbx_database_id_PubMed 
_citation.pdbx_database_id_DOI 
primary 'Structure of a transiently phosphorylated switch in bacterial signal transduction.' Nature       402 894  898  1999 
NATUAS UK 0028-0836 0006 ? 10622255 10.1038/47273 
1       'Three-Dimensional Solution Structure of the N-Terminal Receiver Domain of NTRC'     Biochemistry 34  1413 1424 1995 
BICHAW US 0006-2960 0033 ? ?        ?             
# 
loop_
_citation_author.citation_id 
_citation_author.name 
_citation_author.ordinal 
_citation_author.identifier_ORCID 
primary 'Kern, D.'      1  ? 
primary 'Volkman, B.F.' 2  ? 
primary 'Luginbuhl, P.' 3  ? 
primary 'Nohaile, M.J.' 4  ? 
primary 'Kustu, S.'     5  ? 
primary 'Wemmer, D.E.'  6  ? 
1       'Volkman, B.F.' 7  ? 
1       'Nohaile, M.J.' 8  ? 
1       'Amy, N.K.'     9  ? 
1       'Kustu, S.'     10 ? 
1       'Wemmer, D.E.'  11 ? 
# 
_cell.entry_id           1DC8 
_cell.length_a           1.000 
_cell.length_b           1.000 
_cell.length_c           1.000 
_cell.angle_alpha        90.00 
_cell.angle_beta         90.00 
_cell.angle_gamma        90.00 
_cell.Z_PDB              1 
_cell.pdbx_unique_axis   ? 
# 
_symmetry.entry_id                         1DC8 
_symmetry.space_group_name_H-M             'P 1' 
_symmetry.pdbx_full_space_group_name_H-M   ? 
_symmetry.cell_setting                     ? 
_symmetry.Int_Tables_number                1 
# 
_entity.id                         1 
_entity.type                       polymer 
_entity.src_method                 man 
_entity.pdbx_description           'NITROGEN REGULATION PROTEIN' 
_entity.formula_weight             13716.585 
_entity.pdbx_number_of_molecules   1 
_entity.pdbx_ec                    ? 
_entity.pdbx_mutation              'D54(ASQ)' 
_entity.pdbx_fragment              'N-TERMINAL RECEIVER DOMAIN(1-124)' 
_entity.details                    ? 
# 
_entity_name_com.entity_id   1 
_entity_name_com.name        NTRC 
# 
_entity_poly.entity_id                      1 
_entity_poly.type                           'polypeptide(L)' 
_entity_poly.nstd_linkage                   no 
_entity_poly.nstd_monomer                   yes 
_entity_poly.pdbx_seq_one_letter_code       
;MQRGIVWVVDDDSSIRWVLERALAGAGLTCTTFENGNEVLAALASKTPDVLLS(PHD)IRMPGMDGLALLKQIKQRHPML
PVIIMTAHSDLDAAVSAYQQGAFDYLPKPFDIDEAVALVERAISHYQE
;
_entity_poly.pdbx_seq_one_letter_code_can   
;MQRGIVWVVDDDSSIRWVLERALAGAGLTCTTFENGNEVLAALASKTPDVLLSDIRMPGMDGLALLKQIKQRHPMLPVII
MTAHSDLDAAVSAYQQGAFDYLPKPFDIDEAVALVERAISHYQE
;
_entity_poly.pdbx_strand_id                 A 
_entity_poly.pdbx_target_identifier         ? 
# 
loop_
_entity_poly_seq.entity_id 
_entity_poly_seq.num 
_entity_poly_seq.mon_id 
_entity_poly_seq.hetero 
1 1   MET n 
1 2   GLN n 
1 3   ARG n 
1 4   GLY n 
1 5   ILE n 
1 6   VAL n 
1 7   TRP n 
1 8   VAL n 
1 9   VAL n 
1 10  ASP n 
1 11  ASP n 
1 12  ASP n 
1 13  SER n 
1 14  SER n 
1 15  ILE n 
1 16  ARG n 
1 17  TRP n 
1 18  VAL n 
1 19  LEU n 
1 20  GLU n 
1 21  ARG n 
1 22  ALA n 
1 23  LEU n 
1 24  ALA n 
1 25  GLY n 
1 26  ALA n 
1 27  GLY n 
1 28  LEU n 
1 29  THR n 
1 30  CYS n 
1 31  THR n 
1 32  THR n 
1 33  PHE n 
1 34  GLU n 
1 35  ASN n 
1 36  GLY n 
1 37  ASN n 
1 38  GLU n 
1 39  VAL n 
1 40  LEU n 
1 41  ALA n 
1 42  ALA n 
1 43  LEU n 
1 44  ALA n 
1 45  SER n 
1 46  LYS n 
1 47  THR n 
1 48  PRO n 
1 49  ASP n 
1 50  VAL n 
1 51  LEU n 
1 52  LEU n 
1 53  SER n 
1 54  PHD n 
1 55  ILE n 
1 56  ARG n 
1 57  MET n 
1 58  PRO n 
1 59  GLY n 
1 60  MET n 
1 61  ASP n 
1 62  GLY n 
1 63  LEU n 
1 64  ALA n 
1 65  LEU n 
1 66  LEU n 
1 67  LYS n 
1 68  GLN n 
1 69  ILE n 
1 70  LYS n 
1 71  GLN n 
1 72  ARG n 
1 73  HIS n 
1 74  PRO n 
1 75  MET n 
1 76  LEU n 
1 77  PRO n 
1 78  VAL n 
1 79  ILE n 
1 80  ILE n 
1 81  MET n 
1 82  THR n 
1 83  ALA n 
1 84  HIS n 
1 85  SER n 
1 86  ASP n 
1 87  LEU n 
1 88  ASP n 
1 89  ALA n 
1 90  ALA n 
1 91  VAL n 
1 92  SER n 
1 93  ALA n 
1 94  TYR n 
1 95  GLN n 
1 96  GLN n 
1 97  GLY n 
1 98  ALA n 
1 99  PHE n 
1 100 ASP n 
1 101 TYR n 
1 102 LEU n 
1 103 PRO n 
1 104 LYS n 
1 105 PRO n 
1 106 PHE n 
1 107 ASP n 
1 108 ILE n 
1 109 ASP n 
1 110 GLU n 
1 111 ALA n 
1 112 VAL n 
1 113 ALA n 
1 114 LEU n 
1 115 VAL n 
1 116 GLU n 
1 117 ARG n 
1 118 ALA n 
1 119 ILE n 
1 120 SER n 
1 121 HIS n 
1 122 TYR n 
1 123 GLN n 
1 124 GLU n 
# 
_entity_src_gen.entity_id                          1 
_entity_src_gen.pdbx_src_id                        1 
_entity_src_gen.pdbx_alt_source_flag               sample 
_entity_src_gen.pdbx_seq_type                      ? 
_entity_src_gen.pdbx_beg_seq_num                   ? 
_entity_src_gen.pdbx_end_seq_num                   ? 
_entity_src_gen.gene_src_common_name               ? 
_entity_src_gen.gene_src_genus                     Salmonella 
_entity_src_gen.pdbx_gene_src_gene                 ? 
_entity_src_gen.gene_src_species                   ? 
_entity_src_gen.gene_src_strain                    ? 
_entity_src_gen.gene_src_tissue                    ? 
_entity_src_gen.gene_src_tissue_fraction           ? 
_entity_src_gen.gene_src_details                   ? 
_entity_src_gen.pdbx_gene_src_fragment             ? 
_entity_src_gen.pdbx_gene_src_scientific_name      'Salmonella typhimurium' 
_entity_src_gen.pdbx_gene_src_ncbi_taxonomy_id     602 
_entity_src_gen.pdbx_gene_src_variant              ? 
_entity_src_gen.pdbx_gene_src_cell_line            ? 
_entity_src_gen.pdbx_gene_src_atcc                 ? 
_entity_src_gen.pdbx_gene_src_organ                ? 
_entity_src_gen.pdbx_gene_src_organelle            ? 
_entity_src_gen.pdbx_gene_src_cell                 ? 
_entity_src_gen.pdbx_gene_src_cellular_location    ? 
_entity_src_gen.host_org_common_name               ? 
_entity_src_gen.pdbx_host_org_scientific_name      'Escherichia coli BL21' 
_entity_src_gen.pdbx_host_org_ncbi_taxonomy_id     511693 
_entity_src_gen.host_org_genus                     Escherichia 
_entity_src_gen.pdbx_host_org_gene                 ? 
_entity_src_gen.pdbx_host_org_organ                ? 
_entity_src_gen.host_org_species                   'Escherichia coli' 
_entity_src_gen.pdbx_host_org_tissue               ? 
_entity_src_gen.pdbx_host_org_tissue_fraction      ? 
_entity_src_gen.pdbx_host_org_strain               BL21 
_entity_src_gen.pdbx_host_org_variant              ? 
_entity_src_gen.pdbx_host_org_cell_line            ? 
_entity_src_gen.pdbx_host_org_atcc                 ? 
_entity_src_gen.pdbx_host_org_culture_collection   ? 
_entity_src_gen.pdbx_host_org_cell                 ? 
_entity_src_gen.pdbx_host_org_organelle            ? 
_entity_src_gen.pdbx_host_org_cellular_location    ? 
_entity_src_gen.pdbx_host_org_vector_type          ? 
_entity_src_gen.pdbx_host_org_vector               PJES592 
_entity_src_gen.host_org_details                   ? 
_entity_src_gen.expression_system_id               ? 
_entity_src_gen.plasmid_name                       ? 
_entity_src_gen.plasmid_details                    ? 
_entity_src_gen.pdbx_description                   ? 
# 
_struct_ref.id                         1 
_struct_ref.db_name                    UNP 
_struct_ref.db_code                    NTRC_SALTY 
_struct_ref.entity_id                  1 
_struct_ref.pdbx_db_accession          P41789 
_struct_ref.pdbx_db_isoform            ? 
_struct_ref.pdbx_seq_one_letter_code   ? 
_struct_ref.pdbx_align_begin           ? 
# 
_struct_ref_seq.align_id                      1 
_struct_ref_seq.ref_id                        1 
_struct_ref_seq.pdbx_PDB_id_code              1DC8 
_struct_ref_seq.pdbx_strand_id                A 
_struct_ref_seq.seq_align_beg                 1 
_struct_ref_seq.pdbx_seq_align_beg_ins_code   ? 
_struct_ref_seq.seq_align_end                 124 
_struct_ref_seq.pdbx_seq_align_end_ins_code   ? 
_struct_ref_seq.pdbx_db_accession             P41789 
_struct_ref_seq.db_align_beg                  1 
_struct_ref_seq.pdbx_db_align_beg_ins_code    ? 
_struct_ref_seq.db_align_end                  124 
_struct_ref_seq.pdbx_db_align_end_ins_code    ? 
_struct_ref_seq.pdbx_auth_seq_align_beg       1 
_struct_ref_seq.pdbx_auth_seq_align_end       124 
# 
_struct_ref_seq_dif.align_id                     1 
_struct_ref_seq_dif.pdbx_pdb_id_code             1DC8 
_struct_ref_seq_dif.mon_id                       PHD 
_struct_ref_seq_dif.pdbx_pdb_strand_id           A 
_struct_ref_seq_dif.seq_num                      54 
_struct_ref_seq_dif.pdbx_pdb_ins_code            ? 
_struct_ref_seq_dif.pdbx_seq_db_name             UNP 
_struct_ref_seq_dif.pdbx_seq_db_accession_code   P41789 
_struct_ref_seq_dif.db_mon_id                    ASP 
_struct_ref_seq_dif.pdbx_seq_db_seq_num          54 
_struct_ref_seq_dif.details                      'modified residue' 
_struct_ref_seq_dif.pdbx_auth_seq_num            54 
_struct_ref_seq_dif.pdbx_ordinal                 1 
# 
loop_
_chem_comp.id 
_chem_comp.type 
_chem_comp.mon_nstd_flag 
_chem_comp.name 
_chem_comp.pdbx_synonyms 
_chem_comp.formula 
_chem_comp.formula_weight 
ALA 'L-peptide linking' y ALANINE              ? 'C3 H7 N O2'     89.093  
ARG 'L-peptide linking' y ARGININE             ? 'C6 H15 N4 O2 1' 175.209 
ASN 'L-peptide linking' y ASPARAGINE           ? 'C4 H8 N2 O3'    132.118 
ASP 'L-peptide linking' y 'ASPARTIC ACID'      ? 'C4 H7 N O4'     133.103 
CYS 'L-peptide linking' y CYSTEINE             ? 'C3 H7 N O2 S'   121.158 
GLN 'L-peptide linking' y GLUTAMINE            ? 'C5 H10 N2 O3'   146.144 
GLU 'L-peptide linking' y 'GLUTAMIC ACID'      ? 'C5 H9 N O4'     147.129 
GLY 'peptide linking'   y GLYCINE              ? 'C2 H5 N O2'     75.067  
HIS 'L-peptide linking' y HISTIDINE            ? 'C6 H10 N3 O2 1' 156.162 
ILE 'L-peptide linking' y ISOLEUCINE           ? 'C6 H13 N O2'    131.173 
LEU 'L-peptide linking' y LEUCINE              ? 'C6 H13 N O2'    131.173 
LYS 'L-peptide linking' y LYSINE               ? 'C6 H15 N2 O2 1' 147.195 
MET 'L-peptide linking' y METHIONINE           ? 'C5 H11 N O2 S'  149.211 
PHD 'L-peptide linking' n 'ASPARTYL PHOSPHATE' ? 'C4 H8 N O7 P'   213.083 
PHE 'L-peptide linking' y PHENYLALANINE        ? 'C9 H11 N O2'    165.189 
PRO 'L-peptide linking' y PROLINE              ? 'C5 H9 N O2'     115.130 
SER 'L-peptide linking' y SERINE               ? 'C3 H7 N O3'     105.093 
THR 'L-peptide linking' y THREONINE            ? 'C4 H9 N O3'     119.119 
TRP 'L-peptide linking' y TRYPTOPHAN           ? 'C11 H12 N2 O2'  204.225 
TYR 'L-peptide linking' y TYROSINE             ? 'C9 H11 N O3'    181.189 
VAL 'L-peptide linking' y VALINE               ? 'C5 H11 N O2'    117.146 
# 
loop_
_pdbx_nmr_exptl.experiment_id 
_pdbx_nmr_exptl.conditions_id 
_pdbx_nmr_exptl.type 
_pdbx_nmr_exptl.solution_id 
1 1 3D_15N-SEPARATED_NOESY 1 
2 1 3D_13C-SEPARATED_NOESY 2 
3 1 '2D NOESY'             3 
# 
_pdbx_nmr_exptl_sample_conditions.conditions_id       1 
_pdbx_nmr_exptl_sample_conditions.temperature         298 
_pdbx_nmr_exptl_sample_conditions.pressure            1 
_pdbx_nmr_exptl_sample_conditions.pH                  6.75 
_pdbx_nmr_exptl_sample_conditions.ionic_strength      '250-500 mM' 
_pdbx_nmr_exptl_sample_conditions.pressure_units      atm 
_pdbx_nmr_exptl_sample_conditions.temperature_units   K 
# 
loop_
_pdbx_nmr_sample_details.solution_id 
_pdbx_nmr_sample_details.contents 
_pdbx_nmr_sample_details.solvent_system 
1 
;0.3 MM NTRC(1-124) U-15N; 200 MM SODIUM PHOSPHATE, PH 6.75; 50 MM MAGNESIUM 
CHLORIDE; 200 MM CARBAMOYLPHOSPHATE
;
? 
2 
;0.3 MM NTRC(1-124) U-15N,13C; 200 MM SODIUM PHOSPHATE, PH 6.75; 50 MM 
MAGNESIUM CHLORIDE; 200 MM CARBAMOYLPHOSPHATE
;
? 
3 
;0.3 MM NTRC(1-124) U-15N; 200 MM SODIUM PHOSPHATE, PH 6.75; 50 MM MAGNESIUM 
CHLORIDE; 200 MM CARBAMOYLPHOSPHATE
;
? 
# 
loop_
_pdbx_nmr_spectrometer.spectrometer_id 
_pdbx_nmr_spectrometer.model 
_pdbx_nmr_spectrometer.manufacturer 
_pdbx_nmr_spectrometer.field_strength 
_pdbx_nmr_spectrometer.type 
1 DMX Bruker 600 ? 
2 DMX Bruker 750 ? 
# 
_pdbx_nmr_refine.entry_id           1DC8 
_pdbx_nmr_refine.method             'torsion angle dynamics' 
_pdbx_nmr_refine.details            
;STRUCTURE BASED ON A TOTAL OF 1301 UNIQUE DISTANCE CONSTRAINTS (OBTAINED FROM 
3095 NOE CROSSPEAKS), INCLUDING 374 INTRARESIDUE, 405 SHORT-RANGE, 228 MEDIUM 
RANGE AND 294 LONG-RANGE CONSTRAINTS. DYANA 1.5 ANNEAL COMMAND (10000 STEPS) 
USED TO GENERATE 40 CONFORMERS. 20 LOWEST TARGET FUNCTION STRUCTURES ANALYZED. 
CONFORMER 4 CHOSEN FOR DEPOSITION AS CLOSEST TO MEAN COORDINATES OF THE 
ENSEMBLE.
;
_pdbx_nmr_refine.software_ordinal   1 
# 
_pdbx_nmr_details.entry_id   1DC8 
_pdbx_nmr_details.text       
;PHOSPHORYLATION (>95%) COULD BE MAINTAINED FOR 36 HR. TO OBTAIN SUFFICIENT S/N 
IN 3D NOESY EXPERIMENTS, MULTIPLE (TYPICALLY 4) COMPLETE 3D DATASETS WERE 
ACQUIRED ON FRESHLY PREPARED SAMPLES AND THEN COADDED TO YIELD HIGH-QUALITY 
DATASETS FOR STRUCTURE DETERMINATION.
;
# 
_pdbx_nmr_ensemble.entry_id                             1DC8 
_pdbx_nmr_ensemble.conformers_calculated_total_number   ? 
_pdbx_nmr_ensemble.conformers_submitted_total_number    1 
_pdbx_nmr_ensemble.conformer_selection_criteria         ? 
# 
_pdbx_nmr_representative.entry_id             1DC8 
_pdbx_nmr_representative.conformer_id         ? 
_pdbx_nmr_representative.selection_criteria   'closest to the average' 
# 
loop_
_pdbx_nmr_software.classification 
_pdbx_nmr_software.name 
_pdbx_nmr_software.version 
_pdbx_nmr_software.authors 
_pdbx_nmr_software.ordinal 
'structure solution' DYANA   1.5    'PETER GUENTERT' 1 
processing           Felix   95.0   MSI              2 
collection           XwinNMR 1.5    BRUKER           3 
'data analysis'      DYANA   1.5    'PETER GUENTERT' 4 
'data analysis'      XEASY   1.3.13 MUMENTHALER      5 
refinement           DYANA   1.5    'PETER GUENTERT' 6 
# 
_exptl.entry_id          1DC8 
_exptl.method            'SOLUTION NMR' 
_exptl.crystals_number   ? 
# 
_struct.entry_id                  1DC8 
_struct.title                     
;STRUCTURE OF A TRANSIENTLY PHOSPHORYLATED "SWITCH" IN BACTERIAL SIGNAL TRANSDUCTION
;
_struct.pdbx_model_details        ? 
_struct.pdbx_CASP_flag            ? 
_struct.pdbx_model_type_details   ? 
# 
_struct_keywords.entry_id        1DC8 
_struct_keywords.pdbx_keywords   'SIGNALING PROTEIN' 
_struct_keywords.text            
'RECEIVER DOMAIN, PHOSPHORYLATION, SIGNAL TRANSDUCTION, CONFORMATIONAL REARRANGEMENT, TWO-COMPONENT SYSTEM, SIGNALING PROTEIN' 
# 
_struct_asym.id                            A 
_struct_asym.pdbx_blank_PDB_chainid_flag   N 
_struct_asym.pdbx_modified                 N 
_struct_asym.entity_id                     1 
_struct_asym.details                       ? 
# 
_struct_biol.id   1 
# 
loop_
_struct_conf.conf_type_id 
_struct_conf.id 
_struct_conf.pdbx_PDB_helix_id 
_struct_conf.beg_label_comp_id 
_struct_conf.beg_label_asym_id 
_struct_conf.beg_label_seq_id 
_struct_conf.pdbx_beg_PDB_ins_code 
_struct_conf.end_label_comp_id 
_struct_conf.end_label_asym_id 
_struct_conf.end_label_seq_id 
_struct_conf.pdbx_end_PDB_ins_code 
_struct_conf.beg_auth_comp_id 
_struct_conf.beg_auth_asym_id 
_struct_conf.beg_auth_seq_id 
_struct_conf.end_auth_comp_id 
_struct_conf.end_auth_asym_id 
_struct_conf.end_auth_seq_id 
_struct_conf.pdbx_PDB_helix_class 
_struct_conf.details 
_struct_conf.pdbx_PDB_helix_length 
HELX_P HELX_P1 1 ILE A 15  ? ALA A 24  ? ILE A 15  ALA A 24  1 ? 10 
HELX_P HELX_P2 2 GLY A 25  ? GLY A 27  ? GLY A 25  GLY A 27  5 ? 3  
HELX_P HELX_P3 3 GLY A 36  ? ALA A 42  ? GLY A 36  ALA A 42  1 ? 7  
HELX_P HELX_P4 4 GLN A 68  ? HIS A 73  ? GLN A 68  HIS A 73  1 ? 6  
HELX_P HELX_P5 5 ILE A 108 ? SER A 120 ? ILE A 108 SER A 120 1 ? 13 
HELX_P HELX_P6 6 HIS A 121 ? GLN A 123 ? HIS A 121 GLN A 123 5 ? 3  
# 
_struct_conf_type.id          HELX_P 
_struct_conf_type.criteria    ? 
_struct_conf_type.reference   ? 
# 
loop_
_struct_conn.id 
_struct_conn.conn_type_id 
_struct_conn.pdbx_leaving_atom_flag 
_struct_conn.pdbx_PDB_id 
_struct_conn.ptnr1_label_asym_id 
_struct_conn.ptnr1_label_comp_id 
_struct_conn.ptnr1_label_seq_id 
_struct_conn.ptnr1_label_atom_id 
_struct_conn.pdbx_ptnr1_label_alt_id 
_struct_conn.pdbx_ptnr1_PDB_ins_code 
_struct_conn.pdbx_ptnr1_standard_comp_id 
_struct_conn.ptnr1_symmetry 
_struct_conn.ptnr2_label_asym_id 
_struct_conn.ptnr2_label_comp_id 
_struct_conn.ptnr2_label_seq_id 
_struct_conn.ptnr2_label_atom_id 
_struct_conn.pdbx_ptnr2_label_alt_id 
_struct_conn.pdbx_ptnr2_PDB_ins_code 
_struct_conn.ptnr1_auth_asym_id 
_struct_conn.ptnr1_auth_comp_id 
_struct_conn.ptnr1_auth_seq_id 
_struct_conn.ptnr2_auth_asym_id 
_struct_conn.ptnr2_auth_comp_id 
_struct_conn.ptnr2_auth_seq_id 
_struct_conn.ptnr2_symmetry 
_struct_conn.pdbx_ptnr3_label_atom_id 
_struct_conn.pdbx_ptnr3_label_seq_id 
_struct_conn.pdbx_ptnr3_label_comp_id 
_struct_conn.pdbx_ptnr3_label_asym_id 
_struct_conn.pdbx_ptnr3_label_alt_id 
_struct_conn.pdbx_ptnr3_PDB_ins_code 
_struct_conn.details 
_struct_conn.pdbx_dist_value 
_struct_conn.pdbx_value_order 
_struct_conn.pdbx_role 
covale1 covale both ? A SER 53 C ? ? ? 1_555 A PHD 54 N ? ? A SER 53 A PHD 54 1_555 ? ? ? ? ? ? ? 1.326 ? ? 
covale2 covale both ? A PHD 54 C ? ? ? 1_555 A ILE 55 N ? ? A PHD 54 A ILE 55 1_555 ? ? ? ? ? ? ? 1.325 ? ? 
# 
_struct_conn_type.id          covale 
_struct_conn_type.criteria    ? 
_struct_conn_type.reference   ? 
# 
_atom_sites.entry_id                    1DC8 
_atom_sites.fract_transf_matrix[1][1]   1.000000 
_atom_sites.fract_transf_matrix[1][2]   0.000000 
_atom_sites.fract_transf_matrix[1][3]   0.000000 
_atom_sites.fract_transf_matrix[2][1]   0.000000 
_atom_sites.fract_transf_matrix[2][2]   1.000000 
_atom_sites.fract_transf_matrix[2][3]   0.000000 
_atom_sites.fract_transf_matrix[3][1]   0.000000 
_atom_sites.fract_transf_matrix[3][2]   0.000000 
_atom_sites.fract_transf_matrix[3][3]   1.000000 
_atom_sites.fract_transf_vector[1]      0.00000 
_atom_sites.fract_transf_vector[2]      0.00000 
_atom_sites.fract_transf_vector[3]      0.00000 
# 
loop_
_atom_type.symbol 
C 
H 
N 
O 
S 
# 
loop_
_atom_site.group_PDB 
_atom_site.id 
_atom_site.type_symbol 
_atom_site.label_atom_id 
_atom_site.label_alt_id 
_atom_site.label_comp_id 
_atom_site.label_asym_id 
_atom_site.label_entity_id 
_atom_site.label_seq_id 
_atom_site.pdbx_PDB_ins_code 
_atom_site.Cartn_x 
_atom_site.Cartn_y 
_atom_site.Cartn_z 
_atom_site.occupancy 
_atom_site.B_iso_or_equiv 
_atom_site.pdbx_formal_charge 
_atom_site.auth_seq_id 
_atom_site.auth_comp_id 
_atom_site.auth_asym_id 
_atom_site.auth_atom_id 
_atom_site.pdbx_PDB_model_num 
ATOM   1    N N    . MET A 1 1   ? -7.713  -7.224  -21.940 1.00 0.00 ? 1   MET A N    1 
ATOM   2    C CA   . MET A 1 1   ? -8.396  -8.461  -21.600 1.00 0.00 ? 1   MET A CA   1 
ATOM   3    C C    . MET A 1 1   ? -8.463  -8.650  -20.083 1.00 0.00 ? 1   MET A C    1 
ATOM   4    O O    . MET A 1 1   ? -9.547  -8.816  -19.523 1.00 0.00 ? 1   MET A O    1 
ATOM   5    C CB   . MET A 1 1   ? -7.654  -9.642  -22.228 1.00 0.00 ? 1   MET A CB   1 
ATOM   6    C CG   . MET A 1 1   ? -8.447  -10.225 -23.401 1.00 0.00 ? 1   MET A CG   1 
ATOM   7    S SD   . MET A 1 1   ? -8.173  -9.246  -24.869 1.00 0.00 ? 1   MET A SD   1 
ATOM   8    C CE   . MET A 1 1   ? -8.178  -10.533 -26.105 1.00 0.00 ? 1   MET A CE   1 
ATOM   9    H H    . MET A 1 1   ? -6.809  -7.339  -22.353 1.00 0.00 ? 1   MET A H    1 
ATOM   10   H HA   . MET A 1 1   ? -9.402  -8.361  -22.006 1.00 0.00 ? 1   MET A HA   1 
ATOM   11   H HB2  . MET A 1 1   ? -6.673  -9.317  -22.574 1.00 0.00 ? 1   MET A HB2  1 
ATOM   12   H HB3  . MET A 1 1   ? -7.490  -10.414 -21.478 1.00 0.00 ? 1   MET A HB3  1 
ATOM   13   H HG2  . MET A 1 1   ? -8.144  -11.255 -23.580 1.00 0.00 ? 1   MET A HG2  1 
ATOM   14   H HG3  . MET A 1 1   ? -9.510  -10.243 -23.158 1.00 0.00 ? 1   MET A HG3  1 
ATOM   15   H HE1  . MET A 1 1   ? -7.192  -10.601 -26.564 1.00 0.00 ? 1   MET A HE1  1 
ATOM   16   H HE2  . MET A 1 1   ? -8.427  -11.486 -25.637 1.00 0.00 ? 1   MET A HE2  1 
ATOM   17   H HE3  . MET A 1 1   ? -8.920  -10.300 -26.870 1.00 0.00 ? 1   MET A HE3  1 
ATOM   18   N N    . GLN A 1 2   ? -7.295  -8.617  -19.462 1.00 0.00 ? 2   GLN A N    1 
ATOM   19   C CA   . GLN A 1 2   ? -7.208  -8.783  -18.021 1.00 0.00 ? 2   GLN A CA   1 
ATOM   20   C C    . GLN A 1 2   ? -6.188  -7.805  -17.434 1.00 0.00 ? 2   GLN A C    1 
ATOM   21   O O    . GLN A 1 2   ? -5.074  -7.686  -17.942 1.00 0.00 ? 2   GLN A O    1 
ATOM   22   C CB   . GLN A 1 2   ? -6.857  -10.227 -17.655 1.00 0.00 ? 2   GLN A CB   1 
ATOM   23   C CG   . GLN A 1 2   ? -8.101  -11.116 -17.678 1.00 0.00 ? 2   GLN A CG   1 
ATOM   24   C CD   . GLN A 1 2   ? -9.048  -10.764 -16.528 1.00 0.00 ? 2   GLN A CD   1 
ATOM   25   O OE1  . GLN A 1 2   ? -9.692  -9.728  -16.516 1.00 0.00 ? 2   GLN A OE1  1 
ATOM   26   N NE2  . GLN A 1 2   ? -9.097  -11.682 -15.568 1.00 0.00 ? 2   GLN A NE2  1 
ATOM   27   H H    . GLN A 1 2   ? -6.418  -8.481  -19.924 1.00 0.00 ? 2   GLN A H    1 
ATOM   28   H HA   . GLN A 1 2   ? -8.204  -8.550  -17.642 1.00 0.00 ? 2   GLN A HA   1 
ATOM   29   H HB2  . GLN A 1 2   ? -6.117  -10.613 -18.355 1.00 0.00 ? 2   GLN A HB2  1 
ATOM   30   H HB3  . GLN A 1 2   ? -6.403  -10.256 -16.664 1.00 0.00 ? 2   GLN A HB3  1 
ATOM   31   H HG2  . GLN A 1 2   ? -8.620  -10.998 -18.629 1.00 0.00 ? 2   GLN A HG2  1 
ATOM   32   H HG3  . GLN A 1 2   ? -7.806  -12.163 -17.604 1.00 0.00 ? 2   GLN A HG3  1 
ATOM   33   H HE21 . GLN A 1 2   ? -8.542  -12.511 -15.639 1.00 0.00 ? 2   GLN A HE21 1 
ATOM   34   H HE22 . GLN A 1 2   ? -9.687  -11.543 -14.773 1.00 0.00 ? 2   GLN A HE22 1 
ATOM   35   N N    . ARG A 1 3   ? -6.604  -7.131  -16.373 1.00 0.00 ? 3   ARG A N    1 
ATOM   36   C CA   . ARG A 1 3   ? -5.741  -6.167  -15.712 1.00 0.00 ? 3   ARG A CA   1 
ATOM   37   C C    . ARG A 1 3   ? -5.858  -6.304  -14.192 1.00 0.00 ? 3   ARG A C    1 
ATOM   38   O O    . ARG A 1 3   ? -6.777  -6.950  -13.693 1.00 0.00 ? 3   ARG A O    1 
ATOM   39   C CB   . ARG A 1 3   ? -6.100  -4.737  -16.117 1.00 0.00 ? 3   ARG A CB   1 
ATOM   40   C CG   . ARG A 1 3   ? -7.488  -4.352  -15.599 1.00 0.00 ? 3   ARG A CG   1 
ATOM   41   C CD   . ARG A 1 3   ? -8.119  -3.266  -16.475 1.00 0.00 ? 3   ARG A CD   1 
ATOM   42   N NE   . ARG A 1 3   ? -9.563  -3.531  -16.648 1.00 0.00 ? 3   ARG A NE   1 
ATOM   43   C CZ   . ARG A 1 3   ? -10.388 -2.760  -17.370 1.00 0.00 ? 3   ARG A CZ   1 
ATOM   44   N NH1  . ARG A 1 3   ? -9.914  -1.671  -17.990 1.00 0.00 ? 3   ARG A NH1  1 
ATOM   45   N NH2  . ARG A 1 3   ? -11.686 -3.078  -17.471 1.00 0.00 ? 3   ARG A NH2  1 
ATOM   46   H H    . ARG A 1 3   ? -7.512  -7.234  -15.966 1.00 0.00 ? 3   ARG A H    1 
ATOM   47   H HA   . ARG A 1 3   ? -4.736  -6.416  -16.052 1.00 0.00 ? 3   ARG A HA   1 
ATOM   48   H HB2  . ARG A 1 3   ? -5.357  -4.045  -15.721 1.00 0.00 ? 3   ARG A HB2  1 
ATOM   49   H HB3  . ARG A 1 3   ? -6.075  -4.644  -17.202 1.00 0.00 ? 3   ARG A HB3  1 
ATOM   50   H HG2  . ARG A 1 3   ? -8.132  -5.233  -15.586 1.00 0.00 ? 3   ARG A HG2  1 
ATOM   51   H HG3  . ARG A 1 3   ? -7.412  -3.997  -14.572 1.00 0.00 ? 3   ARG A HG3  1 
ATOM   52   H HD2  . ARG A 1 3   ? -7.971  -2.289  -16.015 1.00 0.00 ? 3   ARG A HD2  1 
ATOM   53   H HD3  . ARG A 1 3   ? -7.626  -3.240  -17.446 1.00 0.00 ? 3   ARG A HD3  1 
ATOM   54   H HE   . ARG A 1 3   ? -9.950  -4.335  -16.197 1.00 0.00 ? 3   ARG A HE   1 
ATOM   55   H HH11 . ARG A 1 3   ? -8.945  -1.434  -17.914 1.00 0.00 ? 3   ARG A HH11 1 
ATOM   56   H HH12 . ARG A 1 3   ? -10.529 -1.095  -18.530 1.00 0.00 ? 3   ARG A HH12 1 
ATOM   57   H HH21 . ARG A 1 3   ? -12.039 -3.890  -17.009 1.00 0.00 ? 3   ARG A HH21 1 
ATOM   58   H HH22 . ARG A 1 3   ? -12.301 -2.502  -18.010 1.00 0.00 ? 3   ARG A HH22 1 
ATOM   59   N N    . GLY A 1 4   ? -4.911  -5.687  -13.500 1.00 0.00 ? 4   GLY A N    1 
ATOM   60   C CA   . GLY A 1 4   ? -4.896  -5.732  -12.048 1.00 0.00 ? 4   GLY A CA   1 
ATOM   61   C C    . GLY A 1 4   ? -3.523  -6.160  -11.526 1.00 0.00 ? 4   GLY A C    1 
ATOM   62   O O    . GLY A 1 4   ? -3.004  -7.203  -11.918 1.00 0.00 ? 4   GLY A O    1 
ATOM   63   H H    . GLY A 1 4   ? -4.166  -5.164  -13.914 1.00 0.00 ? 4   GLY A H    1 
ATOM   64   H HA2  . GLY A 1 4   ? -5.153  -4.752  -11.648 1.00 0.00 ? 4   GLY A HA2  1 
ATOM   65   H HA3  . GLY A 1 4   ? -5.657  -6.430  -11.694 1.00 0.00 ? 4   GLY A HA3  1 
ATOM   66   N N    . ILE A 1 5   ? -2.974  -5.329  -10.651 1.00 0.00 ? 5   ILE A N    1 
ATOM   67   C CA   . ILE A 1 5   ? -1.671  -5.609  -10.072 1.00 0.00 ? 5   ILE A CA   1 
ATOM   68   C C    . ILE A 1 5   ? -1.699  -5.275  -8.579  1.00 0.00 ? 5   ILE A C    1 
ATOM   69   O O    . ILE A 1 5   ? -2.479  -4.430  -8.143  1.00 0.00 ? 5   ILE A O    1 
ATOM   70   C CB   . ILE A 1 5   ? -0.573  -4.876  -10.846 1.00 0.00 ? 5   ILE A CB   1 
ATOM   71   C CG1  . ILE A 1 5   ? -0.527  -5.338  -12.303 1.00 0.00 ? 5   ILE A CG1  1 
ATOM   72   C CG2  . ILE A 1 5   ? 0.782   -5.030  -10.153 1.00 0.00 ? 5   ILE A CG2  1 
ATOM   73   C CD1  . ILE A 1 5   ? -1.385  -4.434  -13.193 1.00 0.00 ? 5   ILE A CD1  1 
ATOM   74   H H    . ILE A 1 5   ? -3.403  -4.483  -10.339 1.00 0.00 ? 5   ILE A H    1 
ATOM   75   H HA   . ILE A 1 5   ? -1.486  -6.677  -10.183 1.00 0.00 ? 5   ILE A HA   1 
ATOM   76   H HB   . ILE A 1 5   ? -0.812  -3.813  -10.853 1.00 0.00 ? 5   ILE A HB   1 
ATOM   77   H HG12 . ILE A 1 5   ? 0.503   -5.332  -12.659 1.00 0.00 ? 5   ILE A HG12 1 
ATOM   78   H HG13 . ILE A 1 5   ? -0.883  -6.366  -12.374 1.00 0.00 ? 5   ILE A HG13 1 
ATOM   79   H HG21 . ILE A 1 5   ? 1.545   -4.499  -10.722 1.00 0.00 ? 5   ILE A HG21 1 
ATOM   80   H HG22 . ILE A 1 5   ? 0.726   -4.616  -9.147  1.00 0.00 ? 5   ILE A HG22 1 
ATOM   81   H HG23 . ILE A 1 5   ? 1.043   -6.088  -10.097 1.00 0.00 ? 5   ILE A HG23 1 
ATOM   82   H HD11 . ILE A 1 5   ? -1.115  -4.592  -14.236 1.00 0.00 ? 5   ILE A HD11 1 
ATOM   83   H HD12 . ILE A 1 5   ? -2.439  -4.676  -13.048 1.00 0.00 ? 5   ILE A HD12 1 
ATOM   84   H HD13 . ILE A 1 5   ? -1.211  -3.392  -12.925 1.00 0.00 ? 5   ILE A HD13 1 
ATOM   85   N N    . VAL A 1 6   ? -0.837  -5.955  -7.837  1.00 0.00 ? 6   VAL A N    1 
ATOM   86   C CA   . VAL A 1 6   ? -0.754  -5.741  -6.402  1.00 0.00 ? 6   VAL A CA   1 
ATOM   87   C C    . VAL A 1 6   ? 0.712   -5.556  -6.004  1.00 0.00 ? 6   VAL A C    1 
ATOM   88   O O    . VAL A 1 6   ? 1.549   -6.413  -6.286  1.00 0.00 ? 6   VAL A O    1 
ATOM   89   C CB   . VAL A 1 6   ? -1.434  -6.892  -5.660  1.00 0.00 ? 6   VAL A CB   1 
ATOM   90   C CG1  . VAL A 1 6   ? -2.891  -6.552  -5.336  1.00 0.00 ? 6   VAL A CG1  1 
ATOM   91   C CG2  . VAL A 1 6   ? -1.341  -8.193  -6.463  1.00 0.00 ? 6   VAL A CG2  1 
ATOM   92   H H    . VAL A 1 6   ? -0.206  -6.640  -8.200  1.00 0.00 ? 6   VAL A H    1 
ATOM   93   H HA   . VAL A 1 6   ? -1.298  -4.824  -6.174  1.00 0.00 ? 6   VAL A HA   1 
ATOM   94   H HB   . VAL A 1 6   ? -0.907  -7.043  -4.718  1.00 0.00 ? 6   VAL A HB   1 
ATOM   95   H HG11 . VAL A 1 6   ? -3.417  -7.456  -5.035  1.00 0.00 ? 6   VAL A HG11 1 
ATOM   96   H HG12 . VAL A 1 6   ? -2.922  -5.825  -4.525  1.00 0.00 ? 6   VAL A HG12 1 
ATOM   97   H HG13 . VAL A 1 6   ? -3.370  -6.130  -6.219  1.00 0.00 ? 6   VAL A HG13 1 
ATOM   98   H HG21 . VAL A 1 6   ? -2.203  -8.273  -7.127  1.00 0.00 ? 6   VAL A HG21 1 
ATOM   99   H HG22 . VAL A 1 6   ? -0.426  -8.189  -7.055  1.00 0.00 ? 6   VAL A HG22 1 
ATOM   100  H HG23 . VAL A 1 6   ? -1.329  -9.042  -5.779  1.00 0.00 ? 6   VAL A HG23 1 
ATOM   101  N N    . TRP A 1 7   ? 0.977   -4.433  -5.353  1.00 0.00 ? 7   TRP A N    1 
ATOM   102  C CA   . TRP A 1 7   ? 2.328   -4.125  -4.913  1.00 0.00 ? 7   TRP A CA   1 
ATOM   103  C C    . TRP A 1 7   ? 2.342   -4.146  -3.382  1.00 0.00 ? 7   TRP A C    1 
ATOM   104  O O    . TRP A 1 7   ? 1.341   -3.827  -2.744  1.00 0.00 ? 7   TRP A O    1 
ATOM   105  C CB   . TRP A 1 7   ? 2.805   -2.794  -5.496  1.00 0.00 ? 7   TRP A CB   1 
ATOM   106  C CG   . TRP A 1 7   ? 3.679   -2.938  -6.744  1.00 0.00 ? 7   TRP A CG   1 
ATOM   107  C CD1  . TRP A 1 7   ? 3.962   -4.055  -7.428  1.00 0.00 ? 7   TRP A CD1  1 
ATOM   108  C CD2  . TRP A 1 7   ? 4.377   -1.879  -7.432  1.00 0.00 ? 7   TRP A CD2  1 
ATOM   109  N NE1  . TRP A 1 7   ? 4.787   -3.795  -8.502  1.00 0.00 ? 7   TRP A NE1  1 
ATOM   110  C CE2  . TRP A 1 7   ? 5.047   -2.429  -8.505  1.00 0.00 ? 7   TRP A CE2  1 
ATOM   111  C CE3  . TRP A 1 7   ? 4.439   -0.502  -7.157  1.00 0.00 ? 7   TRP A CE3  1 
ATOM   112  C CZ2  . TRP A 1 7   ? 5.828   -1.675  -9.389  1.00 0.00 ? 7   TRP A CZ2  1 
ATOM   113  C CZ3  . TRP A 1 7   ? 5.223   0.238   -8.049  1.00 0.00 ? 7   TRP A CZ3  1 
ATOM   114  C CH2  . TRP A 1 7   ? 5.905   -0.301  -9.135  1.00 0.00 ? 7   TRP A CH2  1 
ATOM   115  H H    . TRP A 1 7   ? 0.291   -3.741  -5.127  1.00 0.00 ? 7   TRP A H    1 
ATOM   116  H HA   . TRP A 1 7   ? 2.991   -4.897  -5.303  1.00 0.00 ? 7   TRP A HA   1 
ATOM   117  H HB2  . TRP A 1 7   ? 1.935   -2.184  -5.743  1.00 0.00 ? 7   TRP A HB2  1 
ATOM   118  H HB3  . TRP A 1 7   ? 3.365   -2.254  -4.732  1.00 0.00 ? 7   TRP A HB3  1 
ATOM   119  H HD1  . TRP A 1 7   ? 3.586   -5.045  -7.168  1.00 0.00 ? 7   TRP A HD1  1 
ATOM   120  H HE1  . TRP A 1 7   ? 5.165   -4.525  -9.217  1.00 0.00 ? 7   TRP A HE1  1 
ATOM   121  H HE3  . TRP A 1 7   ? 3.918   -0.043  -6.317  1.00 0.00 ? 7   TRP A HE3  1 
ATOM   122  H HZ2  . TRP A 1 7   ? 6.349   -2.133  -10.230 1.00 0.00 ? 7   TRP A HZ2  1 
ATOM   123  H HZ3  . TRP A 1 7   ? 5.305   1.313   -7.882  1.00 0.00 ? 7   TRP A HZ3  1 
ATOM   124  H HH2  . TRP A 1 7   ? 6.497   0.344   -9.785  1.00 0.00 ? 7   TRP A HH2  1 
ATOM   125  N N    . VAL A 1 8   ? 3.489   -4.527  -2.839  1.00 0.00 ? 8   VAL A N    1 
ATOM   126  C CA   . VAL A 1 8   ? 3.647   -4.595  -1.395  1.00 0.00 ? 8   VAL A CA   1 
ATOM   127  C C    . VAL A 1 8   ? 5.110   -4.326  -1.035  1.00 0.00 ? 8   VAL A C    1 
ATOM   128  O O    . VAL A 1 8   ? 6.018   -4.825  -1.698  1.00 0.00 ? 8   VAL A O    1 
ATOM   129  C CB   . VAL A 1 8   ? 3.140   -5.941  -0.876  1.00 0.00 ? 8   VAL A CB   1 
ATOM   130  C CG1  . VAL A 1 8   ? 3.484   -6.123  0.603   1.00 0.00 ? 8   VAL A CG1  1 
ATOM   131  C CG2  . VAL A 1 8   ? 1.635   -6.087  -1.111  1.00 0.00 ? 8   VAL A CG2  1 
ATOM   132  H H    . VAL A 1 8   ? 4.298   -4.786  -3.365  1.00 0.00 ? 8   VAL A H    1 
ATOM   133  H HA   . VAL A 1 8   ? 3.029   -3.810  -0.961  1.00 0.00 ? 8   VAL A HA   1 
ATOM   134  H HB   . VAL A 1 8   ? 3.644   -6.728  -1.437  1.00 0.00 ? 8   VAL A HB   1 
ATOM   135  H HG11 . VAL A 1 8   ? 4.248   -6.894  0.706   1.00 0.00 ? 8   VAL A HG11 1 
ATOM   136  H HG12 . VAL A 1 8   ? 3.859   -5.183  1.008   1.00 0.00 ? 8   VAL A HG12 1 
ATOM   137  H HG13 . VAL A 1 8   ? 2.589   -6.421  1.149   1.00 0.00 ? 8   VAL A HG13 1 
ATOM   138  H HG21 . VAL A 1 8   ? 1.448   -6.245  -2.175  1.00 0.00 ? 8   VAL A HG21 1 
ATOM   139  H HG22 . VAL A 1 8   ? 1.260   -6.941  -0.547  1.00 0.00 ? 8   VAL A HG22 1 
ATOM   140  H HG23 . VAL A 1 8   ? 1.126   -5.183  -0.782  1.00 0.00 ? 8   VAL A HG23 1 
ATOM   141  N N    . VAL A 1 9   ? 5.292   -3.541  0.017   1.00 0.00 ? 9   VAL A N    1 
ATOM   142  C CA   . VAL A 1 9   ? 6.629   -3.201  0.475   1.00 0.00 ? 9   VAL A CA   1 
ATOM   143  C C    . VAL A 1 9   ? 6.702   -3.376  1.993   1.00 0.00 ? 9   VAL A C    1 
ATOM   144  O O    . VAL A 1 9   ? 5.926   -2.769  2.729   1.00 0.00 ? 9   VAL A O    1 
ATOM   145  C CB   . VAL A 1 9   ? 6.995   -1.788  0.016   1.00 0.00 ? 9   VAL A CB   1 
ATOM   146  C CG1  . VAL A 1 9   ? 6.900   -1.664  -1.506  1.00 0.00 ? 9   VAL A CG1  1 
ATOM   147  C CG2  . VAL A 1 9   ? 6.119   -0.743  0.708   1.00 0.00 ? 9   VAL A CG2  1 
ATOM   148  H H    . VAL A 1 9   ? 4.548   -3.140  0.550   1.00 0.00 ? 9   VAL A H    1 
ATOM   149  H HA   . VAL A 1 9   ? 7.324   -3.899  0.007   1.00 0.00 ? 9   VAL A HA   1 
ATOM   150  H HB   . VAL A 1 9   ? 8.030   -1.602  0.303   1.00 0.00 ? 9   VAL A HB   1 
ATOM   151  H HG11 . VAL A 1 9   ? 7.851   -1.308  -1.902  1.00 0.00 ? 9   VAL A HG11 1 
ATOM   152  H HG12 . VAL A 1 9   ? 6.669   -2.638  -1.937  1.00 0.00 ? 9   VAL A HG12 1 
ATOM   153  H HG13 . VAL A 1 9   ? 6.112   -0.957  -1.764  1.00 0.00 ? 9   VAL A HG13 1 
ATOM   154  H HG21 . VAL A 1 9   ? 5.093   -1.109  0.766   1.00 0.00 ? 9   VAL A HG21 1 
ATOM   155  H HG22 . VAL A 1 9   ? 6.497   -0.560  1.714   1.00 0.00 ? 9   VAL A HG22 1 
ATOM   156  H HG23 . VAL A 1 9   ? 6.141   0.186   0.138   1.00 0.00 ? 9   VAL A HG23 1 
ATOM   157  N N    . ASP A 1 10  ? 7.644   -4.206  2.416   1.00 0.00 ? 10  ASP A N    1 
ATOM   158  C CA   . ASP A 1 10  ? 7.830   -4.467  3.833   1.00 0.00 ? 10  ASP A CA   1 
ATOM   159  C C    . ASP A 1 10  ? 9.197   -5.118  4.053   1.00 0.00 ? 10  ASP A C    1 
ATOM   160  O O    . ASP A 1 10  ? 9.966   -5.289  3.108   1.00 0.00 ? 10  ASP A O    1 
ATOM   161  C CB   . ASP A 1 10  ? 6.760   -5.426  4.361   1.00 0.00 ? 10  ASP A CB   1 
ATOM   162  C CG   . ASP A 1 10  ? 6.337   -5.187  5.812   1.00 0.00 ? 10  ASP A CG   1 
ATOM   163  O OD1  . ASP A 1 10  ? 7.107   -4.504  6.523   1.00 0.00 ? 10  ASP A OD1  1 
ATOM   164  O OD2  . ASP A 1 10  ? 5.255   -5.693  6.178   1.00 0.00 ? 10  ASP A OD2  1 
ATOM   165  H H    . ASP A 1 10  ? 8.272   -4.695  1.810   1.00 0.00 ? 10  ASP A H    1 
ATOM   166  H HA   . ASP A 1 10  ? 7.749   -3.494  4.317   1.00 0.00 ? 10  ASP A HA   1 
ATOM   167  H HB2  . ASP A 1 10  ? 5.878   -5.348  3.725   1.00 0.00 ? 10  ASP A HB2  1 
ATOM   168  H HB3  . ASP A 1 10  ? 7.130   -6.446  4.270   1.00 0.00 ? 10  ASP A HB3  1 
ATOM   169  N N    . ASP A 1 11  ? 9.457   -5.464  5.305   1.00 0.00 ? 11  ASP A N    1 
ATOM   170  C CA   . ASP A 1 11  ? 10.718  -6.092  5.661   1.00 0.00 ? 11  ASP A CA   1 
ATOM   171  C C    . ASP A 1 11  ? 10.612  -6.677  7.069   1.00 0.00 ? 11  ASP A C    1 
ATOM   172  O O    . ASP A 1 11  ? 11.601  -6.730  7.800   1.00 0.00 ? 11  ASP A O    1 
ATOM   173  C CB   . ASP A 1 11  ? 11.861  -5.075  5.655   1.00 0.00 ? 11  ASP A CB   1 
ATOM   174  C CG   . ASP A 1 11  ? 13.234  -5.644  6.019   1.00 0.00 ? 11  ASP A CG   1 
ATOM   175  O OD1  . ASP A 1 11  ? 13.435  -6.851  5.763   1.00 0.00 ? 11  ASP A OD1  1 
ATOM   176  O OD2  . ASP A 1 11  ? 14.052  -4.858  6.546   1.00 0.00 ? 11  ASP A OD2  1 
ATOM   177  H H    . ASP A 1 11  ? 8.826   -5.322  6.068   1.00 0.00 ? 11  ASP A H    1 
ATOM   178  H HA   . ASP A 1 11  ? 10.881  -6.859  4.903   1.00 0.00 ? 11  ASP A HA   1 
ATOM   179  H HB2  . ASP A 1 11  ? 11.922  -4.624  4.665   1.00 0.00 ? 11  ASP A HB2  1 
ATOM   180  H HB3  . ASP A 1 11  ? 11.619  -4.276  6.355   1.00 0.00 ? 11  ASP A HB3  1 
ATOM   181  N N    . ASP A 1 12  ? 9.404   -7.102  7.410   1.00 0.00 ? 12  ASP A N    1 
ATOM   182  C CA   . ASP A 1 12  ? 9.157   -7.681  8.720   1.00 0.00 ? 12  ASP A CA   1 
ATOM   183  C C    . ASP A 1 12  ? 9.997   -8.950  8.879   1.00 0.00 ? 12  ASP A C    1 
ATOM   184  O O    . ASP A 1 12  ? 11.049  -8.925  9.515   1.00 0.00 ? 12  ASP A O    1 
ATOM   185  C CB   . ASP A 1 12  ? 7.685   -8.067  8.882   1.00 0.00 ? 12  ASP A CB   1 
ATOM   186  C CG   . ASP A 1 12  ? 6.886   -7.183  9.843   1.00 0.00 ? 12  ASP A CG   1 
ATOM   187  O OD1  . ASP A 1 12  ? 7.345   -7.044  10.998  1.00 0.00 ? 12  ASP A OD1  1 
ATOM   188  O OD2  . ASP A 1 12  ? 5.839   -6.666  9.401   1.00 0.00 ? 12  ASP A OD2  1 
ATOM   189  H H    . ASP A 1 12  ? 8.607   -7.055  6.811   1.00 0.00 ? 12  ASP A H    1 
ATOM   190  H HA   . ASP A 1 12  ? 9.432   -6.905  9.433   1.00 0.00 ? 12  ASP A HA   1 
ATOM   191  H HB2  . ASP A 1 12  ? 7.206   -8.036  7.902   1.00 0.00 ? 12  ASP A HB2  1 
ATOM   192  H HB3  . ASP A 1 12  ? 7.631   -9.098  9.230   1.00 0.00 ? 12  ASP A HB3  1 
ATOM   193  N N    . SER A 1 13  ? 9.501   -10.028 8.290   1.00 0.00 ? 13  SER A N    1 
ATOM   194  C CA   . SER A 1 13  ? 10.193  -11.303 8.360   1.00 0.00 ? 13  SER A CA   1 
ATOM   195  C C    . SER A 1 13  ? 9.804   -12.175 7.164   1.00 0.00 ? 13  SER A C    1 
ATOM   196  O O    . SER A 1 13  ? 10.664  -12.792 6.535   1.00 0.00 ? 13  SER A O    1 
ATOM   197  C CB   . SER A 1 13  ? 9.881   -12.030 9.670   1.00 0.00 ? 13  SER A CB   1 
ATOM   198  O OG   . SER A 1 13  ? 11.059  -12.522 10.301  1.00 0.00 ? 13  SER A OG   1 
ATOM   199  H H    . SER A 1 13  ? 8.644   -10.040 7.776   1.00 0.00 ? 13  SER A H    1 
ATOM   200  H HA   . SER A 1 13  ? 11.255  -11.058 8.326   1.00 0.00 ? 13  SER A HA   1 
ATOM   201  H HB2  . SER A 1 13  ? 9.364   -11.350 10.347  1.00 0.00 ? 13  SER A HB2  1 
ATOM   202  H HB3  . SER A 1 13  ? 9.202   -12.860 9.471   1.00 0.00 ? 13  SER A HB3  1 
ATOM   203  H HG   . SER A 1 13  ? 11.042  -13.522 10.325  1.00 0.00 ? 13  SER A HG   1 
ATOM   204  N N    . SER A 1 14  ? 8.510   -12.198 6.885   1.00 0.00 ? 14  SER A N    1 
ATOM   205  C CA   . SER A 1 14  ? 7.996   -12.985 5.776   1.00 0.00 ? 14  SER A CA   1 
ATOM   206  C C    . SER A 1 14  ? 6.498   -12.730 5.604   1.00 0.00 ? 14  SER A C    1 
ATOM   207  O O    . SER A 1 14  ? 5.731   -13.662 5.366   1.00 0.00 ? 14  SER A O    1 
ATOM   208  C CB   . SER A 1 14  ? 8.263   -14.475 5.987   1.00 0.00 ? 14  SER A CB   1 
ATOM   209  O OG   . SER A 1 14  ? 7.153   -15.135 6.589   1.00 0.00 ? 14  SER A OG   1 
ATOM   210  H H    . SER A 1 14  ? 7.817   -11.693 7.401   1.00 0.00 ? 14  SER A H    1 
ATOM   211  H HA   . SER A 1 14  ? 8.546   -12.639 4.900   1.00 0.00 ? 14  SER A HA   1 
ATOM   212  H HB2  . SER A 1 14  ? 8.486   -14.944 5.029   1.00 0.00 ? 14  SER A HB2  1 
ATOM   213  H HB3  . SER A 1 14  ? 9.143   -14.601 6.617   1.00 0.00 ? 14  SER A HB3  1 
ATOM   214  H HG   . SER A 1 14  ? 6.770   -14.566 7.318   1.00 0.00 ? 14  SER A HG   1 
ATOM   215  N N    . ILE A 1 15  ? 6.125   -11.466 5.731   1.00 0.00 ? 15  ILE A N    1 
ATOM   216  C CA   . ILE A 1 15  ? 4.732   -11.079 5.594   1.00 0.00 ? 15  ILE A CA   1 
ATOM   217  C C    . ILE A 1 15  ? 4.405   -10.880 4.112   1.00 0.00 ? 15  ILE A C    1 
ATOM   218  O O    . ILE A 1 15  ? 3.486   -11.504 3.585   1.00 0.00 ? 15  ILE A O    1 
ATOM   219  C CB   . ILE A 1 15  ? 4.427   -9.855  6.460   1.00 0.00 ? 15  ILE A CB   1 
ATOM   220  C CG1  . ILE A 1 15  ? 4.002   -10.271 7.869   1.00 0.00 ? 15  ILE A CG1  1 
ATOM   221  C CG2  . ILE A 1 15  ? 3.387   -8.953  5.790   1.00 0.00 ? 15  ILE A CG2  1 
ATOM   222  C CD1  . ILE A 1 15  ? 2.506   -10.593 7.917   1.00 0.00 ? 15  ILE A CD1  1 
ATOM   223  H H    . ILE A 1 15  ? 6.755   -10.714 5.926   1.00 0.00 ? 15  ILE A H    1 
ATOM   224  H HA   . ILE A 1 15  ? 4.125   -11.901 5.973   1.00 0.00 ? 15  ILE A HA   1 
ATOM   225  H HB   . ILE A 1 15  ? 5.342   -9.271  6.560   1.00 0.00 ? 15  ILE A HB   1 
ATOM   226  H HG12 . ILE A 1 15  ? 4.575   -11.144 8.182   1.00 0.00 ? 15  ILE A HG12 1 
ATOM   227  H HG13 . ILE A 1 15  ? 4.228   -9.471  8.574   1.00 0.00 ? 15  ILE A HG13 1 
ATOM   228  H HG21 . ILE A 1 15  ? 2.472   -9.519  5.620   1.00 0.00 ? 15  ILE A HG21 1 
ATOM   229  H HG22 . ILE A 1 15  ? 3.174   -8.103  6.436   1.00 0.00 ? 15  ILE A HG22 1 
ATOM   230  H HG23 . ILE A 1 15  ? 3.777   -8.597  4.837   1.00 0.00 ? 15  ILE A HG23 1 
ATOM   231  H HD11 . ILE A 1 15  ? 1.933   -9.669  7.845   1.00 0.00 ? 15  ILE A HD11 1 
ATOM   232  H HD12 . ILE A 1 15  ? 2.247   -11.246 7.083   1.00 0.00 ? 15  ILE A HD12 1 
ATOM   233  H HD13 . ILE A 1 15  ? 2.272   -11.094 8.857   1.00 0.00 ? 15  ILE A HD13 1 
ATOM   234  N N    . ARG A 1 16  ? 5.178   -10.008 3.481   1.00 0.00 ? 16  ARG A N    1 
ATOM   235  C CA   . ARG A 1 16  ? 4.984   -9.719  2.071   1.00 0.00 ? 16  ARG A CA   1 
ATOM   236  C C    . ARG A 1 16  ? 4.959   -11.017 1.262   1.00 0.00 ? 16  ARG A C    1 
ATOM   237  O O    . ARG A 1 16  ? 4.451   -11.045 0.142   1.00 0.00 ? 16  ARG A O    1 
ATOM   238  C CB   . ARG A 1 16  ? 6.094   -8.813  1.535   1.00 0.00 ? 16  ARG A CB   1 
ATOM   239  C CG   . ARG A 1 16  ? 7.357   -9.621  1.224   1.00 0.00 ? 16  ARG A CG   1 
ATOM   240  C CD   . ARG A 1 16  ? 8.000   -10.151 2.506   1.00 0.00 ? 16  ARG A CD   1 
ATOM   241  N NE   . ARG A 1 16  ? 9.469   -10.226 2.342   1.00 0.00 ? 16  ARG A NE   1 
ATOM   242  C CZ   . ARG A 1 16  ? 10.095  -11.155 1.606   1.00 0.00 ? 16  ARG A CZ   1 
ATOM   243  N NH1  . ARG A 1 16  ? 9.385   -12.091 0.963   1.00 0.00 ? 16  ARG A NH1  1 
ATOM   244  N NH2  . ARG A 1 16  ? 11.433  -11.146 1.515   1.00 0.00 ? 16  ARG A NH2  1 
ATOM   245  H H    . ARG A 1 16  ? 5.923   -9.503  3.918   1.00 0.00 ? 16  ARG A H    1 
ATOM   246  H HA   . ARG A 1 16  ? 4.022   -9.207  2.021   1.00 0.00 ? 16  ARG A HA   1 
ATOM   247  H HB2  . ARG A 1 16  ? 5.751   -8.305  0.634   1.00 0.00 ? 16  ARG A HB2  1 
ATOM   248  H HB3  . ARG A 1 16  ? 6.325   -8.042  2.270   1.00 0.00 ? 16  ARG A HB3  1 
ATOM   249  H HG2  . ARG A 1 16  ? 7.106   -10.454 0.568   1.00 0.00 ? 16  ARG A HG2  1 
ATOM   250  H HG3  . ARG A 1 16  ? 8.070   -8.995  0.686   1.00 0.00 ? 16  ARG A HG3  1 
ATOM   251  H HD2  . ARG A 1 16  ? 7.753   -9.497  3.345   1.00 0.00 ? 16  ARG A HD2  1 
ATOM   252  H HD3  . ARG A 1 16  ? 7.600   -11.137 2.744   1.00 0.00 ? 16  ARG A HD3  1 
ATOM   253  H HE   . ARG A 1 16  ? 10.028  -9.542  2.810   1.00 0.00 ? 16  ARG A HE   1 
ATOM   254  H HH11 . ARG A 1 16  ? 8.387   -12.098 1.031   1.00 0.00 ? 16  ARG A HH11 1 
ATOM   255  H HH12 . ARG A 1 16  ? 9.852   -12.784 0.414   1.00 0.00 ? 16  ARG A HH12 1 
ATOM   256  H HH21 . ARG A 1 16  ? 11.962  -10.448 1.995   1.00 0.00 ? 16  ARG A HH21 1 
ATOM   257  H HH22 . ARG A 1 16  ? 11.900  -11.840 0.966   1.00 0.00 ? 16  ARG A HH22 1 
ATOM   258  N N    . TRP A 1 17  ? 5.512   -12.061 1.860   1.00 0.00 ? 17  TRP A N    1 
ATOM   259  C CA   . TRP A 1 17  ? 5.561   -13.359 1.209   1.00 0.00 ? 17  TRP A CA   1 
ATOM   260  C C    . TRP A 1 17  ? 4.162   -13.975 1.279   1.00 0.00 ? 17  TRP A C    1 
ATOM   261  O O    . TRP A 1 17  ? 3.727   -14.644 0.343   1.00 0.00 ? 17  TRP A O    1 
ATOM   262  C CB   . TRP A 1 17  ? 6.637   -14.247 1.837   1.00 0.00 ? 17  TRP A CB   1 
ATOM   263  C CG   . TRP A 1 17  ? 6.102   -15.562 2.410   1.00 0.00 ? 17  TRP A CG   1 
ATOM   264  C CD1  . TRP A 1 17  ? 6.179   -16.004 3.671   1.00 0.00 ? 17  TRP A CD1  1 
ATOM   265  C CD2  . TRP A 1 17  ? 5.401   -16.594 1.683   1.00 0.00 ? 17  TRP A CD2  1 
ATOM   266  N NE1  . TRP A 1 17  ? 5.581   -17.240 3.813   1.00 0.00 ? 17  TRP A NE1  1 
ATOM   267  C CE2  . TRP A 1 17  ? 5.093   -17.610 2.565   1.00 0.00 ? 17  TRP A CE2  1 
ATOM   268  C CE3  . TRP A 1 17  ? 5.038   -16.666 0.326   1.00 0.00 ? 17  TRP A CE3  1 
ATOM   269  C CZ2  . TRP A 1 17  ? 4.409   -18.771 2.188   1.00 0.00 ? 17  TRP A CZ2  1 
ATOM   270  C CZ3  . TRP A 1 17  ? 4.356   -17.833 -0.036  1.00 0.00 ? 17  TRP A CZ3  1 
ATOM   271  C CH2  . TRP A 1 17  ? 4.038   -18.866 0.840   1.00 0.00 ? 17  TRP A CH2  1 
ATOM   272  H H    . TRP A 1 17  ? 5.923   -12.030 2.772   1.00 0.00 ? 17  TRP A H    1 
ATOM   273  H HA   . TRP A 1 17  ? 5.847   -13.200 0.170   1.00 0.00 ? 17  TRP A HA   1 
ATOM   274  H HB2  . TRP A 1 17  ? 7.392   -14.472 1.084   1.00 0.00 ? 17  TRP A HB2  1 
ATOM   275  H HB3  . TRP A 1 17  ? 7.134   -13.693 2.633   1.00 0.00 ? 17  TRP A HB3  1 
ATOM   276  H HD1  . TRP A 1 17  ? 6.653   -15.457 4.486   1.00 0.00 ? 17  TRP A HD1  1 
ATOM   277  H HE1  . TRP A 1 17  ? 5.506   -17.820 4.732   1.00 0.00 ? 17  TRP A HE1  1 
ATOM   278  H HE3  . TRP A 1 17  ? 5.269   -15.877 -0.389  1.00 0.00 ? 17  TRP A HE3  1 
ATOM   279  H HZ2  . TRP A 1 17  ? 4.177   -19.561 2.903   1.00 0.00 ? 17  TRP A HZ2  1 
ATOM   280  H HZ3  . TRP A 1 17  ? 4.051   -17.941 -1.077  1.00 0.00 ? 17  TRP A HZ3  1 
ATOM   281  H HH2  . TRP A 1 17  ? 3.503   -19.743 0.479   1.00 0.00 ? 17  TRP A HH2  1 
ATOM   282  N N    . VAL A 1 18  ? 3.495   -13.726 2.397   1.00 0.00 ? 18  VAL A N    1 
ATOM   283  C CA   . VAL A 1 18  ? 2.155   -14.246 2.601   1.00 0.00 ? 18  VAL A CA   1 
ATOM   284  C C    . VAL A 1 18  ? 1.132   -13.227 2.092   1.00 0.00 ? 18  VAL A C    1 
ATOM   285  O O    . VAL A 1 18  ? 0.036   -13.597 1.675   1.00 0.00 ? 18  VAL A O    1 
ATOM   286  C CB   . VAL A 1 18  ? 1.952   -14.611 4.073   1.00 0.00 ? 18  VAL A CB   1 
ATOM   287  C CG1  . VAL A 1 18  ? 0.474   -14.862 4.378   1.00 0.00 ? 18  VAL A CG1  1 
ATOM   288  C CG2  . VAL A 1 18  ? 2.806   -15.820 4.460   1.00 0.00 ? 18  VAL A CG2  1 
ATOM   289  H H    . VAL A 1 18  ? 3.855   -13.179 3.154   1.00 0.00 ? 18  VAL A H    1 
ATOM   290  H HA   . VAL A 1 18  ? 2.063   -15.159 2.011   1.00 0.00 ? 18  VAL A HA   1 
ATOM   291  H HB   . VAL A 1 18  ? 2.280   -13.764 4.676   1.00 0.00 ? 18  VAL A HB   1 
ATOM   292  H HG11 . VAL A 1 18  ? -0.086  -13.936 4.246   1.00 0.00 ? 18  VAL A HG11 1 
ATOM   293  H HG12 . VAL A 1 18  ? 0.086   -15.620 3.699   1.00 0.00 ? 18  VAL A HG12 1 
ATOM   294  H HG13 . VAL A 1 18  ? 0.368   -15.207 5.407   1.00 0.00 ? 18  VAL A HG13 1 
ATOM   295  H HG21 . VAL A 1 18  ? 3.475   -15.547 5.275   1.00 0.00 ? 18  VAL A HG21 1 
ATOM   296  H HG22 . VAL A 1 18  ? 2.155   -16.636 4.781   1.00 0.00 ? 18  VAL A HG22 1 
ATOM   297  H HG23 . VAL A 1 18  ? 3.392   -16.141 3.599   1.00 0.00 ? 18  VAL A HG23 1 
ATOM   298  N N    . LEU A 1 19  ? 1.529   -11.964 2.143   1.00 0.00 ? 19  LEU A N    1 
ATOM   299  C CA   . LEU A 1 19  ? 0.661   -10.888 1.692   1.00 0.00 ? 19  LEU A CA   1 
ATOM   300  C C    . LEU A 1 19  ? 0.566   -10.923 0.165   1.00 0.00 ? 19  LEU A C    1 
ATOM   301  O O    . LEU A 1 19  ? -0.527  -10.824 -0.393  1.00 0.00 ? 19  LEU A O    1 
ATOM   302  C CB   . LEU A 1 19  ? 1.140   -9.545  2.248   1.00 0.00 ? 19  LEU A CB   1 
ATOM   303  C CG   . LEU A 1 19  ? 0.186   -8.843  3.215   1.00 0.00 ? 19  LEU A CG   1 
ATOM   304  C CD1  . LEU A 1 19  ? -0.807  -7.959  2.459   1.00 0.00 ? 19  LEU A CD1  1 
ATOM   305  C CD2  . LEU A 1 19  ? -0.519  -9.853  4.121   1.00 0.00 ? 19  LEU A CD2  1 
ATOM   306  H H    . LEU A 1 19  ? 2.423   -11.671 2.482   1.00 0.00 ? 19  LEU A H    1 
ATOM   307  H HA   . LEU A 1 19  ? -0.330  -11.075 2.106   1.00 0.00 ? 19  LEU A HA   1 
ATOM   308  H HB2  . LEU A 1 19  ? 2.091   -9.704  2.756   1.00 0.00 ? 19  LEU A HB2  1 
ATOM   309  H HB3  . LEU A 1 19  ? 1.334   -8.878  1.409   1.00 0.00 ? 19  LEU A HB3  1 
ATOM   310  H HG   . LEU A 1 19  ? 0.774   -8.188  3.859   1.00 0.00 ? 19  LEU A HG   1 
ATOM   311  H HD11 . LEU A 1 19  ? -1.063  -7.093  3.072   1.00 0.00 ? 19  LEU A HD11 1 
ATOM   312  H HD12 . LEU A 1 19  ? -0.357  -7.622  1.525   1.00 0.00 ? 19  LEU A HD12 1 
ATOM   313  H HD13 . LEU A 1 19  ? -1.710  -8.530  2.244   1.00 0.00 ? 19  LEU A HD13 1 
ATOM   314  H HD21 . LEU A 1 19  ? -1.559  -9.956  3.811   1.00 0.00 ? 19  LEU A HD21 1 
ATOM   315  H HD22 . LEU A 1 19  ? -0.021  -10.819 4.046   1.00 0.00 ? 19  LEU A HD22 1 
ATOM   316  H HD23 . LEU A 1 19  ? -0.482  -9.504  5.153   1.00 0.00 ? 19  LEU A HD23 1 
ATOM   317  N N    . GLU A 1 20  ? 1.722   -11.064 -0.466  1.00 0.00 ? 20  GLU A N    1 
ATOM   318  C CA   . GLU A 1 20  ? 1.780   -11.113 -1.917  1.00 0.00 ? 20  GLU A CA   1 
ATOM   319  C C    . GLU A 1 20  ? 1.172   -12.419 -2.430  1.00 0.00 ? 20  GLU A C    1 
ATOM   320  O O    . GLU A 1 20  ? 0.882   -12.549 -3.619  1.00 0.00 ? 20  GLU A O    1 
ATOM   321  C CB   . GLU A 1 20  ? 3.218   -10.947 -2.413  1.00 0.00 ? 20  GLU A CB   1 
ATOM   322  C CG   . GLU A 1 20  ? 3.309   -11.182 -3.922  1.00 0.00 ? 20  GLU A CG   1 
ATOM   323  C CD   . GLU A 1 20  ? 3.927   -12.547 -4.228  1.00 0.00 ? 20  GLU A CD   1 
ATOM   324  O OE1  . GLU A 1 20  ? 4.762   -12.989 -3.409  1.00 0.00 ? 20  GLU A OE1  1 
ATOM   325  O OE2  . GLU A 1 20  ? 3.550   -13.121 -5.273  1.00 0.00 ? 20  GLU A OE2  1 
ATOM   326  H H    . GLU A 1 20  ? 2.605   -11.144 -0.004  1.00 0.00 ? 20  GLU A H    1 
ATOM   327  H HA   . GLU A 1 20  ? 1.185   -10.267 -2.259  1.00 0.00 ? 20  GLU A HA   1 
ATOM   328  H HB2  . GLU A 1 20  ? 3.576   -9.944  -2.175  1.00 0.00 ? 20  GLU A HB2  1 
ATOM   329  H HB3  . GLU A 1 20  ? 3.870   -11.649 -1.892  1.00 0.00 ? 20  GLU A HB3  1 
ATOM   330  H HG2  . GLU A 1 20  ? 2.314   -11.122 -4.363  1.00 0.00 ? 20  GLU A HG2  1 
ATOM   331  H HG3  . GLU A 1 20  ? 3.909   -10.396 -4.381  1.00 0.00 ? 20  GLU A HG3  1 
ATOM   332  N N    . ARG A 1 21  ? 0.994   -13.354 -1.508  1.00 0.00 ? 21  ARG A N    1 
ATOM   333  C CA   . ARG A 1 21  ? 0.424   -14.646 -1.852  1.00 0.00 ? 21  ARG A CA   1 
ATOM   334  C C    . ARG A 1 21  ? -1.102  -14.595 -1.757  1.00 0.00 ? 21  ARG A C    1 
ATOM   335  O O    . ARG A 1 21  ? -1.794  -15.380 -2.403  1.00 0.00 ? 21  ARG A O    1 
ATOM   336  C CB   . ARG A 1 21  ? 0.950   -15.744 -0.925  1.00 0.00 ? 21  ARG A CB   1 
ATOM   337  C CG   . ARG A 1 21  ? 1.187   -17.044 -1.695  1.00 0.00 ? 21  ARG A CG   1 
ATOM   338  C CD   . ARG A 1 21  ? 0.557   -18.235 -0.968  1.00 0.00 ? 21  ARG A CD   1 
ATOM   339  N NE   . ARG A 1 21  ? -0.337  -18.973 -1.888  1.00 0.00 ? 21  ARG A NE   1 
ATOM   340  C CZ   . ARG A 1 21  ? 0.090   -19.683 -2.942  1.00 0.00 ? 21  ARG A CZ   1 
ATOM   341  N NH1  . ARG A 1 21  ? 1.399   -19.752 -3.216  1.00 0.00 ? 21  ARG A NH1  1 
ATOM   342  N NH2  . ARG A 1 21  ? -0.793  -20.321 -3.721  1.00 0.00 ? 21  ARG A NH2  1 
ATOM   343  H H    . ARG A 1 21  ? 1.232   -13.240 -0.543  1.00 0.00 ? 21  ARG A H    1 
ATOM   344  H HA   . ARG A 1 21  ? 0.748   -14.829 -2.876  1.00 0.00 ? 21  ARG A HA   1 
ATOM   345  H HB2  . ARG A 1 21  ? 1.881   -15.417 -0.461  1.00 0.00 ? 21  ARG A HB2  1 
ATOM   346  H HB3  . ARG A 1 21  ? 0.236   -15.918 -0.119  1.00 0.00 ? 21  ARG A HB3  1 
ATOM   347  H HG2  . ARG A 1 21  ? 0.765   -16.961 -2.696  1.00 0.00 ? 21  ARG A HG2  1 
ATOM   348  H HG3  . ARG A 1 21  ? 2.257   -17.212 -1.814  1.00 0.00 ? 21  ARG A HG3  1 
ATOM   349  H HD2  . ARG A 1 21  ? 1.337   -18.897 -0.595  1.00 0.00 ? 21  ARG A HD2  1 
ATOM   350  H HD3  . ARG A 1 21  ? -0.006  -17.885 -0.103  1.00 0.00 ? 21  ARG A HD3  1 
ATOM   351  H HE   . ARG A 1 21  ? -1.320  -18.941 -1.712  1.00 0.00 ? 21  ARG A HE   1 
ATOM   352  H HH11 . ARG A 1 21  ? 2.059   -19.277 -2.635  1.00 0.00 ? 21  ARG A HH11 1 
ATOM   353  H HH12 . ARG A 1 21  ? 1.717   -20.283 -4.003  1.00 0.00 ? 21  ARG A HH12 1 
ATOM   354  H HH21 . ARG A 1 21  ? -1.771  -20.269 -3.516  1.00 0.00 ? 21  ARG A HH21 1 
ATOM   355  H HH22 . ARG A 1 21  ? -0.476  -20.850 -4.508  1.00 0.00 ? 21  ARG A HH22 1 
ATOM   356  N N    . ALA A 1 22  ? -1.582  -13.663 -0.945  1.00 0.00 ? 22  ALA A N    1 
ATOM   357  C CA   . ALA A 1 22  ? -3.013  -13.500 -0.757  1.00 0.00 ? 22  ALA A CA   1 
ATOM   358  C C    . ALA A 1 22  ? -3.510  -12.347 -1.631  1.00 0.00 ? 22  ALA A C    1 
ATOM   359  O O    . ALA A 1 22  ? -4.688  -12.290 -1.980  1.00 0.00 ? 22  ALA A O    1 
ATOM   360  C CB   . ALA A 1 22  ? -3.311  -13.276 0.726   1.00 0.00 ? 22  ALA A CB   1 
ATOM   361  H H    . ALA A 1 22  ? -1.012  -13.028 -0.424  1.00 0.00 ? 22  ALA A H    1 
ATOM   362  H HA   . ALA A 1 22  ? -3.497  -14.422 -1.078  1.00 0.00 ? 22  ALA A HA   1 
ATOM   363  H HB1  . ALA A 1 22  ? -2.642  -13.892 1.328   1.00 0.00 ? 22  ALA A HB1  1 
ATOM   364  H HB2  . ALA A 1 22  ? -3.158  -12.226 0.974   1.00 0.00 ? 22  ALA A HB2  1 
ATOM   365  H HB3  . ALA A 1 22  ? -4.344  -13.552 0.936   1.00 0.00 ? 22  ALA A HB3  1 
ATOM   366  N N    . LEU A 1 23  ? -2.587  -11.455 -1.960  1.00 0.00 ? 23  LEU A N    1 
ATOM   367  C CA   . LEU A 1 23  ? -2.915  -10.306 -2.787  1.00 0.00 ? 23  LEU A CA   1 
ATOM   368  C C    . LEU A 1 23  ? -2.954  -10.735 -4.256  1.00 0.00 ? 23  LEU A C    1 
ATOM   369  O O    . LEU A 1 23  ? -3.826  -10.304 -5.008  1.00 0.00 ? 23  LEU A O    1 
ATOM   370  C CB   . LEU A 1 23  ? -1.951  -9.152  -2.508  1.00 0.00 ? 23  LEU A CB   1 
ATOM   371  C CG   . LEU A 1 23  ? -2.447  -8.085  -1.529  1.00 0.00 ? 23  LEU A CG   1 
ATOM   372  C CD1  . LEU A 1 23  ? -3.902  -7.710  -1.818  1.00 0.00 ? 23  LEU A CD1  1 
ATOM   373  C CD2  . LEU A 1 23  ? -2.247  -8.535  -0.081  1.00 0.00 ? 23  LEU A CD2  1 
ATOM   374  H H    . LEU A 1 23  ? -1.629  -11.508 -1.672  1.00 0.00 ? 23  LEU A H    1 
ATOM   375  H HA   . LEU A 1 23  ? -3.912  -9.972  -2.499  1.00 0.00 ? 23  LEU A HA   1 
ATOM   376  H HB2  . LEU A 1 23  ? -1.021  -9.566  -2.121  1.00 0.00 ? 23  LEU A HB2  1 
ATOM   377  H HB3  . LEU A 1 23  ? -1.715  -8.667  -3.456  1.00 0.00 ? 23  LEU A HB3  1 
ATOM   378  H HG   . LEU A 1 23  ? -1.849  -7.186  -1.672  1.00 0.00 ? 23  LEU A HG   1 
ATOM   379  H HD11 . LEU A 1 23  ? -4.096  -7.803  -2.888  1.00 0.00 ? 23  LEU A HD11 1 
ATOM   380  H HD12 . LEU A 1 23  ? -4.565  -8.377  -1.269  1.00 0.00 ? 23  LEU A HD12 1 
ATOM   381  H HD13 . LEU A 1 23  ? -4.081  -6.681  -1.507  1.00 0.00 ? 23  LEU A HD13 1 
ATOM   382  H HD21 . LEU A 1 23  ? -1.189  -8.720  0.100   1.00 0.00 ? 23  LEU A HD21 1 
ATOM   383  H HD22 . LEU A 1 23  ? -2.601  -7.755  0.593   1.00 0.00 ? 23  LEU A HD22 1 
ATOM   384  H HD23 . LEU A 1 23  ? -2.812  -9.450  0.095   1.00 0.00 ? 23  LEU A HD23 1 
ATOM   385  N N    . ALA A 1 24  ? -1.998  -11.578 -4.618  1.00 0.00 ? 24  ALA A N    1 
ATOM   386  C CA   . ALA A 1 24  ? -1.913  -12.069 -5.983  1.00 0.00 ? 24  ALA A CA   1 
ATOM   387  C C    . ALA A 1 24  ? -3.104  -12.986 -6.265  1.00 0.00 ? 24  ALA A C    1 
ATOM   388  O O    . ALA A 1 24  ? -3.604  -13.032 -7.389  1.00 0.00 ? 24  ALA A O    1 
ATOM   389  C CB   . ALA A 1 24  ? -0.571  -12.777 -6.187  1.00 0.00 ? 24  ALA A CB   1 
ATOM   390  H H    . ALA A 1 24  ? -1.293  -11.923 -3.998  1.00 0.00 ? 24  ALA A H    1 
ATOM   391  H HA   . ALA A 1 24  ? -1.962  -11.209 -6.650  1.00 0.00 ? 24  ALA A HA   1 
ATOM   392  H HB1  . ALA A 1 24  ? -0.575  -13.725 -5.651  1.00 0.00 ? 24  ALA A HB1  1 
ATOM   393  H HB2  . ALA A 1 24  ? -0.417  -12.959 -7.251  1.00 0.00 ? 24  ALA A HB2  1 
ATOM   394  H HB3  . ALA A 1 24  ? 0.233   -12.146 -5.806  1.00 0.00 ? 24  ALA A HB3  1 
ATOM   395  N N    . GLY A 1 25  ? -3.525  -13.695 -5.228  1.00 0.00 ? 25  GLY A N    1 
ATOM   396  C CA   . GLY A 1 25  ? -4.648  -14.607 -5.351  1.00 0.00 ? 25  GLY A CA   1 
ATOM   397  C C    . GLY A 1 25  ? -5.977  -13.868 -5.179  1.00 0.00 ? 25  GLY A C    1 
ATOM   398  O O    . GLY A 1 25  ? -7.023  -14.495 -5.014  1.00 0.00 ? 25  GLY A O    1 
ATOM   399  H H    . GLY A 1 25  ? -3.113  -13.651 -4.317  1.00 0.00 ? 25  GLY A H    1 
ATOM   400  H HA2  . GLY A 1 25  ? -4.622  -15.092 -6.326  1.00 0.00 ? 25  GLY A HA2  1 
ATOM   401  H HA3  . GLY A 1 25  ? -4.566  -15.394 -4.602  1.00 0.00 ? 25  GLY A HA3  1 
ATOM   402  N N    . ALA A 1 26  ? -5.892  -12.547 -5.224  1.00 0.00 ? 26  ALA A N    1 
ATOM   403  C CA   . ALA A 1 26  ? -7.076  -11.716 -5.076  1.00 0.00 ? 26  ALA A CA   1 
ATOM   404  C C    . ALA A 1 26  ? -7.293  -10.912 -6.359  1.00 0.00 ? 26  ALA A C    1 
ATOM   405  O O    . ALA A 1 26  ? -8.361  -10.334 -6.560  1.00 0.00 ? 26  ALA A O    1 
ATOM   406  C CB   . ALA A 1 26  ? -6.919  -10.821 -3.845  1.00 0.00 ? 26  ALA A CB   1 
ATOM   407  H H    . ALA A 1 26  ? -5.038  -12.045 -5.359  1.00 0.00 ? 26  ALA A H    1 
ATOM   408  H HA   . ALA A 1 26  ? -7.929  -12.377 -4.921  1.00 0.00 ? 26  ALA A HA   1 
ATOM   409  H HB1  . ALA A 1 26  ? -6.044  -11.134 -3.276  1.00 0.00 ? 26  ALA A HB1  1 
ATOM   410  H HB2  . ALA A 1 26  ? -6.795  -9.785  -4.162  1.00 0.00 ? 26  ALA A HB2  1 
ATOM   411  H HB3  . ALA A 1 26  ? -7.808  -10.906 -3.219  1.00 0.00 ? 26  ALA A HB3  1 
ATOM   412  N N    . GLY A 1 27  ? -6.264  -10.898 -7.193  1.00 0.00 ? 27  GLY A N    1 
ATOM   413  C CA   . GLY A 1 27  ? -6.329  -10.175 -8.450  1.00 0.00 ? 27  GLY A CA   1 
ATOM   414  C C    . GLY A 1 27  ? -5.442  -10.833 -9.508  1.00 0.00 ? 27  GLY A C    1 
ATOM   415  O O    . GLY A 1 27  ? -5.863  -11.777 -10.176 1.00 0.00 ? 27  GLY A O    1 
ATOM   416  H H    . GLY A 1 27  ? -5.399  -11.370 -7.021  1.00 0.00 ? 27  GLY A H    1 
ATOM   417  H HA2  . GLY A 1 27  ? -7.359  -10.141 -8.802  1.00 0.00 ? 27  GLY A HA2  1 
ATOM   418  H HA3  . GLY A 1 27  ? -6.011  -9.143  -8.297  1.00 0.00 ? 27  GLY A HA3  1 
ATOM   419  N N    . LEU A 1 28  ? -4.231  -10.311 -9.631  1.00 0.00 ? 28  LEU A N    1 
ATOM   420  C CA   . LEU A 1 28  ? -3.283  -10.837 -10.598 1.00 0.00 ? 28  LEU A CA   1 
ATOM   421  C C    . LEU A 1 28  ? -2.026  -9.962  -10.600 1.00 0.00 ? 28  LEU A C    1 
ATOM   422  O O    . LEU A 1 28  ? -2.105  -8.757  -10.369 1.00 0.00 ? 28  LEU A O    1 
ATOM   423  C CB   . LEU A 1 28  ? -3.939  -10.974 -11.972 1.00 0.00 ? 28  LEU A CB   1 
ATOM   424  C CG   . LEU A 1 28  ? -4.731  -9.760  -12.462 1.00 0.00 ? 28  LEU A CG   1 
ATOM   425  C CD1  . LEU A 1 28  ? -4.161  -9.228  -13.779 1.00 0.00 ? 28  LEU A CD1  1 
ATOM   426  C CD2  . LEU A 1 28  ? -6.221  -10.086 -12.574 1.00 0.00 ? 28  LEU A CD2  1 
ATOM   427  H H    . LEU A 1 28  ? -3.896  -9.543  -9.085  1.00 0.00 ? 28  LEU A H    1 
ATOM   428  H HA   . LEU A 1 28  ? -3.005  -11.838 -10.271 1.00 0.00 ? 28  LEU A HA   1 
ATOM   429  H HB2  . LEU A 1 28  ? -3.161  -11.196 -12.704 1.00 0.00 ? 28  LEU A HB2  1 
ATOM   430  H HB3  . LEU A 1 28  ? -4.609  -11.834 -11.949 1.00 0.00 ? 28  LEU A HB3  1 
ATOM   431  H HG   . LEU A 1 28  ? -4.630  -8.965  -11.723 1.00 0.00 ? 28  LEU A HG   1 
ATOM   432  H HD11 . LEU A 1 28  ? -3.286  -8.611  -13.573 1.00 0.00 ? 28  LEU A HD11 1 
ATOM   433  H HD12 . LEU A 1 28  ? -3.873  -10.065 -14.414 1.00 0.00 ? 28  LEU A HD12 1 
ATOM   434  H HD13 . LEU A 1 28  ? -4.916  -8.630  -14.287 1.00 0.00 ? 28  LEU A HD13 1 
ATOM   435  H HD21 . LEU A 1 28  ? -6.350  -11.159 -12.720 1.00 0.00 ? 28  LEU A HD21 1 
ATOM   436  H HD22 . LEU A 1 28  ? -6.730  -9.781  -11.660 1.00 0.00 ? 28  LEU A HD22 1 
ATOM   437  H HD23 . LEU A 1 28  ? -6.647  -9.551  -13.423 1.00 0.00 ? 28  LEU A HD23 1 
ATOM   438  N N    . THR A 1 29  ? -0.899  -10.605 -10.865 1.00 0.00 ? 29  THR A N    1 
ATOM   439  C CA   . THR A 1 29  ? 0.372   -9.901  -10.902 1.00 0.00 ? 29  THR A CA   1 
ATOM   440  C C    . THR A 1 29  ? 0.609   -9.160  -9.584  1.00 0.00 ? 29  THR A C    1 
ATOM   441  O O    . THR A 1 29  ? -0.059  -8.167  -9.297  1.00 0.00 ? 29  THR A O    1 
ATOM   442  C CB   . THR A 1 29  ? 0.369   -8.981  -12.124 1.00 0.00 ? 29  THR A CB   1 
ATOM   443  O OG1  . THR A 1 29  ? 0.622   -9.858  -13.219 1.00 0.00 ? 29  THR A OG1  1 
ATOM   444  C CG2  . THR A 1 29  ? 1.558   -8.019  -12.136 1.00 0.00 ? 29  THR A CG2  1 
ATOM   445  H H    . THR A 1 29  ? -0.844  -11.586 -11.052 1.00 0.00 ? 29  THR A H    1 
ATOM   446  H HA   . THR A 1 29  ? 1.170   -10.637 -11.002 1.00 0.00 ? 29  THR A HA   1 
ATOM   447  H HB   . THR A 1 29  ? -0.573  -8.438  -12.200 1.00 0.00 ? 29  THR A HB   1 
ATOM   448  H HG1  . THR A 1 29  ? 1.527   -10.271 -13.124 1.00 0.00 ? 29  THR A HG1  1 
ATOM   449  H HG21 . THR A 1 29  ? 1.224   -7.025  -11.837 1.00 0.00 ? 29  THR A HG21 1 
ATOM   450  H HG22 . THR A 1 29  ? 2.318   -8.371  -11.438 1.00 0.00 ? 29  THR A HG22 1 
ATOM   451  H HG23 . THR A 1 29  ? 1.979   -7.974  -13.140 1.00 0.00 ? 29  THR A HG23 1 
ATOM   452  N N    . CYS A 1 30  ? 1.562   -9.669  -8.818  1.00 0.00 ? 30  CYS A N    1 
ATOM   453  C CA   . CYS A 1 30  ? 1.895   -9.068  -7.538  1.00 0.00 ? 30  CYS A CA   1 
ATOM   454  C C    . CYS A 1 30  ? 3.419   -9.038  -7.403  1.00 0.00 ? 30  CYS A C    1 
ATOM   455  O O    . CYS A 1 30  ? 4.118   -9.827  -8.036  1.00 0.00 ? 30  CYS A O    1 
ATOM   456  C CB   . CYS A 1 30  ? 1.234   -9.811  -6.375  1.00 0.00 ? 30  CYS A CB   1 
ATOM   457  S SG   . CYS A 1 30  ? 1.318   -8.795  -4.854  1.00 0.00 ? 30  CYS A SG   1 
ATOM   458  H H    . CYS A 1 30  ? 2.100   -10.476 -9.059  1.00 0.00 ? 30  CYS A H    1 
ATOM   459  H HA   . CYS A 1 30  ? 1.488   -8.058  -7.552  1.00 0.00 ? 30  CYS A HA   1 
ATOM   460  H HB2  . CYS A 1 30  ? 0.194   -10.032 -6.617  1.00 0.00 ? 30  CYS A HB2  1 
ATOM   461  H HB3  . CYS A 1 30  ? 1.733   -10.766 -6.212  1.00 0.00 ? 30  CYS A HB3  1 
ATOM   462  H HG   . CYS A 1 30  ? 2.640   -8.859  -4.717  1.00 0.00 ? 30  CYS A HG   1 
ATOM   463  N N    . THR A 1 31  ? 3.890   -8.118  -6.573  1.00 0.00 ? 31  THR A N    1 
ATOM   464  C CA   . THR A 1 31  ? 5.318   -7.974  -6.348  1.00 0.00 ? 31  THR A CA   1 
ATOM   465  C C    . THR A 1 31  ? 5.598   -7.698  -4.869  1.00 0.00 ? 31  THR A C    1 
ATOM   466  O O    . THR A 1 31  ? 4.671   -7.575  -4.070  1.00 0.00 ? 31  THR A O    1 
ATOM   467  C CB   . THR A 1 31  ? 5.836   -6.878  -7.280  1.00 0.00 ? 31  THR A CB   1 
ATOM   468  O OG1  . THR A 1 31  ? 5.304   -7.227  -8.556  1.00 0.00 ? 31  THR A OG1  1 
ATOM   469  C CG2  . THR A 1 31  ? 7.352   -6.946  -7.478  1.00 0.00 ? 31  THR A CG2  1 
ATOM   470  H H    . THR A 1 31  ? 3.315   -7.479  -6.062  1.00 0.00 ? 31  THR A H    1 
ATOM   471  H HA   . THR A 1 31  ? 5.802   -8.920  -6.593  1.00 0.00 ? 31  THR A HA   1 
ATOM   472  H HB   . THR A 1 31  ? 5.532   -5.893  -6.928  1.00 0.00 ? 31  THR A HB   1 
ATOM   473  H HG1  . THR A 1 31  ? 5.457   -8.199  -8.735  1.00 0.00 ? 31  THR A HG1  1 
ATOM   474  H HG21 . THR A 1 31  ? 7.607   -6.571  -8.469  1.00 0.00 ? 31  THR A HG21 1 
ATOM   475  H HG22 . THR A 1 31  ? 7.844   -6.334  -6.721  1.00 0.00 ? 31  THR A HG22 1 
ATOM   476  H HG23 . THR A 1 31  ? 7.685   -7.979  -7.383  1.00 0.00 ? 31  THR A HG23 1 
ATOM   477  N N    . THR A 1 32  ? 6.882   -7.608  -4.551  1.00 0.00 ? 32  THR A N    1 
ATOM   478  C CA   . THR A 1 32  ? 7.296   -7.347  -3.183  1.00 0.00 ? 32  THR A CA   1 
ATOM   479  C C    . THR A 1 32  ? 8.672   -6.677  -3.161  1.00 0.00 ? 32  THR A C    1 
ATOM   480  O O    . THR A 1 32  ? 9.575   -7.080  -3.893  1.00 0.00 ? 32  THR A O    1 
ATOM   481  C CB   . THR A 1 32  ? 7.253   -8.672  -2.416  1.00 0.00 ? 32  THR A CB   1 
ATOM   482  O OG1  . THR A 1 32  ? 7.792   -9.620  -3.332  1.00 0.00 ? 32  THR A OG1  1 
ATOM   483  C CG2  . THR A 1 32  ? 5.824   -9.159  -2.171  1.00 0.00 ? 32  THR A CG2  1 
ATOM   484  H H    . THR A 1 32  ? 7.630   -7.708  -5.207  1.00 0.00 ? 32  THR A H    1 
ATOM   485  H HA   . THR A 1 32  ? 6.591   -6.646  -2.737  1.00 0.00 ? 32  THR A HA   1 
ATOM   486  H HB   . THR A 1 32  ? 7.805   -8.596  -1.479  1.00 0.00 ? 32  THR A HB   1 
ATOM   487  H HG1  . THR A 1 32  ? 8.679   -9.304  -3.668  1.00 0.00 ? 32  THR A HG1  1 
ATOM   488  H HG21 . THR A 1 32  ? 5.160   -8.301  -2.061  1.00 0.00 ? 32  THR A HG21 1 
ATOM   489  H HG22 . THR A 1 32  ? 5.499   -9.766  -3.016  1.00 0.00 ? 32  THR A HG22 1 
ATOM   490  H HG23 . THR A 1 32  ? 5.796   -9.760  -1.262  1.00 0.00 ? 32  THR A HG23 1 
ATOM   491  N N    . PHE A 1 33  ? 8.787   -5.667  -2.314  1.00 0.00 ? 33  PHE A N    1 
ATOM   492  C CA   . PHE A 1 33  ? 10.038  -4.936  -2.186  1.00 0.00 ? 33  PHE A CA   1 
ATOM   493  C C    . PHE A 1 33  ? 10.547  -4.969  -0.744  1.00 0.00 ? 33  PHE A C    1 
ATOM   494  O O    . PHE A 1 33  ? 10.010  -5.694  0.092   1.00 0.00 ? 33  PHE A O    1 
ATOM   495  C CB   . PHE A 1 33  ? 9.751   -3.485  -2.579  1.00 0.00 ? 33  PHE A CB   1 
ATOM   496  C CG   . PHE A 1 33  ? 9.699   -3.249  -4.091  1.00 0.00 ? 33  PHE A CG   1 
ATOM   497  C CD1  . PHE A 1 33  ? 8.539   -3.450  -4.770  1.00 0.00 ? 33  PHE A CD1  1 
ATOM   498  C CD2  . PHE A 1 33  ? 10.814  -2.838  -4.752  1.00 0.00 ? 33  PHE A CD2  1 
ATOM   499  C CE1  . PHE A 1 33  ? 8.491   -3.231  -6.174  1.00 0.00 ? 33  PHE A CE1  1 
ATOM   500  C CE2  . PHE A 1 33  ? 10.766  -2.618  -6.154  1.00 0.00 ? 33  PHE A CE2  1 
ATOM   501  C CZ   . PHE A 1 33  ? 9.606   -2.819  -6.835  1.00 0.00 ? 33  PHE A CZ   1 
ATOM   502  H H    . PHE A 1 33  ? 8.048   -5.345  -1.721  1.00 0.00 ? 33  PHE A H    1 
ATOM   503  H HA   . PHE A 1 33  ? 10.764  -5.421  -2.837  1.00 0.00 ? 33  PHE A HA   1 
ATOM   504  H HB2  . PHE A 1 33  ? 8.799   -3.182  -2.142  1.00 0.00 ? 33  PHE A HB2  1 
ATOM   505  H HB3  . PHE A 1 33  ? 10.518  -2.844  -2.147  1.00 0.00 ? 33  PHE A HB3  1 
ATOM   506  H HD1  . PHE A 1 33  ? 7.645   -3.780  -4.240  1.00 0.00 ? 33  PHE A HD1  1 
ATOM   507  H HD2  . PHE A 1 33  ? 11.743  -2.676  -4.207  1.00 0.00 ? 33  PHE A HD2  1 
ATOM   508  H HE1  . PHE A 1 33  ? 7.562   -3.393  -6.719  1.00 0.00 ? 33  PHE A HE1  1 
ATOM   509  H HE2  . PHE A 1 33  ? 11.659  -2.288  -6.685  1.00 0.00 ? 33  PHE A HE2  1 
ATOM   510  H HZ   . PHE A 1 33  ? 9.569   -2.650  -7.912  1.00 0.00 ? 33  PHE A HZ   1 
ATOM   511  N N    . GLU A 1 34  ? 11.579  -4.175  -0.497  1.00 0.00 ? 34  GLU A N    1 
ATOM   512  C CA   . GLU A 1 34  ? 12.168  -4.105  0.829   1.00 0.00 ? 34  GLU A CA   1 
ATOM   513  C C    . GLU A 1 34  ? 11.584  -2.923  1.608   1.00 0.00 ? 34  GLU A C    1 
ATOM   514  O O    . GLU A 1 34  ? 10.736  -3.108  2.480   1.00 0.00 ? 34  GLU A O    1 
ATOM   515  C CB   . GLU A 1 34  ? 13.693  -4.009  0.749   1.00 0.00 ? 34  GLU A CB   1 
ATOM   516  C CG   . GLU A 1 34  ? 14.350  -5.314  1.202   1.00 0.00 ? 34  GLU A CG   1 
ATOM   517  C CD   . GLU A 1 34  ? 15.684  -5.043  1.902   1.00 0.00 ? 34  GLU A CD   1 
ATOM   518  O OE1  . GLU A 1 34  ? 15.639  -4.421  2.986   1.00 0.00 ? 34  GLU A OE1  1 
ATOM   519  O OE2  . GLU A 1 34  ? 16.716  -5.462  1.337   1.00 0.00 ? 34  GLU A OE2  1 
ATOM   520  H H    . GLU A 1 34  ? 12.010  -3.588  -1.182  1.00 0.00 ? 34  GLU A H    1 
ATOM   521  H HA   . GLU A 1 34  ? 11.895  -5.040  1.319   1.00 0.00 ? 34  GLU A HA   1 
ATOM   522  H HB2  . GLU A 1 34  ? 13.992  -3.782  -0.275  1.00 0.00 ? 34  GLU A HB2  1 
ATOM   523  H HB3  . GLU A 1 34  ? 14.042  -3.186  1.372   1.00 0.00 ? 34  GLU A HB3  1 
ATOM   524  H HG2  . GLU A 1 34  ? 13.682  -5.845  1.879   1.00 0.00 ? 34  GLU A HG2  1 
ATOM   525  H HG3  . GLU A 1 34  ? 14.513  -5.961  0.340   1.00 0.00 ? 34  GLU A HG3  1 
ATOM   526  N N    . ASN A 1 35  ? 12.063  -1.737  1.264   1.00 0.00 ? 35  ASN A N    1 
ATOM   527  C CA   . ASN A 1 35  ? 11.600  -0.525  1.920   1.00 0.00 ? 35  ASN A CA   1 
ATOM   528  C C    . ASN A 1 35  ? 10.480  0.104   1.087   1.00 0.00 ? 35  ASN A C    1 
ATOM   529  O O    . ASN A 1 35  ? 9.538   0.672   1.636   1.00 0.00 ? 35  ASN A O    1 
ATOM   530  C CB   . ASN A 1 35  ? 12.728  0.500   2.045   1.00 0.00 ? 35  ASN A CB   1 
ATOM   531  C CG   . ASN A 1 35  ? 14.085  -0.193  2.185   1.00 0.00 ? 35  ASN A CG   1 
ATOM   532  O OD1  . ASN A 1 35  ? 14.597  -0.397  3.273   1.00 0.00 ? 35  ASN A OD1  1 
ATOM   533  N ND2  . ASN A 1 35  ? 14.636  -0.541  1.027   1.00 0.00 ? 35  ASN A ND2  1 
ATOM   534  H H    . ASN A 1 35  ? 12.753  -1.595  0.554   1.00 0.00 ? 35  ASN A H    1 
ATOM   535  H HA   . ASN A 1 35  ? 11.257  -0.844  2.903   1.00 0.00 ? 35  ASN A HA   1 
ATOM   536  H HB2  . ASN A 1 35  ? 12.736  1.148   1.168   1.00 0.00 ? 35  ASN A HB2  1 
ATOM   537  H HB3  . ASN A 1 35  ? 12.550  1.138   2.911   1.00 0.00 ? 35  ASN A HB3  1 
ATOM   538  H HD21 . ASN A 1 35  ? 14.163  -0.345  0.168   1.00 0.00 ? 35  ASN A HD21 1 
ATOM   539  H HD22 . ASN A 1 35  ? 15.525  -1.001  1.013   1.00 0.00 ? 35  ASN A HD22 1 
ATOM   540  N N    . GLY A 1 36  ? 10.621  -0.020  -0.225  1.00 0.00 ? 36  GLY A N    1 
ATOM   541  C CA   . GLY A 1 36  ? 9.634   0.529   -1.138  1.00 0.00 ? 36  GLY A CA   1 
ATOM   542  C C    . GLY A 1 36  ? 10.093  1.878   -1.696  1.00 0.00 ? 36  GLY A C    1 
ATOM   543  O O    . GLY A 1 36  ? 9.310   2.597   -2.315  1.00 0.00 ? 36  GLY A O    1 
ATOM   544  H H    . GLY A 1 36  ? 11.392  -0.483  -0.663  1.00 0.00 ? 36  GLY A H    1 
ATOM   545  H HA2  . GLY A 1 36  ? 9.464   -0.169  -1.958  1.00 0.00 ? 36  GLY A HA2  1 
ATOM   546  H HA3  . GLY A 1 36  ? 8.682   0.651   -0.620  1.00 0.00 ? 36  GLY A HA3  1 
ATOM   547  N N    . ASN A 1 37  ? 11.361  2.180   -1.457  1.00 0.00 ? 37  ASN A N    1 
ATOM   548  C CA   . ASN A 1 37  ? 11.934  3.430   -1.928  1.00 0.00 ? 37  ASN A CA   1 
ATOM   549  C C    . ASN A 1 37  ? 11.828  3.492   -3.454  1.00 0.00 ? 37  ASN A C    1 
ATOM   550  O O    . ASN A 1 37  ? 11.000  4.224   -3.992  1.00 0.00 ? 37  ASN A O    1 
ATOM   551  C CB   . ASN A 1 37  ? 13.413  3.533   -1.552  1.00 0.00 ? 37  ASN A CB   1 
ATOM   552  C CG   . ASN A 1 37  ? 14.059  4.759   -2.201  1.00 0.00 ? 37  ASN A CG   1 
ATOM   553  O OD1  . ASN A 1 37  ? 14.506  4.732   -3.336  1.00 0.00 ? 37  ASN A OD1  1 
ATOM   554  N ND2  . ASN A 1 37  ? 14.083  5.836   -1.419  1.00 0.00 ? 37  ASN A ND2  1 
ATOM   555  H H    . ASN A 1 37  ? 11.991  1.590   -0.953  1.00 0.00 ? 37  ASN A H    1 
ATOM   556  H HA   . ASN A 1 37  ? 11.356  4.212   -1.438  1.00 0.00 ? 37  ASN A HA   1 
ATOM   557  H HB2  . ASN A 1 37  ? 13.514  3.596   -0.470  1.00 0.00 ? 37  ASN A HB2  1 
ATOM   558  H HB3  . ASN A 1 37  ? 13.937  2.632   -1.870  1.00 0.00 ? 37  ASN A HB3  1 
ATOM   559  H HD21 . ASN A 1 37  ? 13.699  5.792   -0.497  1.00 0.00 ? 37  ASN A HD21 1 
ATOM   560  H HD22 . ASN A 1 37  ? 14.485  6.688   -1.753  1.00 0.00 ? 37  ASN A HD22 1 
ATOM   561  N N    . GLU A 1 38  ? 12.677  2.712   -4.106  1.00 0.00 ? 38  GLU A N    1 
ATOM   562  C CA   . GLU A 1 38  ? 12.690  2.670   -5.559  1.00 0.00 ? 38  GLU A CA   1 
ATOM   563  C C    . GLU A 1 38  ? 11.262  2.587   -6.099  1.00 0.00 ? 38  GLU A C    1 
ATOM   564  O O    . GLU A 1 38  ? 10.952  3.168   -7.139  1.00 0.00 ? 38  GLU A O    1 
ATOM   565  C CB   . GLU A 1 38  ? 13.537  1.500   -6.066  1.00 0.00 ? 38  GLU A CB   1 
ATOM   566  C CG   . GLU A 1 38  ? 13.108  0.188   -5.405  1.00 0.00 ? 38  GLU A CG   1 
ATOM   567  C CD   . GLU A 1 38  ? 14.203  -0.874  -5.537  1.00 0.00 ? 38  GLU A CD   1 
ATOM   568  O OE1  . GLU A 1 38  ? 15.386  -0.476  -5.502  1.00 0.00 ? 38  GLU A OE1  1 
ATOM   569  O OE2  . GLU A 1 38  ? 13.829  -2.059  -5.671  1.00 0.00 ? 38  GLU A OE2  1 
ATOM   570  H H    . GLU A 1 38  ? 13.348  2.121   -3.660  1.00 0.00 ? 38  GLU A H    1 
ATOM   571  H HA   . GLU A 1 38  ? 13.152  3.606   -5.872  1.00 0.00 ? 38  GLU A HA   1 
ATOM   572  H HB2  . GLU A 1 38  ? 13.437  1.417   -7.148  1.00 0.00 ? 38  GLU A HB2  1 
ATOM   573  H HB3  . GLU A 1 38  ? 14.589  1.690   -5.856  1.00 0.00 ? 38  GLU A HB3  1 
ATOM   574  H HG2  . GLU A 1 38  ? 12.890  0.360   -4.351  1.00 0.00 ? 38  GLU A HG2  1 
ATOM   575  H HG3  . GLU A 1 38  ? 12.190  -0.173  -5.867  1.00 0.00 ? 38  GLU A HG3  1 
ATOM   576  N N    . VAL A 1 39  ? 10.427  1.862   -5.369  1.00 0.00 ? 39  VAL A N    1 
ATOM   577  C CA   . VAL A 1 39  ? 9.038   1.696   -5.762  1.00 0.00 ? 39  VAL A CA   1 
ATOM   578  C C    . VAL A 1 39  ? 8.403   3.073   -5.966  1.00 0.00 ? 39  VAL A C    1 
ATOM   579  O O    . VAL A 1 39  ? 7.611   3.266   -6.888  1.00 0.00 ? 39  VAL A O    1 
ATOM   580  C CB   . VAL A 1 39  ? 8.300   0.843   -4.728  1.00 0.00 ? 39  VAL A CB   1 
ATOM   581  C CG1  . VAL A 1 39  ? 6.795   1.118   -4.766  1.00 0.00 ? 39  VAL A CG1  1 
ATOM   582  C CG2  . VAL A 1 39  ? 8.592   -0.644  -4.936  1.00 0.00 ? 39  VAL A CG2  1 
ATOM   583  H H    . VAL A 1 39  ? 10.686  1.392   -4.525  1.00 0.00 ? 39  VAL A H    1 
ATOM   584  H HA   . VAL A 1 39  ? 9.027   1.161   -6.711  1.00 0.00 ? 39  VAL A HA   1 
ATOM   585  H HB   . VAL A 1 39  ? 8.668   1.122   -3.740  1.00 0.00 ? 39  VAL A HB   1 
ATOM   586  H HG11 . VAL A 1 39  ? 6.486   1.307   -5.793  1.00 0.00 ? 39  VAL A HG11 1 
ATOM   587  H HG12 . VAL A 1 39  ? 6.258   0.252   -4.378  1.00 0.00 ? 39  VAL A HG12 1 
ATOM   588  H HG13 . VAL A 1 39  ? 6.570   1.989   -4.152  1.00 0.00 ? 39  VAL A HG13 1 
ATOM   589  H HG21 . VAL A 1 39  ? 8.639   -0.860  -6.004  1.00 0.00 ? 39  VAL A HG21 1 
ATOM   590  H HG22 . VAL A 1 39  ? 9.545   -0.896  -4.471  1.00 0.00 ? 39  VAL A HG22 1 
ATOM   591  H HG23 . VAL A 1 39  ? 7.798   -1.238  -4.481  1.00 0.00 ? 39  VAL A HG23 1 
ATOM   592  N N    . LEU A 1 40  ? 8.773   3.996   -5.088  1.00 0.00 ? 40  LEU A N    1 
ATOM   593  C CA   . LEU A 1 40  ? 8.248   5.348   -5.161  1.00 0.00 ? 40  LEU A CA   1 
ATOM   594  C C    . LEU A 1 40  ? 8.417   5.882   -6.585  1.00 0.00 ? 40  LEU A C    1 
ATOM   595  O O    . LEU A 1 40  ? 7.434   6.129   -7.280  1.00 0.00 ? 40  LEU A O    1 
ATOM   596  C CB   . LEU A 1 40  ? 8.896   6.230   -4.093  1.00 0.00 ? 40  LEU A CB   1 
ATOM   597  C CG   . LEU A 1 40  ? 8.085   7.450   -3.647  1.00 0.00 ? 40  LEU A CG   1 
ATOM   598  C CD1  . LEU A 1 40  ? 6.614   7.084   -3.440  1.00 0.00 ? 40  LEU A CD1  1 
ATOM   599  C CD2  . LEU A 1 40  ? 8.698   8.091   -2.400  1.00 0.00 ? 40  LEU A CD2  1 
ATOM   600  H H    . LEU A 1 40  ? 9.416   3.830   -4.341  1.00 0.00 ? 40  LEU A H    1 
ATOM   601  H HA   . LEU A 1 40  ? 7.183   5.298   -4.936  1.00 0.00 ? 40  LEU A HA   1 
ATOM   602  H HB2  . LEU A 1 40  ? 9.100   5.616   -3.216  1.00 0.00 ? 40  LEU A HB2  1 
ATOM   603  H HB3  . LEU A 1 40  ? 9.859   6.578   -4.469  1.00 0.00 ? 40  LEU A HB3  1 
ATOM   604  H HG   . LEU A 1 40  ? 8.123   8.194   -4.443  1.00 0.00 ? 40  LEU A HG   1 
ATOM   605  H HD11 . LEU A 1 40  ? 6.081   7.174   -4.386  1.00 0.00 ? 40  LEU A HD11 1 
ATOM   606  H HD12 . LEU A 1 40  ? 6.543   6.059   -3.078  1.00 0.00 ? 40  LEU A HD12 1 
ATOM   607  H HD13 . LEU A 1 40  ? 6.172   7.760   -2.707  1.00 0.00 ? 40  LEU A HD13 1 
ATOM   608  H HD21 . LEU A 1 40  ? 9.560   7.507   -2.078  1.00 0.00 ? 40  LEU A HD21 1 
ATOM   609  H HD22 . LEU A 1 40  ? 9.014   9.107   -2.633  1.00 0.00 ? 40  LEU A HD22 1 
ATOM   610  H HD23 . LEU A 1 40  ? 7.957   8.113   -1.602  1.00 0.00 ? 40  LEU A HD23 1 
ATOM   611  N N    . ALA A 1 41  ? 9.673   6.044   -6.976  1.00 0.00 ? 41  ALA A N    1 
ATOM   612  C CA   . ALA A 1 41  ? 9.984   6.543   -8.304  1.00 0.00 ? 41  ALA A CA   1 
ATOM   613  C C    . ALA A 1 41  ? 9.460   5.558   -9.351  1.00 0.00 ? 41  ALA A C    1 
ATOM   614  O O    . ALA A 1 41  ? 9.399   5.880   -10.537 1.00 0.00 ? 41  ALA A O    1 
ATOM   615  C CB   . ALA A 1 41  ? 11.493  6.772   -8.424  1.00 0.00 ? 41  ALA A CB   1 
ATOM   616  H H    . ALA A 1 41  ? 10.468  5.841   -6.404  1.00 0.00 ? 41  ALA A H    1 
ATOM   617  H HA   . ALA A 1 41  ? 9.474   7.499   -8.428  1.00 0.00 ? 41  ALA A HA   1 
ATOM   618  H HB1  . ALA A 1 41  ? 11.709  7.291   -9.357  1.00 0.00 ? 41  ALA A HB1  1 
ATOM   619  H HB2  . ALA A 1 41  ? 11.836  7.376   -7.584  1.00 0.00 ? 41  ALA A HB2  1 
ATOM   620  H HB3  . ALA A 1 41  ? 12.007  5.811   -8.415  1.00 0.00 ? 41  ALA A HB3  1 
ATOM   621  N N    . ALA A 1 42  ? 9.092   4.377   -8.874  1.00 0.00 ? 42  ALA A N    1 
ATOM   622  C CA   . ALA A 1 42  ? 8.574   3.344   -9.754  1.00 0.00 ? 42  ALA A CA   1 
ATOM   623  C C    . ALA A 1 42  ? 7.045   3.345   -9.691  1.00 0.00 ? 42  ALA A C    1 
ATOM   624  O O    . ALA A 1 42  ? 6.392   2.545   -10.357 1.00 0.00 ? 42  ALA A O    1 
ATOM   625  C CB   . ALA A 1 42  ? 9.173   1.991   -9.361  1.00 0.00 ? 42  ALA A CB   1 
ATOM   626  H H    . ALA A 1 42  ? 9.144   4.123   -7.908  1.00 0.00 ? 42  ALA A H    1 
ATOM   627  H HA   . ALA A 1 42  ? 8.887   3.585   -10.769 1.00 0.00 ? 42  ALA A HA   1 
ATOM   628  H HB1  . ALA A 1 42  ? 8.516   1.498   -8.645  1.00 0.00 ? 42  ALA A HB1  1 
ATOM   629  H HB2  . ALA A 1 42  ? 9.277   1.369   -10.250 1.00 0.00 ? 42  ALA A HB2  1 
ATOM   630  H HB3  . ALA A 1 42  ? 10.152  2.146   -8.908  1.00 0.00 ? 42  ALA A HB3  1 
ATOM   631  N N    . LEU A 1 43  ? 6.520   4.253   -8.881  1.00 0.00 ? 43  LEU A N    1 
ATOM   632  C CA   . LEU A 1 43  ? 5.079   4.369   -8.721  1.00 0.00 ? 43  LEU A CA   1 
ATOM   633  C C    . LEU A 1 43  ? 4.552   5.451   -9.666  1.00 0.00 ? 43  LEU A C    1 
ATOM   634  O O    . LEU A 1 43  ? 3.419   5.369   -10.137 1.00 0.00 ? 43  LEU A O    1 
ATOM   635  C CB   . LEU A 1 43  ? 4.721   4.606   -7.253  1.00 0.00 ? 43  LEU A CB   1 
ATOM   636  C CG   . LEU A 1 43  ? 4.012   3.451   -6.541  1.00 0.00 ? 43  LEU A CG   1 
ATOM   637  C CD1  . LEU A 1 43  ? 3.649   3.834   -5.105  1.00 0.00 ? 43  LEU A CD1  1 
ATOM   638  C CD2  . LEU A 1 43  ? 2.793   2.982   -7.337  1.00 0.00 ? 43  LEU A CD2  1 
ATOM   639  H H    . LEU A 1 43  ? 7.058   4.901   -8.342  1.00 0.00 ? 43  LEU A H    1 
ATOM   640  H HA   . LEU A 1 43  ? 4.642   3.414   -9.010  1.00 0.00 ? 43  LEU A HA   1 
ATOM   641  H HB2  . LEU A 1 43  ? 5.636   4.835   -6.709  1.00 0.00 ? 43  LEU A HB2  1 
ATOM   642  H HB3  . LEU A 1 43  ? 4.084   5.488   -7.193  1.00 0.00 ? 43  LEU A HB3  1 
ATOM   643  H HG   . LEU A 1 43  ? 4.703   2.609   -6.485  1.00 0.00 ? 43  LEU A HG   1 
ATOM   644  H HD11 . LEU A 1 43  ? 4.249   3.247   -4.410  1.00 0.00 ? 43  LEU A HD11 1 
ATOM   645  H HD12 . LEU A 1 43  ? 3.846   4.894   -4.950  1.00 0.00 ? 43  LEU A HD12 1 
ATOM   646  H HD13 . LEU A 1 43  ? 2.592   3.633   -4.932  1.00 0.00 ? 43  LEU A HD13 1 
ATOM   647  H HD21 . LEU A 1 43  ? 2.861   1.908   -7.505  1.00 0.00 ? 43  LEU A HD21 1 
ATOM   648  H HD22 . LEU A 1 43  ? 1.886   3.205   -6.775  1.00 0.00 ? 43  LEU A HD22 1 
ATOM   649  H HD23 . LEU A 1 43  ? 2.764   3.500   -8.295  1.00 0.00 ? 43  LEU A HD23 1 
ATOM   650  N N    . ALA A 1 44  ? 5.399   6.438   -9.915  1.00 0.00 ? 44  ALA A N    1 
ATOM   651  C CA   . ALA A 1 44  ? 5.031   7.535   -10.795 1.00 0.00 ? 44  ALA A CA   1 
ATOM   652  C C    . ALA A 1 44  ? 5.306   7.134   -12.245 1.00 0.00 ? 44  ALA A C    1 
ATOM   653  O O    . ALA A 1 44  ? 5.217   7.962   -13.150 1.00 0.00 ? 44  ALA A O    1 
ATOM   654  C CB   . ALA A 1 44  ? 5.794   8.797   -10.385 1.00 0.00 ? 44  ALA A CB   1 
ATOM   655  H H    . ALA A 1 44  ? 6.319   6.497   -9.528  1.00 0.00 ? 44  ALA A H    1 
ATOM   656  H HA   . ALA A 1 44  ? 3.963   7.716   -10.673 1.00 0.00 ? 44  ALA A HA   1 
ATOM   657  H HB1  . ALA A 1 44  ? 6.483   9.079   -11.181 1.00 0.00 ? 44  ALA A HB1  1 
ATOM   658  H HB2  . ALA A 1 44  ? 5.087   9.608   -10.209 1.00 0.00 ? 44  ALA A HB2  1 
ATOM   659  H HB3  . ALA A 1 44  ? 6.356   8.601   -9.472  1.00 0.00 ? 44  ALA A HB3  1 
ATOM   660  N N    . SER A 1 45  ? 5.633   5.862   -12.422 1.00 0.00 ? 45  SER A N    1 
ATOM   661  C CA   . SER A 1 45  ? 5.921   5.341   -13.747 1.00 0.00 ? 45  SER A CA   1 
ATOM   662  C C    . SER A 1 45  ? 4.891   4.274   -14.125 1.00 0.00 ? 45  SER A C    1 
ATOM   663  O O    . SER A 1 45  ? 4.217   4.391   -15.147 1.00 0.00 ? 45  SER A O    1 
ATOM   664  C CB   . SER A 1 45  ? 7.335   4.760   -13.815 1.00 0.00 ? 45  SER A CB   1 
ATOM   665  O OG   . SER A 1 45  ? 7.377   3.404   -13.382 1.00 0.00 ? 45  SER A OG   1 
ATOM   666  H H    . SER A 1 45  ? 5.703   5.194   -11.681 1.00 0.00 ? 45  SER A H    1 
ATOM   667  H HA   . SER A 1 45  ? 5.848   6.197   -14.417 1.00 0.00 ? 45  SER A HA   1 
ATOM   668  H HB2  . SER A 1 45  ? 7.705   4.825   -14.839 1.00 0.00 ? 45  SER A HB2  1 
ATOM   669  H HB3  . SER A 1 45  ? 8.003   5.359   -13.197 1.00 0.00 ? 45  SER A HB3  1 
ATOM   670  H HG   . SER A 1 45  ? 7.604   2.805   -14.150 1.00 0.00 ? 45  SER A HG   1 
ATOM   671  N N    . LYS A 1 46  ? 4.801   3.258   -13.279 1.00 0.00 ? 46  LYS A N    1 
ATOM   672  C CA   . LYS A 1 46  ? 3.864   2.171   -13.512 1.00 0.00 ? 46  LYS A CA   1 
ATOM   673  C C    . LYS A 1 46  ? 2.596   2.413   -12.691 1.00 0.00 ? 46  LYS A C    1 
ATOM   674  O O    . LYS A 1 46  ? 1.581   2.856   -13.227 1.00 0.00 ? 46  LYS A O    1 
ATOM   675  C CB   . LYS A 1 46  ? 4.529   0.821   -13.233 1.00 0.00 ? 46  LYS A CB   1 
ATOM   676  C CG   . LYS A 1 46  ? 3.933   -0.276  -14.117 1.00 0.00 ? 46  LYS A CG   1 
ATOM   677  C CD   . LYS A 1 46  ? 4.827   -0.549  -15.329 1.00 0.00 ? 46  LYS A CD   1 
ATOM   678  C CE   . LYS A 1 46  ? 4.004   -1.069  -16.510 1.00 0.00 ? 46  LYS A CE   1 
ATOM   679  N NZ   . LYS A 1 46  ? 4.648   -0.701  -17.791 1.00 0.00 ? 46  LYS A NZ   1 
ATOM   680  H H    . LYS A 1 46  ? 5.354   3.170   -12.450 1.00 0.00 ? 46  LYS A H    1 
ATOM   681  H HA   . LYS A 1 46  ? 3.600   2.188   -14.568 1.00 0.00 ? 46  LYS A HA   1 
ATOM   682  H HB2  . LYS A 1 46  ? 5.603   0.896   -13.413 1.00 0.00 ? 46  LYS A HB2  1 
ATOM   683  H HB3  . LYS A 1 46  ? 4.400   0.559   -12.183 1.00 0.00 ? 46  LYS A HB3  1 
ATOM   684  H HG2  . LYS A 1 46  ? 3.814   -1.190  -13.536 1.00 0.00 ? 46  LYS A HG2  1 
ATOM   685  H HG3  . LYS A 1 46  ? 2.940   0.021   -14.452 1.00 0.00 ? 46  LYS A HG3  1 
ATOM   686  H HD2  . LYS A 1 46  ? 5.345   0.366   -15.617 1.00 0.00 ? 46  LYS A HD2  1 
ATOM   687  H HD3  . LYS A 1 46  ? 5.592   -1.279  -15.065 1.00 0.00 ? 46  LYS A HD3  1 
ATOM   688  H HE2  . LYS A 1 46  ? 3.906   -2.152  -16.442 1.00 0.00 ? 46  LYS A HE2  1 
ATOM   689  H HE3  . LYS A 1 46  ? 2.997   -0.654  -16.470 1.00 0.00 ? 46  LYS A HE3  1 
ATOM   690  H HZ1  . LYS A 1 46  ? 4.444   0.254   -18.004 1.00 0.00 ? 46  LYS A HZ1  1 
ATOM   691  H HZ2  . LYS A 1 46  ? 5.638   -0.822  -17.713 1.00 0.00 ? 46  LYS A HZ2  1 
ATOM   692  H HZ3  . LYS A 1 46  ? 4.297   -1.288  -18.521 1.00 0.00 ? 46  LYS A HZ3  1 
ATOM   693  N N    . THR A 1 47  ? 2.696   2.112   -11.404 1.00 0.00 ? 47  THR A N    1 
ATOM   694  C CA   . THR A 1 47  ? 1.569   2.291   -10.504 1.00 0.00 ? 47  THR A CA   1 
ATOM   695  C C    . THR A 1 47  ? 0.488   1.245   -10.788 1.00 0.00 ? 47  THR A C    1 
ATOM   696  O O    . THR A 1 47  ? -0.249  1.358   -11.766 1.00 0.00 ? 47  THR A O    1 
ATOM   697  C CB   . THR A 1 47  ? 1.072   3.731   -10.649 1.00 0.00 ? 47  THR A CB   1 
ATOM   698  O OG1  . THR A 1 47  ? 0.893   4.172   -9.306  1.00 0.00 ? 47  THR A OG1  1 
ATOM   699  C CG2  . THR A 1 47  ? -0.329  3.810   -11.260 1.00 0.00 ? 47  THR A CG2  1 
ATOM   700  H H    . THR A 1 47  ? 3.525   1.753   -10.977 1.00 0.00 ? 47  THR A H    1 
ATOM   701  H HA   . THR A 1 47  ? 1.915   2.126   -9.484  1.00 0.00 ? 47  THR A HA   1 
ATOM   702  H HB   . THR A 1 47  ? 1.780   4.331   -11.221 1.00 0.00 ? 47  THR A HB   1 
ATOM   703  H HG1  . THR A 1 47  ? 0.944   5.170   -9.264  1.00 0.00 ? 47  THR A HG1  1 
ATOM   704  H HG21 . THR A 1 47  ? -0.999  3.141   -10.717 1.00 0.00 ? 47  THR A HG21 1 
ATOM   705  H HG22 . THR A 1 47  ? -0.699  4.832   -11.189 1.00 0.00 ? 47  THR A HG22 1 
ATOM   706  H HG23 . THR A 1 47  ? -0.287  3.508   -12.306 1.00 0.00 ? 47  THR A HG23 1 
ATOM   707  N N    . PRO A 1 48  ? 0.429   0.224   -9.891  1.00 0.00 ? 48  PRO A N    1 
ATOM   708  C CA   . PRO A 1 48  ? -0.548  -0.842  -10.035 1.00 0.00 ? 48  PRO A CA   1 
ATOM   709  C C    . PRO A 1 48  ? -1.945  -0.362  -9.634  1.00 0.00 ? 48  PRO A C    1 
ATOM   710  O O    . PRO A 1 48  ? -2.196  0.839   -9.564  1.00 0.00 ? 48  PRO A O    1 
ATOM   711  C CB   . PRO A 1 48  ? -0.033  -1.970  -9.156  1.00 0.00 ? 48  PRO A CB   1 
ATOM   712  C CG   . PRO A 1 48  ? 0.957   -1.331  -8.196  1.00 0.00 ? 48  PRO A CG   1 
ATOM   713  C CD   . PRO A 1 48  ? 1.287   0.058   -8.721  1.00 0.00 ? 48  PRO A CD   1 
ATOM   714  H HA   . PRO A 1 48  ? -0.619  -1.120  -10.992 1.00 0.00 ? 48  PRO A HA   1 
ATOM   715  H HB2  . PRO A 1 48  ? -0.849  -2.446  -8.614  1.00 0.00 ? 48  PRO A HB2  1 
ATOM   716  H HB3  . PRO A 1 48  ? 0.448   -2.743  -9.754  1.00 0.00 ? 48  PRO A HB3  1 
ATOM   717  H HG2  . PRO A 1 48  ? 0.533   -1.268  -7.194  1.00 0.00 ? 48  PRO A HG2  1 
ATOM   718  H HG3  . PRO A 1 48  ? 1.862   -1.935  -8.121  1.00 0.00 ? 48  PRO A HG3  1 
ATOM   719  H HD2  . PRO A 1 48  ? 1.087   0.823   -7.972  1.00 0.00 ? 48  PRO A HD2  1 
ATOM   720  H HD3  . PRO A 1 48  ? 2.341   0.140   -8.988  1.00 0.00 ? 48  PRO A HD3  1 
ATOM   721  N N    . ASP A 1 49  ? -2.817  -1.328  -9.383  1.00 0.00 ? 49  ASP A N    1 
ATOM   722  C CA   . ASP A 1 49  ? -4.183  -1.019  -8.992  1.00 0.00 ? 49  ASP A CA   1 
ATOM   723  C C    . ASP A 1 49  ? -4.220  -0.703  -7.496  1.00 0.00 ? 49  ASP A C    1 
ATOM   724  O O    . ASP A 1 49  ? -5.193  -0.135  -7.001  1.00 0.00 ? 49  ASP A O    1 
ATOM   725  C CB   . ASP A 1 49  ? -5.111  -2.207  -9.248  1.00 0.00 ? 49  ASP A CB   1 
ATOM   726  C CG   . ASP A 1 49  ? -5.964  -2.100  -10.514 1.00 0.00 ? 49  ASP A CG   1 
ATOM   727  O OD1  . ASP A 1 49  ? -5.414  -1.628  -11.531 1.00 0.00 ? 49  ASP A OD1  1 
ATOM   728  O OD2  . ASP A 1 49  ? -7.149  -2.493  -10.434 1.00 0.00 ? 49  ASP A OD2  1 
ATOM   729  H H    . ASP A 1 49  ? -2.606  -2.303  -9.443  1.00 0.00 ? 49  ASP A H    1 
ATOM   730  H HA   . ASP A 1 49  ? -4.470  -0.165  -9.605  1.00 0.00 ? 49  ASP A HA   1 
ATOM   731  H HB2  . ASP A 1 49  ? -4.508  -3.114  -9.310  1.00 0.00 ? 49  ASP A HB2  1 
ATOM   732  H HB3  . ASP A 1 49  ? -5.773  -2.323  -8.389  1.00 0.00 ? 49  ASP A HB3  1 
ATOM   733  N N    . VAL A 1 50  ? -3.149  -1.085  -6.815  1.00 0.00 ? 50  VAL A N    1 
ATOM   734  C CA   . VAL A 1 50  ? -3.048  -0.849  -5.384  1.00 0.00 ? 50  VAL A CA   1 
ATOM   735  C C    . VAL A 1 50  ? -1.633  -1.191  -4.916  1.00 0.00 ? 50  VAL A C    1 
ATOM   736  O O    . VAL A 1 50  ? -0.871  -1.830  -5.640  1.00 0.00 ? 50  VAL A O    1 
ATOM   737  C CB   . VAL A 1 50  ? -4.130  -1.639  -4.646  1.00 0.00 ? 50  VAL A CB   1 
ATOM   738  C CG1  . VAL A 1 50  ? -4.135  -3.106  -5.087  1.00 0.00 ? 50  VAL A CG1  1 
ATOM   739  C CG2  . VAL A 1 50  ? -3.956  -1.524  -3.130  1.00 0.00 ? 50  VAL A CG2  1 
ATOM   740  H H    . VAL A 1 50  ? -2.362  -1.546  -7.224  1.00 0.00 ? 50  VAL A H    1 
ATOM   741  H HA   . VAL A 1 50  ? -3.228  0.211   -5.212  1.00 0.00 ? 50  VAL A HA   1 
ATOM   742  H HB   . VAL A 1 50  ? -5.097  -1.209  -4.907  1.00 0.00 ? 50  VAL A HB   1 
ATOM   743  H HG11 . VAL A 1 50  ? -3.758  -3.730  -4.278  1.00 0.00 ? 50  VAL A HG11 1 
ATOM   744  H HG12 . VAL A 1 50  ? -5.154  -3.407  -5.334  1.00 0.00 ? 50  VAL A HG12 1 
ATOM   745  H HG13 . VAL A 1 50  ? -3.500  -3.223  -5.964  1.00 0.00 ? 50  VAL A HG13 1 
ATOM   746  H HG21 . VAL A 1 50  ? -3.053  -2.057  -2.827  1.00 0.00 ? 50  VAL A HG21 1 
ATOM   747  H HG22 . VAL A 1 50  ? -3.869  -0.474  -2.854  1.00 0.00 ? 50  VAL A HG22 1 
ATOM   748  H HG23 . VAL A 1 50  ? -4.821  -1.961  -2.631  1.00 0.00 ? 50  VAL A HG23 1 
ATOM   749  N N    . LEU A 1 51  ? -1.323  -0.752  -3.704  1.00 0.00 ? 51  LEU A N    1 
ATOM   750  C CA   . LEU A 1 51  ? -0.013  -1.004  -3.129  1.00 0.00 ? 51  LEU A CA   1 
ATOM   751  C C    . LEU A 1 51  ? -0.090  -0.850  -1.608  1.00 0.00 ? 51  LEU A C    1 
ATOM   752  O O    . LEU A 1 51  ? -1.026  -0.246  -1.088  1.00 0.00 ? 51  LEU A O    1 
ATOM   753  C CB   . LEU A 1 51  ? 1.041   -0.110  -3.785  1.00 0.00 ? 51  LEU A CB   1 
ATOM   754  C CG   . LEU A 1 51  ? 2.104   0.472   -2.850  1.00 0.00 ? 51  LEU A CG   1 
ATOM   755  C CD1  . LEU A 1 51  ? 3.196   -0.558  -2.553  1.00 0.00 ? 51  LEU A CD1  1 
ATOM   756  C CD2  . LEU A 1 51  ? 2.681   1.772   -3.417  1.00 0.00 ? 51  LEU A CD2  1 
ATOM   757  H H    . LEU A 1 51  ? -1.948  -0.235  -3.121  1.00 0.00 ? 51  LEU A H    1 
ATOM   758  H HA   . LEU A 1 51  ? 0.252   -2.036  -3.358  1.00 0.00 ? 51  LEU A HA   1 
ATOM   759  H HB2  . LEU A 1 51  ? 1.544   -0.685  -4.562  1.00 0.00 ? 51  LEU A HB2  1 
ATOM   760  H HB3  . LEU A 1 51  ? 0.530   0.716   -4.280  1.00 0.00 ? 51  LEU A HB3  1 
ATOM   761  H HG   . LEU A 1 51  ? 1.628   0.718   -1.902  1.00 0.00 ? 51  LEU A HG   1 
ATOM   762  H HD11 . LEU A 1 51  ? 2.890   -1.532  -2.937  1.00 0.00 ? 51  LEU A HD11 1 
ATOM   763  H HD12 . LEU A 1 51  ? 4.125   -0.252  -3.034  1.00 0.00 ? 51  LEU A HD12 1 
ATOM   764  H HD13 . LEU A 1 51  ? 3.348   -0.624  -1.476  1.00 0.00 ? 51  LEU A HD13 1 
ATOM   765  H HD21 . LEU A 1 51  ? 2.811   1.672   -4.494  1.00 0.00 ? 51  LEU A HD21 1 
ATOM   766  H HD22 . LEU A 1 51  ? 1.996   2.594   -3.206  1.00 0.00 ? 51  LEU A HD22 1 
ATOM   767  H HD23 . LEU A 1 51  ? 3.645   1.974   -2.951  1.00 0.00 ? 51  LEU A HD23 1 
ATOM   768  N N    . LEU A 1 52  ? 0.908   -1.408  -0.937  1.00 0.00 ? 52  LEU A N    1 
ATOM   769  C CA   . LEU A 1 52  ? 0.965   -1.340  0.512   1.00 0.00 ? 52  LEU A CA   1 
ATOM   770  C C    . LEU A 1 52  ? 2.022   -0.315  0.928   1.00 0.00 ? 52  LEU A C    1 
ATOM   771  O O    . LEU A 1 52  ? 2.368   0.576   0.154   1.00 0.00 ? 52  LEU A O    1 
ATOM   772  C CB   . LEU A 1 52  ? 1.192   -2.733  1.104   1.00 0.00 ? 52  LEU A CB   1 
ATOM   773  C CG   . LEU A 1 52  ? 0.176   -3.187  2.154   1.00 0.00 ? 52  LEU A CG   1 
ATOM   774  C CD1  . LEU A 1 52  ? 0.329   -4.681  2.454   1.00 0.00 ? 52  LEU A CD1  1 
ATOM   775  C CD2  . LEU A 1 52  ? 0.278   -2.336  3.422   1.00 0.00 ? 52  LEU A CD2  1 
ATOM   776  H H    . LEU A 1 52  ? 1.667   -1.898  -1.368  1.00 0.00 ? 52  LEU A H    1 
ATOM   777  H HA   . LEU A 1 52  ? -0.007  -0.995  0.862   1.00 0.00 ? 52  LEU A HA   1 
ATOM   778  H HB2  . LEU A 1 52  ? 1.191   -3.456  0.290   1.00 0.00 ? 52  LEU A HB2  1 
ATOM   779  H HB3  . LEU A 1 52  ? 2.185   -2.758  1.554   1.00 0.00 ? 52  LEU A HB3  1 
ATOM   780  H HG   . LEU A 1 52  ? -0.825  -3.041  1.749   1.00 0.00 ? 52  LEU A HG   1 
ATOM   781  H HD11 . LEU A 1 52  ? -0.433  -5.239  1.911   1.00 0.00 ? 52  LEU A HD11 1 
ATOM   782  H HD12 . LEU A 1 52  ? 1.318   -5.014  2.140   1.00 0.00 ? 52  LEU A HD12 1 
ATOM   783  H HD13 . LEU A 1 52  ? 0.212   -4.850  3.525   1.00 0.00 ? 52  LEU A HD13 1 
ATOM   784  H HD21 . LEU A 1 52  ? 1.158   -2.636  3.992   1.00 0.00 ? 52  LEU A HD21 1 
ATOM   785  H HD22 . LEU A 1 52  ? 0.366   -1.284  3.146   1.00 0.00 ? 52  LEU A HD22 1 
ATOM   786  H HD23 . LEU A 1 52  ? -0.615  -2.479  4.029   1.00 0.00 ? 52  LEU A HD23 1 
ATOM   787  N N    . SER A 1 53  ? 2.505   -0.474  2.152   1.00 0.00 ? 53  SER A N    1 
ATOM   788  C CA   . SER A 1 53  ? 3.514   0.426   2.681   1.00 0.00 ? 53  SER A CA   1 
ATOM   789  C C    . SER A 1 53  ? 3.656   0.224   4.192   1.00 0.00 ? 53  SER A C    1 
ATOM   790  O O    . SER A 1 53  ? 2.974   0.880   4.977   1.00 0.00 ? 53  SER A O    1 
ATOM   791  C CB   . SER A 1 53  ? 3.170   1.883   2.372   1.00 0.00 ? 53  SER A CB   1 
ATOM   792  O OG   . SER A 1 53  ? 4.095   2.469   1.460   1.00 0.00 ? 53  SER A OG   1 
ATOM   793  H H    . SER A 1 53  ? 2.218   -1.202  2.776   1.00 0.00 ? 53  SER A H    1 
ATOM   794  H HA   . SER A 1 53  ? 4.438   0.155   2.172   1.00 0.00 ? 53  SER A HA   1 
ATOM   795  H HB2  . SER A 1 53  ? 2.165   1.937   1.953   1.00 0.00 ? 53  SER A HB2  1 
ATOM   796  H HB3  . SER A 1 53  ? 3.160   2.459   3.298   1.00 0.00 ? 53  SER A HB3  1 
ATOM   797  H HG   . SER A 1 53  ? 4.981   2.010   1.530   1.00 0.00 ? 53  SER A HG   1 
HETATM 798  N N    . PHD A 1 54  ? 4.547   -0.689  4.553   1.00 0.00 ? 54  PHD A N    1 
HETATM 799  C CA   . PHD A 1 54  ? 4.786   -0.986  5.956   1.00 0.00 ? 54  PHD A CA   1 
HETATM 800  C C    . PHD A 1 54  ? 6.268   -0.770  6.272   1.00 0.00 ? 54  PHD A C    1 
HETATM 801  O O    . PHD A 1 54  ? 7.122   -1.524  5.804   1.00 0.00 ? 54  PHD A O    1 
HETATM 802  C CB   . PHD A 1 54  ? 4.440   -2.441  6.279   1.00 0.00 ? 54  PHD A CB   1 
HETATM 803  C CG   . PHD A 1 54  ? 4.695   -2.860  7.726   1.00 0.00 ? 54  PHD A CG   1 
HETATM 804  O OD1  . PHD A 1 54  ? 4.857   -1.945  8.563   1.00 0.00 ? 54  PHD A OD1  1 
HETATM 805  O OD2  . PHD A 1 54  ? 4.721   -4.087  7.966   1.00 0.00 ? 54  PHD A OD2  1 
HETATM 806  H H    . PHD A 1 54  ? 5.098   -1.219  3.910   1.00 0.00 ? 54  PHD A H    1 
HETATM 807  H HA   . PHD A 1 54  ? 4.140   -0.303  6.508   1.00 0.00 ? 54  PHD A HA   1 
HETATM 808  H HB2  . PHD A 1 54  ? 5.018   -3.090  5.620   1.00 0.00 ? 54  PHD A HB2  1 
HETATM 809  H HB3  . PHD A 1 54  ? 3.387   -2.607  6.046   1.00 0.00 ? 54  PHD A HB3  1 
ATOM   810  N N    . ILE A 1 55  ? 6.529   0.259   7.064   1.00 0.00 ? 55  ILE A N    1 
ATOM   811  C CA   . ILE A 1 55  ? 7.892   0.582   7.447   1.00 0.00 ? 55  ILE A CA   1 
ATOM   812  C C    . ILE A 1 55  ? 7.877   1.750   8.436   1.00 0.00 ? 55  ILE A C    1 
ATOM   813  O O    . ILE A 1 55  ? 6.955   1.875   9.241   1.00 0.00 ? 55  ILE A O    1 
ATOM   814  C CB   . ILE A 1 55  ? 8.752   0.838   6.208   1.00 0.00 ? 55  ILE A CB   1 
ATOM   815  C CG1  . ILE A 1 55  ? 10.218  0.488   6.475   1.00 0.00 ? 55  ILE A CG1  1 
ATOM   816  C CG2  . ILE A 1 55  ? 8.586   2.276   5.713   1.00 0.00 ? 55  ILE A CG2  1 
ATOM   817  C CD1  . ILE A 1 55  ? 10.434  -1.025  6.443   1.00 0.00 ? 55  ILE A CD1  1 
ATOM   818  H H    . ILE A 1 55  ? 5.829   0.867   7.439   1.00 0.00 ? 55  ILE A H    1 
ATOM   819  H HA   . ILE A 1 55  ? 8.305   -0.292  7.951   1.00 0.00 ? 55  ILE A HA   1 
ATOM   820  H HB   . ILE A 1 55  ? 8.405   0.181   5.410   1.00 0.00 ? 55  ILE A HB   1 
ATOM   821  H HG12 . ILE A 1 55  ? 10.851  0.967   5.727   1.00 0.00 ? 55  ILE A HG12 1 
ATOM   822  H HG13 . ILE A 1 55  ? 10.517  0.883   7.446   1.00 0.00 ? 55  ILE A HG13 1 
ATOM   823  H HG21 . ILE A 1 55  ? 9.544   2.793   5.771   1.00 0.00 ? 55  ILE A HG21 1 
ATOM   824  H HG22 . ILE A 1 55  ? 8.241   2.267   4.678   1.00 0.00 ? 55  ILE A HG22 1 
ATOM   825  H HG23 . ILE A 1 55  ? 7.856   2.793   6.335   1.00 0.00 ? 55  ILE A HG23 1 
ATOM   826  H HD11 . ILE A 1 55  ? 10.867  -1.350  7.389   1.00 0.00 ? 55  ILE A HD11 1 
ATOM   827  H HD12 . ILE A 1 55  ? 9.479   -1.527  6.288   1.00 0.00 ? 55  ILE A HD12 1 
ATOM   828  H HD13 . ILE A 1 55  ? 11.114  -1.278  5.628   1.00 0.00 ? 55  ILE A HD13 1 
ATOM   829  N N    . ARG A 1 56  ? 8.907   2.577   8.342   1.00 0.00 ? 56  ARG A N    1 
ATOM   830  C CA   . ARG A 1 56  ? 9.024   3.730   9.219   1.00 0.00 ? 56  ARG A CA   1 
ATOM   831  C C    . ARG A 1 56  ? 10.353  4.449   8.977   1.00 0.00 ? 56  ARG A C    1 
ATOM   832  O O    . ARG A 1 56  ? 10.990  4.916   9.918   1.00 0.00 ? 56  ARG A O    1 
ATOM   833  C CB   . ARG A 1 56  ? 8.936   3.315   10.688  1.00 0.00 ? 56  ARG A CB   1 
ATOM   834  C CG   . ARG A 1 56  ? 10.067  2.352   11.055  1.00 0.00 ? 56  ARG A CG   1 
ATOM   835  C CD   . ARG A 1 56  ? 9.523   0.953   11.346  1.00 0.00 ? 56  ARG A CD   1 
ATOM   836  N NE   . ARG A 1 56  ? 10.564  -0.063  11.075  1.00 0.00 ? 56  ARG A NE   1 
ATOM   837  C CZ   . ARG A 1 56  ? 11.611  -0.300  11.878  1.00 0.00 ? 56  ARG A CZ   1 
ATOM   838  N NH1  . ARG A 1 56  ? 11.759  0.405   13.008  1.00 0.00 ? 56  ARG A NH1  1 
ATOM   839  N NH2  . ARG A 1 56  ? 12.507  -1.241  11.552  1.00 0.00 ? 56  ARG A NH2  1 
ATOM   840  H H    . ARG A 1 56  ? 9.653   2.469   7.685   1.00 0.00 ? 56  ARG A H    1 
ATOM   841  H HA   . ARG A 1 56  ? 8.180   4.366   8.955   1.00 0.00 ? 56  ARG A HA   1 
ATOM   842  H HB2  . ARG A 1 56  ? 8.988   4.200   11.324  1.00 0.00 ? 56  ARG A HB2  1 
ATOM   843  H HB3  . ARG A 1 56  ? 7.974   2.842   10.880  1.00 0.00 ? 56  ARG A HB3  1 
ATOM   844  H HG2  . ARG A 1 56  ? 10.787  2.302   10.238  1.00 0.00 ? 56  ARG A HG2  1 
ATOM   845  H HG3  . ARG A 1 56  ? 10.601  2.727   11.929  1.00 0.00 ? 56  ARG A HG3  1 
ATOM   846  H HD2  . ARG A 1 56  ? 9.201   0.887   12.385  1.00 0.00 ? 56  ARG A HD2  1 
ATOM   847  H HD3  . ARG A 1 56  ? 8.645   0.759   10.729  1.00 0.00 ? 56  ARG A HD3  1 
ATOM   848  H HE   . ARG A 1 56  ? 10.484  -0.607  10.240  1.00 0.00 ? 56  ARG A HE   1 
ATOM   849  H HH11 . ARG A 1 56  ? 11.091  1.108   13.252  1.00 0.00 ? 56  ARG A HH11 1 
ATOM   850  H HH12 . ARG A 1 56  ? 12.541  0.229   13.608  1.00 0.00 ? 56  ARG A HH12 1 
ATOM   851  H HH21 . ARG A 1 56  ? 12.396  -1.766  10.710  1.00 0.00 ? 56  ARG A HH21 1 
ATOM   852  H HH22 . ARG A 1 56  ? 13.288  -1.416  12.151  1.00 0.00 ? 56  ARG A HH22 1 
ATOM   853  N N    . MET A 1 57  ? 10.730  4.515   7.708   1.00 0.00 ? 57  MET A N    1 
ATOM   854  C CA   . MET A 1 57  ? 11.971  5.171   7.330   1.00 0.00 ? 57  MET A CA   1 
ATOM   855  C C    . MET A 1 57  ? 11.698  6.406   6.470   1.00 0.00 ? 57  MET A C    1 
ATOM   856  O O    . MET A 1 57  ? 10.704  6.460   5.750   1.00 0.00 ? 57  MET A O    1 
ATOM   857  C CB   . MET A 1 57  ? 12.849  4.189   6.550   1.00 0.00 ? 57  MET A CB   1 
ATOM   858  C CG   . MET A 1 57  ? 12.142  3.712   5.279   1.00 0.00 ? 57  MET A CG   1 
ATOM   859  S SD   . MET A 1 57  ? 13.339  3.427   3.985   1.00 0.00 ? 57  MET A SD   1 
ATOM   860  C CE   . MET A 1 57  ? 12.838  4.683   2.820   1.00 0.00 ? 57  MET A CE   1 
ATOM   861  H H    . MET A 1 57  ? 10.205  4.133   6.948   1.00 0.00 ? 57  MET A H    1 
ATOM   862  H HA   . MET A 1 57  ? 12.442  5.466   8.266   1.00 0.00 ? 57  MET A HA   1 
ATOM   863  H HB2  . MET A 1 57  ? 13.792  4.667   6.289   1.00 0.00 ? 57  MET A HB2  1 
ATOM   864  H HB3  . MET A 1 57  ? 13.090  3.332   7.180   1.00 0.00 ? 57  MET A HB3  1 
ATOM   865  H HG2  . MET A 1 57  ? 11.590  2.794   5.483   1.00 0.00 ? 57  MET A HG2  1 
ATOM   866  H HG3  . MET A 1 57  ? 11.415  4.457   4.956   1.00 0.00 ? 57  MET A HG3  1 
ATOM   867  H HE1  . MET A 1 57  ? 13.648  5.402   2.688   1.00 0.00 ? 57  MET A HE1  1 
ATOM   868  H HE2  . MET A 1 57  ? 12.607  4.218   1.861   1.00 0.00 ? 57  MET A HE2  1 
ATOM   869  H HE3  . MET A 1 57  ? 11.954  5.197   3.196   1.00 0.00 ? 57  MET A HE3  1 
ATOM   870  N N    . PRO A 1 58  ? 12.626  7.396   6.578   1.00 0.00 ? 58  PRO A N    1 
ATOM   871  C CA   . PRO A 1 58  ? 12.496  8.628   5.818   1.00 0.00 ? 58  PRO A CA   1 
ATOM   872  C C    . PRO A 1 58  ? 12.852  8.406   4.347   1.00 0.00 ? 58  PRO A C    1 
ATOM   873  O O    . PRO A 1 58  ? 13.187  7.292   3.947   1.00 0.00 ? 58  PRO A O    1 
ATOM   874  C CB   . PRO A 1 58  ? 13.422  9.616   6.511   1.00 0.00 ? 58  PRO A CB   1 
ATOM   875  C CG   . PRO A 1 58  ? 14.381  8.777   7.341   1.00 0.00 ? 58  PRO A CG   1 
ATOM   876  C CD   . PRO A 1 58  ? 13.818  7.367   7.420   1.00 0.00 ? 58  PRO A CD   1 
ATOM   877  H HA   . PRO A 1 58  ? 11.546  8.942   5.826   1.00 0.00 ? 58  PRO A HA   1 
ATOM   878  H HB2  . PRO A 1 58  ? 13.961  10.221  5.783   1.00 0.00 ? 58  PRO A HB2  1 
ATOM   879  H HB3  . PRO A 1 58  ? 12.858  10.303  7.142   1.00 0.00 ? 58  PRO A HB3  1 
ATOM   880  H HG2  . PRO A 1 58  ? 15.371  8.767   6.885   1.00 0.00 ? 58  PRO A HG2  1 
ATOM   881  H HG3  . PRO A 1 58  ? 14.493  9.200   8.338   1.00 0.00 ? 58  PRO A HG3  1 
ATOM   882  H HD2  . PRO A 1 58  ? 14.539  6.633   7.062   1.00 0.00 ? 58  PRO A HD2  1 
ATOM   883  H HD3  . PRO A 1 58  ? 13.571  7.097   8.448   1.00 0.00 ? 58  PRO A HD3  1 
ATOM   884  N N    . GLY A 1 59  ? 12.767  9.484   3.582   1.00 0.00 ? 59  GLY A N    1 
ATOM   885  C CA   . GLY A 1 59  ? 13.077  9.422   2.164   1.00 0.00 ? 59  GLY A CA   1 
ATOM   886  C C    . GLY A 1 59  ? 11.848  9.004   1.353   1.00 0.00 ? 59  GLY A C    1 
ATOM   887  O O    . GLY A 1 59  ? 11.641  9.487   0.241   1.00 0.00 ? 59  GLY A O    1 
ATOM   888  H H    . GLY A 1 59  ? 12.495  10.386  3.915   1.00 0.00 ? 59  GLY A H    1 
ATOM   889  H HA2  . GLY A 1 59  ? 13.430  10.394  1.821   1.00 0.00 ? 59  GLY A HA2  1 
ATOM   890  H HA3  . GLY A 1 59  ? 13.886  8.710   1.996   1.00 0.00 ? 59  GLY A HA3  1 
ATOM   891  N N    . MET A 1 60  ? 11.065  8.112   1.941   1.00 0.00 ? 60  MET A N    1 
ATOM   892  C CA   . MET A 1 60  ? 9.863   7.624   1.288   1.00 0.00 ? 60  MET A CA   1 
ATOM   893  C C    . MET A 1 60  ? 8.711   7.489   2.286   1.00 0.00 ? 60  MET A C    1 
ATOM   894  O O    . MET A 1 60  ? 7.866   8.378   2.387   1.00 0.00 ? 60  MET A O    1 
ATOM   895  C CB   . MET A 1 60  ? 10.144  6.263   0.648   1.00 0.00 ? 60  MET A CB   1 
ATOM   896  C CG   . MET A 1 60  ? 8.878   5.679   0.020   1.00 0.00 ? 60  MET A CG   1 
ATOM   897  S SD   . MET A 1 60  ? 8.870   3.903   0.199   1.00 0.00 ? 60  MET A SD   1 
ATOM   898  C CE   . MET A 1 60  ? 7.941   3.749   1.715   1.00 0.00 ? 60  MET A CE   1 
ATOM   899  H H    . MET A 1 60  ? 11.241  7.724   2.845   1.00 0.00 ? 60  MET A H    1 
ATOM   900  H HA   . MET A 1 60  ? 9.614   8.373   0.535   1.00 0.00 ? 60  MET A HA   1 
ATOM   901  H HB2  . MET A 1 60  ? 10.918  6.369   -0.114  1.00 0.00 ? 60  MET A HB2  1 
ATOM   902  H HB3  . MET A 1 60  ? 10.532  5.577   1.402   1.00 0.00 ? 60  MET A HB3  1 
ATOM   903  H HG2  . MET A 1 60  ? 7.996   6.105   0.497   1.00 0.00 ? 60  MET A HG2  1 
ATOM   904  H HG3  . MET A 1 60  ? 8.829   5.947   -1.036  1.00 0.00 ? 60  MET A HG3  1 
ATOM   905  H HE1  . MET A 1 60  ? 7.199   4.545   1.769   1.00 0.00 ? 60  MET A HE1  1 
ATOM   906  H HE2  . MET A 1 60  ? 7.438   2.783   1.736   1.00 0.00 ? 60  MET A HE2  1 
ATOM   907  H HE3  . MET A 1 60  ? 8.618   3.824   2.566   1.00 0.00 ? 60  MET A HE3  1 
ATOM   908  N N    . ASP A 1 61  ? 8.717   6.374   2.999   1.00 0.00 ? 61  ASP A N    1 
ATOM   909  C CA   . ASP A 1 61  ? 7.682   6.111   3.986   1.00 0.00 ? 61  ASP A CA   1 
ATOM   910  C C    . ASP A 1 61  ? 6.309   6.324   3.349   1.00 0.00 ? 61  ASP A C    1 
ATOM   911  O O    . ASP A 1 61  ? 6.202   6.919   2.277   1.00 0.00 ? 61  ASP A O    1 
ATOM   912  C CB   . ASP A 1 61  ? 7.804   7.064   5.177   1.00 0.00 ? 61  ASP A CB   1 
ATOM   913  C CG   . ASP A 1 61  ? 6.551   7.174   6.048   1.00 0.00 ? 61  ASP A CG   1 
ATOM   914  O OD1  . ASP A 1 61  ? 5.982   6.107   6.359   1.00 0.00 ? 61  ASP A OD1  1 
ATOM   915  O OD2  . ASP A 1 61  ? 6.192   8.323   6.383   1.00 0.00 ? 61  ASP A OD2  1 
ATOM   916  H H    . ASP A 1 61  ? 9.408   5.656   2.911   1.00 0.00 ? 61  ASP A H    1 
ATOM   917  H HA   . ASP A 1 61  ? 7.842   5.079   4.301   1.00 0.00 ? 61  ASP A HA   1 
ATOM   918  H HB2  . ASP A 1 61  ? 8.635   6.736   5.802   1.00 0.00 ? 61  ASP A HB2  1 
ATOM   919  H HB3  . ASP A 1 61  ? 8.058   8.056   4.805   1.00 0.00 ? 61  ASP A HB3  1 
ATOM   920  N N    . GLY A 1 62  ? 5.290   5.826   4.034   1.00 0.00 ? 62  GLY A N    1 
ATOM   921  C CA   . GLY A 1 62  ? 3.927   5.954   3.548   1.00 0.00 ? 62  GLY A CA   1 
ATOM   922  C C    . GLY A 1 62  ? 3.486   7.419   3.531   1.00 0.00 ? 62  GLY A C    1 
ATOM   923  O O    . GLY A 1 62  ? 3.733   8.135   2.561   1.00 0.00 ? 62  GLY A O    1 
ATOM   924  H H    . GLY A 1 62  ? 5.384   5.343   4.904   1.00 0.00 ? 62  GLY A H    1 
ATOM   925  H HA2  . GLY A 1 62  ? 3.854   5.538   2.543   1.00 0.00 ? 62  GLY A HA2  1 
ATOM   926  H HA3  . GLY A 1 62  ? 3.255   5.376   4.183   1.00 0.00 ? 62  GLY A HA3  1 
ATOM   927  N N    . LEU A 1 63  ? 2.842   7.823   4.616   1.00 0.00 ? 63  LEU A N    1 
ATOM   928  C CA   . LEU A 1 63  ? 2.365   9.190   4.738   1.00 0.00 ? 63  LEU A CA   1 
ATOM   929  C C    . LEU A 1 63  ? 3.541   10.154  4.568   1.00 0.00 ? 63  LEU A C    1 
ATOM   930  O O    . LEU A 1 63  ? 3.441   11.138  3.837   1.00 0.00 ? 63  LEU A O    1 
ATOM   931  C CB   . LEU A 1 63  ? 1.603   9.377   6.052   1.00 0.00 ? 63  LEU A CB   1 
ATOM   932  C CG   . LEU A 1 63  ? 1.645   10.781  6.657   1.00 0.00 ? 63  LEU A CG   1 
ATOM   933  C CD1  . LEU A 1 63  ? 2.909   10.978  7.496   1.00 0.00 ? 63  LEU A CD1  1 
ATOM   934  C CD2  . LEU A 1 63  ? 1.505   11.851  5.573   1.00 0.00 ? 63  LEU A CD2  1 
ATOM   935  H H    . LEU A 1 63  ? 2.647   7.235   5.401   1.00 0.00 ? 63  LEU A H    1 
ATOM   936  H HA   . LEU A 1 63  ? 1.657   9.362   3.929   1.00 0.00 ? 63  LEU A HA   1 
ATOM   937  H HB2  . LEU A 1 63  ? 0.561   9.105   5.886   1.00 0.00 ? 63  LEU A HB2  1 
ATOM   938  H HB3  . LEU A 1 63  ? 2.003   8.675   6.784   1.00 0.00 ? 63  LEU A HB3  1 
ATOM   939  H HG   . LEU A 1 63  ? 0.794   10.889  7.329   1.00 0.00 ? 63  LEU A HG   1 
ATOM   940  H HD11 . LEU A 1 63  ? 3.663   10.253  7.194   1.00 0.00 ? 63  LEU A HD11 1 
ATOM   941  H HD12 . LEU A 1 63  ? 3.294   11.987  7.343   1.00 0.00 ? 63  LEU A HD12 1 
ATOM   942  H HD13 . LEU A 1 63  ? 2.672   10.837  8.551   1.00 0.00 ? 63  LEU A HD13 1 
ATOM   943  H HD21 . LEU A 1 63  ? 0.754   12.579  5.878   1.00 0.00 ? 63  LEU A HD21 1 
ATOM   944  H HD22 . LEU A 1 63  ? 2.462   12.352  5.431   1.00 0.00 ? 63  LEU A HD22 1 
ATOM   945  H HD23 . LEU A 1 63  ? 1.198   11.381  4.638   1.00 0.00 ? 63  LEU A HD23 1 
ATOM   946  N N    . ALA A 1 64  ? 4.630   9.836   5.254   1.00 0.00 ? 64  ALA A N    1 
ATOM   947  C CA   . ALA A 1 64  ? 5.824   10.662  5.186   1.00 0.00 ? 64  ALA A CA   1 
ATOM   948  C C    . ALA A 1 64  ? 5.416   12.128  5.037   1.00 0.00 ? 64  ALA A C    1 
ATOM   949  O O    . ALA A 1 64  ? 4.469   12.582  5.677   1.00 0.00 ? 64  ALA A O    1 
ATOM   950  C CB   . ALA A 1 64  ? 6.711   10.182  4.036   1.00 0.00 ? 64  ALA A CB   1 
ATOM   951  H H    . ALA A 1 64  ? 4.703   9.034   5.846   1.00 0.00 ? 64  ALA A H    1 
ATOM   952  H HA   . ALA A 1 64  ? 6.366   10.536  6.123   1.00 0.00 ? 64  ALA A HA   1 
ATOM   953  H HB1  . ALA A 1 64  ? 7.752   10.418  4.257   1.00 0.00 ? 64  ALA A HB1  1 
ATOM   954  H HB2  . ALA A 1 64  ? 6.600   9.105   3.915   1.00 0.00 ? 64  ALA A HB2  1 
ATOM   955  H HB3  . ALA A 1 64  ? 6.413   10.683  3.115   1.00 0.00 ? 64  ALA A HB3  1 
ATOM   956  N N    . LEU A 1 65  ? 6.155   12.830  4.190   1.00 0.00 ? 65  LEU A N    1 
ATOM   957  C CA   . LEU A 1 65  ? 5.881   14.237  3.949   1.00 0.00 ? 65  LEU A CA   1 
ATOM   958  C C    . LEU A 1 65  ? 4.379   14.433  3.733   1.00 0.00 ? 65  LEU A C    1 
ATOM   959  O O    . LEU A 1 65  ? 3.638   14.664  4.685   1.00 0.00 ? 65  LEU A O    1 
ATOM   960  C CB   . LEU A 1 65  ? 6.742   14.760  2.796   1.00 0.00 ? 65  LEU A CB   1 
ATOM   961  C CG   . LEU A 1 65  ? 7.954   15.604  3.193   1.00 0.00 ? 65  LEU A CG   1 
ATOM   962  C CD1  . LEU A 1 65  ? 7.521   16.897  3.887   1.00 0.00 ? 65  LEU A CD1  1 
ATOM   963  C CD2  . LEU A 1 65  ? 8.930   14.793  4.050   1.00 0.00 ? 65  LEU A CD2  1 
ATOM   964  H H    . LEU A 1 65  ? 6.924   12.455  3.674   1.00 0.00 ? 65  LEU A H    1 
ATOM   965  H HA   . LEU A 1 65  ? 6.177   14.786  4.844   1.00 0.00 ? 65  LEU A HA   1 
ATOM   966  H HB2  . LEU A 1 65  ? 7.092   13.906  2.215   1.00 0.00 ? 65  LEU A HB2  1 
ATOM   967  H HB3  . LEU A 1 65  ? 6.109   15.356  2.138   1.00 0.00 ? 65  LEU A HB3  1 
ATOM   968  H HG   . LEU A 1 65  ? 8.486   15.889  2.285   1.00 0.00 ? 65  LEU A HG   1 
ATOM   969  H HD11 . LEU A 1 65  ? 8.065   17.739  3.459   1.00 0.00 ? 65  LEU A HD11 1 
ATOM   970  H HD12 . LEU A 1 65  ? 6.450   17.043  3.743   1.00 0.00 ? 65  LEU A HD12 1 
ATOM   971  H HD13 . LEU A 1 65  ? 7.738   16.827  4.953   1.00 0.00 ? 65  LEU A HD13 1 
ATOM   972  H HD21 . LEU A 1 65  ? 9.846   14.614  3.487   1.00 0.00 ? 65  LEU A HD21 1 
ATOM   973  H HD22 . LEU A 1 65  ? 9.164   15.348  4.958   1.00 0.00 ? 65  LEU A HD22 1 
ATOM   974  H HD23 . LEU A 1 65  ? 8.474   13.840  4.315   1.00 0.00 ? 65  LEU A HD23 1 
ATOM   975  N N    . LEU A 1 66  ? 3.978   14.330  2.475   1.00 0.00 ? 66  LEU A N    1 
ATOM   976  C CA   . LEU A 1 66  ? 2.577   14.492  2.121   1.00 0.00 ? 66  LEU A CA   1 
ATOM   977  C C    . LEU A 1 66  ? 2.473   14.944  0.664   1.00 0.00 ? 66  LEU A C    1 
ATOM   978  O O    . LEU A 1 66  ? 1.457   14.712  0.009   1.00 0.00 ? 66  LEU A O    1 
ATOM   979  C CB   . LEU A 1 66  ? 1.881   15.432  3.108   1.00 0.00 ? 66  LEU A CB   1 
ATOM   980  C CG   . LEU A 1 66  ? 0.655   16.176  2.574   1.00 0.00 ? 66  LEU A CG   1 
ATOM   981  C CD1  . LEU A 1 66  ? -0.424  16.297  3.653   1.00 0.00 ? 66  LEU A CD1  1 
ATOM   982  C CD2  . LEU A 1 66  ? 1.046   17.538  2.001   1.00 0.00 ? 66  LEU A CD2  1 
ATOM   983  H H    . LEU A 1 66  ? 4.589   14.141  1.705   1.00 0.00 ? 66  LEU A H    1 
ATOM   984  H HA   . LEU A 1 66  ? 2.101   13.516  2.216   1.00 0.00 ? 66  LEU A HA   1 
ATOM   985  H HB2  . LEU A 1 66  ? 1.579   14.852  3.980   1.00 0.00 ? 66  LEU A HB2  1 
ATOM   986  H HB3  . LEU A 1 66  ? 2.607   16.169  3.451   1.00 0.00 ? 66  LEU A HB3  1 
ATOM   987  H HG   . LEU A 1 66  ? 0.230   15.591  1.758   1.00 0.00 ? 66  LEU A HG   1 
ATOM   988  H HD11 . LEU A 1 66  ? -0.954  15.349  3.744   1.00 0.00 ? 66  LEU A HD11 1 
ATOM   989  H HD12 . LEU A 1 66  ? 0.041   16.548  4.606   1.00 0.00 ? 66  LEU A HD12 1 
ATOM   990  H HD13 . LEU A 1 66  ? -1.128  17.081  3.376   1.00 0.00 ? 66  LEU A HD13 1 
ATOM   991  H HD21 . LEU A 1 66  ? 0.318   17.837  1.247   1.00 0.00 ? 66  LEU A HD21 1 
ATOM   992  H HD22 . LEU A 1 66  ? 1.067   18.277  2.800   1.00 0.00 ? 66  LEU A HD22 1 
ATOM   993  H HD23 . LEU A 1 66  ? 2.034   17.470  1.543   1.00 0.00 ? 66  LEU A HD23 1 
ATOM   994  N N    . LYS A 1 67  ? 3.537   15.582  0.197   1.00 0.00 ? 67  LYS A N    1 
ATOM   995  C CA   . LYS A 1 67  ? 3.578   16.069  -1.171  1.00 0.00 ? 67  LYS A CA   1 
ATOM   996  C C    . LYS A 1 67  ? 3.921   14.910  -2.110  1.00 0.00 ? 67  LYS A C    1 
ATOM   997  O O    . LYS A 1 67  ? 3.063   14.428  -2.847  1.00 0.00 ? 67  LYS A O    1 
ATOM   998  C CB   . LYS A 1 67  ? 4.530   17.260  -1.288  1.00 0.00 ? 67  LYS A CB   1 
ATOM   999  C CG   . LYS A 1 67  ? 3.771   18.536  -1.656  1.00 0.00 ? 67  LYS A CG   1 
ATOM   1000 C CD   . LYS A 1 67  ? 4.689   19.757  -1.595  1.00 0.00 ? 67  LYS A CD   1 
ATOM   1001 C CE   . LYS A 1 67  ? 4.035   20.970  -2.261  1.00 0.00 ? 67  LYS A CE   1 
ATOM   1002 N NZ   . LYS A 1 67  ? 4.959   21.584  -3.241  1.00 0.00 ? 67  LYS A NZ   1 
ATOM   1003 H H    . LYS A 1 67  ? 4.358   15.767  0.736   1.00 0.00 ? 67  LYS A H    1 
ATOM   1004 H HA   . LYS A 1 67  ? 2.579   16.429  -1.419  1.00 0.00 ? 67  LYS A HA   1 
ATOM   1005 H HB2  . LYS A 1 67  ? 5.056   17.403  -0.345  1.00 0.00 ? 67  LYS A HB2  1 
ATOM   1006 H HB3  . LYS A 1 67  ? 5.287   17.052  -2.046  1.00 0.00 ? 67  LYS A HB3  1 
ATOM   1007 H HG2  . LYS A 1 67  ? 3.353   18.439  -2.658  1.00 0.00 ? 67  LYS A HG2  1 
ATOM   1008 H HG3  . LYS A 1 67  ? 2.931   18.673  -0.973  1.00 0.00 ? 67  LYS A HG3  1 
ATOM   1009 H HD2  . LYS A 1 67  ? 4.922   19.991  -0.556  1.00 0.00 ? 67  LYS A HD2  1 
ATOM   1010 H HD3  . LYS A 1 67  ? 5.634   19.531  -2.090  1.00 0.00 ? 67  LYS A HD3  1 
ATOM   1011 H HE2  . LYS A 1 67  ? 3.115   20.664  -2.761  1.00 0.00 ? 67  LYS A HE2  1 
ATOM   1012 H HE3  . LYS A 1 67  ? 3.759   21.702  -1.504  1.00 0.00 ? 67  LYS A HE3  1 
ATOM   1013 H HZ1  . LYS A 1 67  ? 4.579   21.491  -4.161  1.00 0.00 ? 67  LYS A HZ1  1 
ATOM   1014 H HZ2  . LYS A 1 67  ? 5.076   22.554  -3.026  1.00 0.00 ? 67  LYS A HZ2  1 
ATOM   1015 H HZ3  . LYS A 1 67  ? 5.845   21.124  -3.198  1.00 0.00 ? 67  LYS A HZ3  1 
ATOM   1016 N N    . GLN A 1 68  ? 5.179   14.497  -2.052  1.00 0.00 ? 68  GLN A N    1 
ATOM   1017 C CA   . GLN A 1 68  ? 5.647   13.405  -2.887  1.00 0.00 ? 68  GLN A CA   1 
ATOM   1018 C C    . GLN A 1 68  ? 4.594   12.298  -2.954  1.00 0.00 ? 68  GLN A C    1 
ATOM   1019 O O    . GLN A 1 68  ? 4.377   11.704  -4.008  1.00 0.00 ? 68  GLN A O    1 
ATOM   1020 C CB   . GLN A 1 68  ? 6.984   12.860  -2.379  1.00 0.00 ? 68  GLN A CB   1 
ATOM   1021 C CG   . GLN A 1 68  ? 7.229   11.441  -2.896  1.00 0.00 ? 68  GLN A CG   1 
ATOM   1022 C CD   . GLN A 1 68  ? 7.184   10.426  -1.751  1.00 0.00 ? 68  GLN A CD   1 
ATOM   1023 O OE1  . GLN A 1 68  ? 8.128   10.257  -0.999  1.00 0.00 ? 68  GLN A OE1  1 
ATOM   1024 N NE2  . GLN A 1 68  ? 6.033   9.764   -1.662  1.00 0.00 ? 68  GLN A NE2  1 
ATOM   1025 H H    . GLN A 1 68  ? 5.871   14.895  -1.449  1.00 0.00 ? 68  GLN A H    1 
ATOM   1026 H HA   . GLN A 1 68  ? 5.791   13.838  -3.878  1.00 0.00 ? 68  GLN A HA   1 
ATOM   1027 H HB2  . GLN A 1 68  ? 7.794   13.514  -2.704  1.00 0.00 ? 68  GLN A HB2  1 
ATOM   1028 H HB3  . GLN A 1 68  ? 6.990   12.862  -1.289  1.00 0.00 ? 68  GLN A HB3  1 
ATOM   1029 H HG2  . GLN A 1 68  ? 6.477   11.187  -3.642  1.00 0.00 ? 68  GLN A HG2  1 
ATOM   1030 H HG3  . GLN A 1 68  ? 8.199   11.392  -3.390  1.00 0.00 ? 68  GLN A HG3  1 
ATOM   1031 H HE21 . GLN A 1 68  ? 5.296   9.951   -2.311  1.00 0.00 ? 68  GLN A HE21 1 
ATOM   1032 H HE22 . GLN A 1 68  ? 5.905   9.079   -0.944  1.00 0.00 ? 68  GLN A HE22 1 
ATOM   1033 N N    . ILE A 1 69  ? 3.965   12.053  -1.812  1.00 0.00 ? 69  ILE A N    1 
ATOM   1034 C CA   . ILE A 1 69  ? 2.940   11.027  -1.728  1.00 0.00 ? 69  ILE A CA   1 
ATOM   1035 C C    . ILE A 1 69  ? 1.857   11.308  -2.771  1.00 0.00 ? 69  ILE A C    1 
ATOM   1036 O O    . ILE A 1 69  ? 1.340   10.384  -3.398  1.00 0.00 ? 69  ILE A O    1 
ATOM   1037 C CB   . ILE A 1 69  ? 2.405   10.923  -0.299  1.00 0.00 ? 69  ILE A CB   1 
ATOM   1038 C CG1  . ILE A 1 69  ? 3.145   9.837   0.486   1.00 0.00 ? 69  ILE A CG1  1 
ATOM   1039 C CG2  . ILE A 1 69  ? 0.891   10.702  -0.295  1.00 0.00 ? 69  ILE A CG2  1 
ATOM   1040 C CD1  . ILE A 1 69  ? 4.492   10.352  0.995   1.00 0.00 ? 69  ILE A CD1  1 
ATOM   1041 H H    . ILE A 1 69  ? 4.148   12.540  -0.958  1.00 0.00 ? 69  ILE A H    1 
ATOM   1042 H HA   . ILE A 1 69  ? 3.412   10.073  -1.965  1.00 0.00 ? 69  ILE A HA   1 
ATOM   1043 H HB   . ILE A 1 69  ? 2.592   11.869  0.207   1.00 0.00 ? 69  ILE A HB   1 
ATOM   1044 H HG12 . ILE A 1 69  ? 2.534   9.513   1.329   1.00 0.00 ? 69  ILE A HG12 1 
ATOM   1045 H HG13 . ILE A 1 69  ? 3.300   8.966   -0.149  1.00 0.00 ? 69  ILE A HG13 1 
ATOM   1046 H HG21 . ILE A 1 69  ? 0.540   10.602  0.733   1.00 0.00 ? 69  ILE A HG21 1 
ATOM   1047 H HG22 . ILE A 1 69  ? 0.398   11.552  -0.766  1.00 0.00 ? 69  ILE A HG22 1 
ATOM   1048 H HG23 . ILE A 1 69  ? 0.655   9.792   -0.848  1.00 0.00 ? 69  ILE A HG23 1 
ATOM   1049 H HD11 . ILE A 1 69  ? 5.057   10.776  0.165   1.00 0.00 ? 69  ILE A HD11 1 
ATOM   1050 H HD12 . ILE A 1 69  ? 4.328   11.120  1.751   1.00 0.00 ? 69  ILE A HD12 1 
ATOM   1051 H HD13 . ILE A 1 69  ? 5.055   9.526   1.432   1.00 0.00 ? 69  ILE A HD13 1 
ATOM   1052 N N    . LYS A 1 70  ? 1.545   12.587  -2.925  1.00 0.00 ? 70  LYS A N    1 
ATOM   1053 C CA   . LYS A 1 70  ? 0.534   12.999  -3.882  1.00 0.00 ? 70  LYS A CA   1 
ATOM   1054 C C    . LYS A 1 70  ? 0.856   12.398  -5.251  1.00 0.00 ? 70  LYS A C    1 
ATOM   1055 O O    . LYS A 1 70  ? 0.439   11.281  -5.557  1.00 0.00 ? 70  LYS A O    1 
ATOM   1056 C CB   . LYS A 1 70  ? 0.401   14.523  -3.897  1.00 0.00 ? 70  LYS A CB   1 
ATOM   1057 C CG   . LYS A 1 70  ? -0.151  15.038  -2.565  1.00 0.00 ? 70  LYS A CG   1 
ATOM   1058 C CD   . LYS A 1 70  ? -1.618  15.452  -2.702  1.00 0.00 ? 70  LYS A CD   1 
ATOM   1059 C CE   . LYS A 1 70  ? -1.798  16.943  -2.410  1.00 0.00 ? 70  LYS A CE   1 
ATOM   1060 N NZ   . LYS A 1 70  ? -2.745  17.548  -3.371  1.00 0.00 ? 70  LYS A NZ   1 
ATOM   1061 H H    . LYS A 1 70  ? 1.972   13.331  -2.412  1.00 0.00 ? 70  LYS A H    1 
ATOM   1062 H HA   . LYS A 1 70  ? -0.420  12.597  -3.543  1.00 0.00 ? 70  LYS A HA   1 
ATOM   1063 H HB2  . LYS A 1 70  ? 1.373   14.977  -4.090  1.00 0.00 ? 70  LYS A HB2  1 
ATOM   1064 H HB3  . LYS A 1 70  ? -0.259  14.827  -4.709  1.00 0.00 ? 70  LYS A HB3  1 
ATOM   1065 H HG2  . LYS A 1 70  ? -0.056  14.263  -1.805  1.00 0.00 ? 70  LYS A HG2  1 
ATOM   1066 H HG3  . LYS A 1 70  ? 0.440   15.890  -2.228  1.00 0.00 ? 70  LYS A HG3  1 
ATOM   1067 H HD2  . LYS A 1 70  ? -1.969  15.230  -3.711  1.00 0.00 ? 70  LYS A HD2  1 
ATOM   1068 H HD3  . LYS A 1 70  ? -2.229  14.866  -2.016  1.00 0.00 ? 70  LYS A HD3  1 
ATOM   1069 H HE2  . LYS A 1 70  ? -2.164  17.078  -1.393  1.00 0.00 ? 70  LYS A HE2  1 
ATOM   1070 H HE3  . LYS A 1 70  ? -0.834  17.450  -2.472  1.00 0.00 ? 70  LYS A HE3  1 
ATOM   1071 H HZ1  . LYS A 1 70  ? -2.607  18.539  -3.397  1.00 0.00 ? 70  LYS A HZ1  1 
ATOM   1072 H HZ2  . LYS A 1 70  ? -2.588  17.167  -4.283  1.00 0.00 ? 70  LYS A HZ2  1 
ATOM   1073 H HZ3  . LYS A 1 70  ? -3.683  17.350  -3.085  1.00 0.00 ? 70  LYS A HZ3  1 
ATOM   1074 N N    . GLN A 1 71  ? 1.596   13.164  -6.039  1.00 0.00 ? 71  GLN A N    1 
ATOM   1075 C CA   . GLN A 1 71  ? 1.980   12.719  -7.369  1.00 0.00 ? 71  GLN A CA   1 
ATOM   1076 C C    . GLN A 1 71  ? 2.198   11.205  -7.381  1.00 0.00 ? 71  GLN A C    1 
ATOM   1077 O O    . GLN A 1 71  ? 1.512   10.481  -8.100  1.00 0.00 ? 71  GLN A O    1 
ATOM   1078 C CB   . GLN A 1 71  ? 3.229   13.457  -7.855  1.00 0.00 ? 71  GLN A CB   1 
ATOM   1079 C CG   . GLN A 1 71  ? 4.287   13.530  -6.751  1.00 0.00 ? 71  GLN A CG   1 
ATOM   1080 C CD   . GLN A 1 71  ? 5.141   14.791  -6.892  1.00 0.00 ? 71  GLN A CD   1 
ATOM   1081 O OE1  . GLN A 1 71  ? 6.346   14.739  -7.075  1.00 0.00 ? 71  GLN A OE1  1 
ATOM   1082 N NE2  . GLN A 1 71  ? 4.452   15.924  -6.793  1.00 0.00 ? 71  GLN A NE2  1 
ATOM   1083 H H    . GLN A 1 71  ? 1.931   14.070  -5.784  1.00 0.00 ? 71  GLN A H    1 
ATOM   1084 H HA   . GLN A 1 71  ? 1.140   12.977  -8.014  1.00 0.00 ? 71  GLN A HA   1 
ATOM   1085 H HB2  . GLN A 1 71  ? 3.641   12.949  -8.726  1.00 0.00 ? 71  GLN A HB2  1 
ATOM   1086 H HB3  . GLN A 1 71  ? 2.961   14.465  -8.172  1.00 0.00 ? 71  GLN A HB3  1 
ATOM   1087 H HG2  . GLN A 1 71  ? 3.801   13.521  -5.775  1.00 0.00 ? 71  GLN A HG2  1 
ATOM   1088 H HG3  . GLN A 1 71  ? 4.926   12.647  -6.797  1.00 0.00 ? 71  GLN A HG3  1 
ATOM   1089 H HE21 . GLN A 1 71  ? 3.463   15.896  -6.643  1.00 0.00 ? 71  GLN A HE21 1 
ATOM   1090 H HE22 . GLN A 1 71  ? 4.921   16.804  -6.872  1.00 0.00 ? 71  GLN A HE22 1 
ATOM   1091 N N    . ARG A 1 72  ? 3.157   10.771  -6.575  1.00 0.00 ? 72  ARG A N    1 
ATOM   1092 C CA   . ARG A 1 72  ? 3.474   9.357   -6.483  1.00 0.00 ? 72  ARG A CA   1 
ATOM   1093 C C    . ARG A 1 72  ? 2.189   8.525   -6.477  1.00 0.00 ? 72  ARG A C    1 
ATOM   1094 O O    . ARG A 1 72  ? 2.084   7.534   -7.201  1.00 0.00 ? 72  ARG A O    1 
ATOM   1095 C CB   . ARG A 1 72  ? 4.275   9.053   -5.217  1.00 0.00 ? 72  ARG A CB   1 
ATOM   1096 C CG   . ARG A 1 72  ? 5.695   9.616   -5.317  1.00 0.00 ? 72  ARG A CG   1 
ATOM   1097 C CD   . ARG A 1 72  ? 6.428   9.040   -6.530  1.00 0.00 ? 72  ARG A CD   1 
ATOM   1098 N NE   . ARG A 1 72  ? 6.701   10.111  -7.514  1.00 0.00 ? 72  ARG A NE   1 
ATOM   1099 C CZ   . ARG A 1 72  ? 7.708   10.990  -7.408  1.00 0.00 ? 72  ARG A CZ   1 
ATOM   1100 N NH1  . ARG A 1 72  ? 8.542   10.929  -6.361  1.00 0.00 ? 72  ARG A NH1  1 
ATOM   1101 N NH2  . ARG A 1 72  ? 7.879   11.929  -8.348  1.00 0.00 ? 72  ARG A NH2  1 
ATOM   1102 H H    . ARG A 1 72  ? 3.709   11.368  -5.992  1.00 0.00 ? 72  ARG A H    1 
ATOM   1103 H HA   . ARG A 1 72  ? 4.073   9.148   -7.370  1.00 0.00 ? 72  ARG A HA   1 
ATOM   1104 H HB2  . ARG A 1 72  ? 3.771   9.483   -4.350  1.00 0.00 ? 72  ARG A HB2  1 
ATOM   1105 H HB3  . ARG A 1 72  ? 4.318   7.976   -5.058  1.00 0.00 ? 72  ARG A HB3  1 
ATOM   1106 H HG2  . ARG A 1 72  ? 5.654   10.702  -5.395  1.00 0.00 ? 72  ARG A HG2  1 
ATOM   1107 H HG3  . ARG A 1 72  ? 6.248   9.383   -4.408  1.00 0.00 ? 72  ARG A HG3  1 
ATOM   1108 H HD2  . ARG A 1 72  ? 7.363   8.578   -6.214  1.00 0.00 ? 72  ARG A HD2  1 
ATOM   1109 H HD3  . ARG A 1 72  ? 5.826   8.257   -6.991  1.00 0.00 ? 72  ARG A HD3  1 
ATOM   1110 H HE   . ARG A 1 72  ? 6.097   10.185  -8.306  1.00 0.00 ? 72  ARG A HE   1 
ATOM   1111 H HH11 . ARG A 1 72  ? 8.414   10.228  -5.659  1.00 0.00 ? 72  ARG A HH11 1 
ATOM   1112 H HH12 . ARG A 1 72  ? 9.293   11.585  -6.282  1.00 0.00 ? 72  ARG A HH12 1 
ATOM   1113 H HH21 . ARG A 1 72  ? 7.255   11.975  -9.130  1.00 0.00 ? 72  ARG A HH21 1 
ATOM   1114 H HH22 . ARG A 1 72  ? 8.629   12.585  -8.270  1.00 0.00 ? 72  ARG A HH22 1 
ATOM   1115 N N    . HIS A 1 73  ? 1.246   8.956   -5.653  1.00 0.00 ? 73  HIS A N    1 
ATOM   1116 C CA   . HIS A 1 73  ? -0.027  8.263   -5.545  1.00 0.00 ? 73  HIS A CA   1 
ATOM   1117 C C    . HIS A 1 73  ? -1.037  9.156   -4.822  1.00 0.00 ? 73  HIS A C    1 
ATOM   1118 O O    . HIS A 1 73  ? -1.226  9.033   -3.613  1.00 0.00 ? 73  HIS A O    1 
ATOM   1119 C CB   . HIS A 1 73  ? 0.152   6.902   -4.868  1.00 0.00 ? 73  HIS A CB   1 
ATOM   1120 C CG   . HIS A 1 73  ? 0.811   6.973   -3.511  1.00 0.00 ? 73  HIS A CG   1 
ATOM   1121 N ND1  . HIS A 1 73  ? 0.090   7.003   -2.329  1.00 0.00 ? 73  HIS A ND1  1 
ATOM   1122 C CD2  . HIS A 1 73  ? 2.127   7.017   -3.160  1.00 0.00 ? 73  HIS A CD2  1 
ATOM   1123 C CE1  . HIS A 1 73  ? 0.946   7.065   -1.320  1.00 0.00 ? 73  HIS A CE1  1 
ATOM   1124 N NE2  . HIS A 1 73  ? 2.207   7.074   -1.836  1.00 0.00 ? 73  HIS A NE2  1 
ATOM   1125 H H    . HIS A 1 73  ? 1.340   9.762   -5.069  1.00 0.00 ? 73  HIS A H    1 
ATOM   1126 H HA   . HIS A 1 73  ? -0.374  8.085   -6.563  1.00 0.00 ? 73  HIS A HA   1 
ATOM   1127 H HB2  . HIS A 1 73  ? -0.824  6.429   -4.764  1.00 0.00 ? 73  HIS A HB2  1 
ATOM   1128 H HB3  . HIS A 1 73  ? 0.750   6.261   -5.517  1.00 0.00 ? 73  HIS A HB3  1 
ATOM   1129 H HD1  . HIS A 1 73  ? -0.907  6.982   -2.251  1.00 0.00 ? 73  HIS A HD1  1 
ATOM   1130 H HD2  . HIS A 1 73  ? 2.971   7.008   -3.850  1.00 0.00 ? 73  HIS A HD2  1 
ATOM   1131 H HE1  . HIS A 1 73  ? 0.686   7.101   -0.261  1.00 0.00 ? 73  HIS A HE1  1 
ATOM   1132 N N    . PRO A 1 74  ? -1.676  10.058  -5.614  1.00 0.00 ? 74  PRO A N    1 
ATOM   1133 C CA   . PRO A 1 74  ? -2.663  10.971  -5.063  1.00 0.00 ? 74  PRO A CA   1 
ATOM   1134 C C    . PRO A 1 74  ? -3.978  10.245  -4.768  1.00 0.00 ? 74  PRO A C    1 
ATOM   1135 O O    . PRO A 1 74  ? -4.532  10.377  -3.679  1.00 0.00 ? 74  PRO A O    1 
ATOM   1136 C CB   . PRO A 1 74  ? -2.811  12.066  -6.105  1.00 0.00 ? 74  PRO A CB   1 
ATOM   1137 C CG   . PRO A 1 74  ? -2.255  11.490  -7.398  1.00 0.00 ? 74  PRO A CG   1 
ATOM   1138 C CD   . PRO A 1 74  ? -1.478  10.230  -7.051  1.00 0.00 ? 74  PRO A CD   1 
ATOM   1139 H HA   . PRO A 1 74  ? -2.348  11.333  -4.185  1.00 0.00 ? 74  PRO A HA   1 
ATOM   1140 H HB2  . PRO A 1 74  ? -3.854  12.355  -6.224  1.00 0.00 ? 74  PRO A HB2  1 
ATOM   1141 H HB3  . PRO A 1 74  ? -2.264  12.962  -5.811  1.00 0.00 ? 74  PRO A HB3  1 
ATOM   1142 H HG2  . PRO A 1 74  ? -3.064  11.261  -8.092  1.00 0.00 ? 74  PRO A HG2  1 
ATOM   1143 H HG3  . PRO A 1 74  ? -1.607  12.214  -7.891  1.00 0.00 ? 74  PRO A HG3  1 
ATOM   1144 H HD2  . PRO A 1 74  ? -1.850  9.371   -7.608  1.00 0.00 ? 74  PRO A HD2  1 
ATOM   1145 H HD3  . PRO A 1 74  ? -0.422  10.338  -7.294  1.00 0.00 ? 74  PRO A HD3  1 
ATOM   1146 N N    . MET A 1 75  ? -4.438  9.495   -5.759  1.00 0.00 ? 75  MET A N    1 
ATOM   1147 C CA   . MET A 1 75  ? -5.676  8.749   -5.620  1.00 0.00 ? 75  MET A CA   1 
ATOM   1148 C C    . MET A 1 75  ? -5.402  7.248   -5.502  1.00 0.00 ? 75  MET A C    1 
ATOM   1149 O O    . MET A 1 75  ? -6.191  6.514   -4.911  1.00 0.00 ? 75  MET A O    1 
ATOM   1150 C CB   . MET A 1 75  ? -6.570  9.012   -6.833  1.00 0.00 ? 75  MET A CB   1 
ATOM   1151 C CG   . MET A 1 75  ? -7.800  9.833   -6.442  1.00 0.00 ? 75  MET A CG   1 
ATOM   1152 S SD   . MET A 1 75  ? -9.282  8.873   -6.695  1.00 0.00 ? 75  MET A SD   1 
ATOM   1153 C CE   . MET A 1 75  ? -10.407 10.164  -7.198  1.00 0.00 ? 75  MET A CE   1 
ATOM   1154 H H    . MET A 1 75  ? -3.980  9.394   -6.642  1.00 0.00 ? 75  MET A H    1 
ATOM   1155 H HA   . MET A 1 75  ? -6.136  9.113   -4.702  1.00 0.00 ? 75  MET A HA   1 
ATOM   1156 H HB2  . MET A 1 75  ? -6.003  9.541   -7.599  1.00 0.00 ? 75  MET A HB2  1 
ATOM   1157 H HB3  . MET A 1 75  ? -6.886  8.063   -7.270  1.00 0.00 ? 75  MET A HB3  1 
ATOM   1158 H HG2  . MET A 1 75  ? -7.727  10.135  -5.397  1.00 0.00 ? 75  MET A HG2  1 
ATOM   1159 H HG3  . MET A 1 75  ? -7.841  10.746  -7.035  1.00 0.00 ? 75  MET A HG3  1 
ATOM   1160 H HE1  . MET A 1 75  ? -11.106 9.772   -7.937  1.00 0.00 ? 75  MET A HE1  1 
ATOM   1161 H HE2  . MET A 1 75  ? -10.960 10.524  -6.330  1.00 0.00 ? 75  MET A HE2  1 
ATOM   1162 H HE3  . MET A 1 75  ? -9.842  10.988  -7.634  1.00 0.00 ? 75  MET A HE3  1 
ATOM   1163 N N    . LEU A 1 76  ? -4.280  6.838   -6.076  1.00 0.00 ? 76  LEU A N    1 
ATOM   1164 C CA   . LEU A 1 76  ? -3.892  5.437   -6.044  1.00 0.00 ? 76  LEU A CA   1 
ATOM   1165 C C    . LEU A 1 76  ? -3.835  4.962   -4.591  1.00 0.00 ? 76  LEU A C    1 
ATOM   1166 O O    . LEU A 1 76  ? -3.329  5.668   -3.722  1.00 0.00 ? 76  LEU A O    1 
ATOM   1167 C CB   . LEU A 1 76  ? -2.586  5.226   -6.811  1.00 0.00 ? 76  LEU A CB   1 
ATOM   1168 C CG   . LEU A 1 76  ? -1.948  3.840   -6.681  1.00 0.00 ? 76  LEU A CG   1 
ATOM   1169 C CD1  . LEU A 1 76  ? -2.216  2.996   -7.928  1.00 0.00 ? 76  LEU A CD1  1 
ATOM   1170 C CD2  . LEU A 1 76  ? -0.453  3.951   -6.376  1.00 0.00 ? 76  LEU A CD2  1 
ATOM   1171 H H    . LEU A 1 76  ? -3.644  7.442   -6.556  1.00 0.00 ? 76  LEU A H    1 
ATOM   1172 H HA   . LEU A 1 76  ? -4.666  4.872   -6.563  1.00 0.00 ? 76  LEU A HA   1 
ATOM   1173 H HB2  . LEU A 1 76  ? -2.771  5.422   -7.867  1.00 0.00 ? 76  LEU A HB2  1 
ATOM   1174 H HB3  . LEU A 1 76  ? -1.864  5.969   -6.473  1.00 0.00 ? 76  LEU A HB3  1 
ATOM   1175 H HG   . LEU A 1 76  ? -2.413  3.328   -5.840  1.00 0.00 ? 76  LEU A HG   1 
ATOM   1176 H HD11 . LEU A 1 76  ? -2.163  3.628   -8.815  1.00 0.00 ? 76  LEU A HD11 1 
ATOM   1177 H HD12 . LEU A 1 76  ? -1.469  2.206   -8.000  1.00 0.00 ? 76  LEU A HD12 1 
ATOM   1178 H HD13 . LEU A 1 76  ? -3.210  2.551   -7.860  1.00 0.00 ? 76  LEU A HD13 1 
ATOM   1179 H HD21 . LEU A 1 76  ? -0.312  4.524   -5.459  1.00 0.00 ? 76  LEU A HD21 1 
ATOM   1180 H HD22 . LEU A 1 76  ? -0.034  2.953   -6.249  1.00 0.00 ? 76  LEU A HD22 1 
ATOM   1181 H HD23 . LEU A 1 76  ? 0.050   4.456   -7.201  1.00 0.00 ? 76  LEU A HD23 1 
ATOM   1182 N N    . PRO A 1 77  ? -4.378  3.736   -4.365  1.00 0.00 ? 77  PRO A N    1 
ATOM   1183 C CA   . PRO A 1 77  ? -4.395  3.157   -3.034  1.00 0.00 ? 77  PRO A CA   1 
ATOM   1184 C C    . PRO A 1 77  ? -3.006  2.653   -2.636  1.00 0.00 ? 77  PRO A C    1 
ATOM   1185 O O    . PRO A 1 77  ? -2.415  1.834   -3.340  1.00 0.00 ? 77  PRO A O    1 
ATOM   1186 C CB   . PRO A 1 77  ? -5.433  2.048   -3.099  1.00 0.00 ? 77  PRO A CB   1 
ATOM   1187 C CG   . PRO A 1 77  ? -5.622  1.741   -4.575  1.00 0.00 ? 77  PRO A CG   1 
ATOM   1188 C CD   . PRO A 1 77  ? -4.989  2.869   -5.371  1.00 0.00 ? 77  PRO A CD   1 
ATOM   1189 H HA   . PRO A 1 77  ? -4.638  3.852   -2.356  1.00 0.00 ? 77  PRO A HA   1 
ATOM   1190 H HB2  . PRO A 1 77  ? -5.096  1.166   -2.556  1.00 0.00 ? 77  PRO A HB2  1 
ATOM   1191 H HB3  . PRO A 1 77  ? -6.371  2.365   -2.642  1.00 0.00 ? 77  PRO A HB3  1 
ATOM   1192 H HG2  . PRO A 1 77  ? -5.158  0.788   -4.828  1.00 0.00 ? 77  PRO A HG2  1 
ATOM   1193 H HG3  . PRO A 1 77  ? -6.682  1.653   -4.814  1.00 0.00 ? 77  PRO A HG3  1 
ATOM   1194 H HD2  . PRO A 1 77  ? -4.244  2.492   -6.072  1.00 0.00 ? 77  PRO A HD2  1 
ATOM   1195 H HD3  . PRO A 1 77  ? -5.733  3.407   -5.957  1.00 0.00 ? 77  PRO A HD3  1 
ATOM   1196 N N    . VAL A 1 78  ? -2.524  3.164   -1.513  1.00 0.00 ? 78  VAL A N    1 
ATOM   1197 C CA   . VAL A 1 78  ? -1.216  2.775   -1.015  1.00 0.00 ? 78  VAL A CA   1 
ATOM   1198 C C    . VAL A 1 78  ? -1.347  2.299   0.434   1.00 0.00 ? 78  VAL A C    1 
ATOM   1199 O O    . VAL A 1 78  ? -0.346  2.027   1.094   1.00 0.00 ? 78  VAL A O    1 
ATOM   1200 C CB   . VAL A 1 78  ? -0.230  3.934   -1.177  1.00 0.00 ? 78  VAL A CB   1 
ATOM   1201 C CG1  . VAL A 1 78  ? 1.087   3.636   -0.458  1.00 0.00 ? 78  VAL A CG1  1 
ATOM   1202 C CG2  . VAL A 1 78  ? 0.009   4.248   -2.654  1.00 0.00 ? 78  VAL A CG2  1 
ATOM   1203 H H    . VAL A 1 78  ? -3.012  3.829   -0.948  1.00 0.00 ? 78  VAL A H    1 
ATOM   1204 H HA   . VAL A 1 78  ? -0.864  1.945   -1.627  1.00 0.00 ? 78  VAL A HA   1 
ATOM   1205 H HB   . VAL A 1 78  ? -0.672  4.816   -0.714  1.00 0.00 ? 78  VAL A HB   1 
ATOM   1206 H HG11 . VAL A 1 78  ? 1.325   2.576   -0.558  1.00 0.00 ? 78  VAL A HG11 1 
ATOM   1207 H HG12 . VAL A 1 78  ? 1.886   4.230   -0.903  1.00 0.00 ? 78  VAL A HG12 1 
ATOM   1208 H HG13 . VAL A 1 78  ? 0.992   3.890   0.597   1.00 0.00 ? 78  VAL A HG13 1 
ATOM   1209 H HG21 . VAL A 1 78  ? -0.052  3.329   -3.236  1.00 0.00 ? 78  VAL A HG21 1 
ATOM   1210 H HG22 . VAL A 1 78  ? -0.748  4.949   -3.004  1.00 0.00 ? 78  VAL A HG22 1 
ATOM   1211 H HG23 . VAL A 1 78  ? 0.998   4.690   -2.777  1.00 0.00 ? 78  VAL A HG23 1 
ATOM   1212 N N    . ILE A 1 79  ? -2.590  2.213   0.885   1.00 0.00 ? 79  ILE A N    1 
ATOM   1213 C CA   . ILE A 1 79  ? -2.865  1.774   2.243   1.00 0.00 ? 79  ILE A CA   1 
ATOM   1214 C C    . ILE A 1 79  ? -1.764  2.288   3.172   1.00 0.00 ? 79  ILE A C    1 
ATOM   1215 O O    . ILE A 1 79  ? -1.209  3.363   2.947   1.00 0.00 ? 79  ILE A O    1 
ATOM   1216 C CB   . ILE A 1 79  ? -3.048  0.257   2.287   1.00 0.00 ? 79  ILE A CB   1 
ATOM   1217 C CG1  . ILE A 1 79  ? -3.960  -0.151  3.447   1.00 0.00 ? 79  ILE A CG1  1 
ATOM   1218 C CG2  . ILE A 1 79  ? -1.697  -0.459  2.343   1.00 0.00 ? 79  ILE A CG2  1 
ATOM   1219 C CD1  . ILE A 1 79  ? -3.907  -1.662  3.681   1.00 0.00 ? 79  ILE A CD1  1 
ATOM   1220 H H    . ILE A 1 79  ? -3.399  2.436   0.341   1.00 0.00 ? 79  ILE A H    1 
ATOM   1221 H HA   . ILE A 1 79  ? -3.810  2.223   2.545   1.00 0.00 ? 79  ILE A HA   1 
ATOM   1222 H HB   . ILE A 1 79  ? -3.541  -0.056  1.367   1.00 0.00 ? 79  ILE A HB   1 
ATOM   1223 H HG12 . ILE A 1 79  ? -3.655  0.371   4.354   1.00 0.00 ? 79  ILE A HG12 1 
ATOM   1224 H HG13 . ILE A 1 79  ? -4.984  0.151   3.234   1.00 0.00 ? 79  ILE A HG13 1 
ATOM   1225 H HG21 . ILE A 1 79  ? -1.514  -0.815  3.357   1.00 0.00 ? 79  ILE A HG21 1 
ATOM   1226 H HG22 . ILE A 1 79  ? -1.705  -1.306  1.657   1.00 0.00 ? 79  ILE A HG22 1 
ATOM   1227 H HG23 . ILE A 1 79  ? -0.906  0.235   2.054   1.00 0.00 ? 79  ILE A HG23 1 
ATOM   1228 H HD11 . ILE A 1 79  ? -4.537  -1.921  4.532   1.00 0.00 ? 79  ILE A HD11 1 
ATOM   1229 H HD12 . ILE A 1 79  ? -4.267  -2.180  2.792   1.00 0.00 ? 79  ILE A HD12 1 
ATOM   1230 H HD13 . ILE A 1 79  ? -2.879  -1.964  3.885   1.00 0.00 ? 79  ILE A HD13 1 
ATOM   1231 N N    . ILE A 1 80  ? -1.481  1.497   4.198   1.00 0.00 ? 80  ILE A N    1 
ATOM   1232 C CA   . ILE A 1 80  ? -0.457  1.860   5.162   1.00 0.00 ? 80  ILE A CA   1 
ATOM   1233 C C    . ILE A 1 80  ? -0.241  0.695   6.131   1.00 0.00 ? 80  ILE A C    1 
ATOM   1234 O O    . ILE A 1 80  ? -0.964  -0.298  6.084   1.00 0.00 ? 80  ILE A O    1 
ATOM   1235 C CB   . ILE A 1 80  ? -0.814  3.177   5.853   1.00 0.00 ? 80  ILE A CB   1 
ATOM   1236 C CG1  . ILE A 1 80  ? 0.441   4.004   6.139   1.00 0.00 ? 80  ILE A CG1  1 
ATOM   1237 C CG2  . ILE A 1 80  ? -1.637  2.926   7.118   1.00 0.00 ? 80  ILE A CG2  1 
ATOM   1238 C CD1  . ILE A 1 80  ? 1.243   4.243   4.859   1.00 0.00 ? 80  ILE A CD1  1 
ATOM   1239 H H    . ILE A 1 80  ? -1.937  0.625   4.372   1.00 0.00 ? 80  ILE A H    1 
ATOM   1240 H HA   . ILE A 1 80  ? 0.467   2.026   4.610   1.00 0.00 ? 80  ILE A HA   1 
ATOM   1241 H HB   . ILE A 1 80  ? -1.437  3.761   5.175   1.00 0.00 ? 80  ILE A HB   1 
ATOM   1242 H HG12 . ILE A 1 80  ? 0.157   4.961   6.579   1.00 0.00 ? 80  ILE A HG12 1 
ATOM   1243 H HG13 . ILE A 1 80  ? 1.061   3.488   6.872   1.00 0.00 ? 80  ILE A HG13 1 
ATOM   1244 H HG21 . ILE A 1 80  ? -2.431  3.669   7.188   1.00 0.00 ? 80  ILE A HG21 1 
ATOM   1245 H HG22 . ILE A 1 80  ? -2.074  1.929   7.077   1.00 0.00 ? 80  ILE A HG22 1 
ATOM   1246 H HG23 . ILE A 1 80  ? -0.990  3.003   7.993   1.00 0.00 ? 80  ILE A HG23 1 
ATOM   1247 H HD11 . ILE A 1 80  ? 0.694   3.842   4.006   1.00 0.00 ? 80  ILE A HD11 1 
ATOM   1248 H HD12 . ILE A 1 80  ? 1.399   5.312   4.721   1.00 0.00 ? 80  ILE A HD12 1 
ATOM   1249 H HD13 . ILE A 1 80  ? 2.209   3.743   4.937   1.00 0.00 ? 80  ILE A HD13 1 
ATOM   1250 N N    . MET A 1 81  ? 0.757   0.858   6.986   1.00 0.00 ? 81  MET A N    1 
ATOM   1251 C CA   . MET A 1 81  ? 1.078   -0.168  7.964   1.00 0.00 ? 81  MET A CA   1 
ATOM   1252 C C    . MET A 1 81  ? 1.917   0.408   9.108   1.00 0.00 ? 81  MET A C    1 
ATOM   1253 O O    . MET A 1 81  ? 3.012   0.922   8.881   1.00 0.00 ? 81  MET A O    1 
ATOM   1254 C CB   . MET A 1 81  ? 1.851   -1.299  7.284   1.00 0.00 ? 81  MET A CB   1 
ATOM   1255 C CG   . MET A 1 81  ? 0.938   -2.492  6.998   1.00 0.00 ? 81  MET A CG   1 
ATOM   1256 S SD   . MET A 1 81  ? 1.723   -4.004  7.531   1.00 0.00 ? 81  MET A SD   1 
ATOM   1257 C CE   . MET A 1 81  ? 2.165   -4.699  5.947   1.00 0.00 ? 81  MET A CE   1 
ATOM   1258 H H    . MET A 1 81  ? 1.341   1.669   7.018   1.00 0.00 ? 81  MET A H    1 
ATOM   1259 H HA   . MET A 1 81  ? 0.119   -0.517  8.347   1.00 0.00 ? 81  MET A HA   1 
ATOM   1260 H HB2  . MET A 1 81  ? 2.287   -0.938  6.352   1.00 0.00 ? 81  MET A HB2  1 
ATOM   1261 H HB3  . MET A 1 81  ? 2.678   -1.614  7.921   1.00 0.00 ? 81  MET A HB3  1 
ATOM   1262 H HG2  . MET A 1 81  ? -0.013  -2.366  7.516   1.00 0.00 ? 81  MET A HG2  1 
ATOM   1263 H HG3  . MET A 1 81  ? 0.717   -2.545  5.933   1.00 0.00 ? 81  MET A HG3  1 
ATOM   1264 H HE1  . MET A 1 81  ? 1.608   -4.191  5.159   1.00 0.00 ? 81  MET A HE1  1 
ATOM   1265 H HE2  . MET A 1 81  ? 3.233   -4.570  5.779   1.00 0.00 ? 81  MET A HE2  1 
ATOM   1266 H HE3  . MET A 1 81  ? 1.921   -5.761  5.936   1.00 0.00 ? 81  MET A HE3  1 
ATOM   1267 N N    . THR A 1 82  ? 1.370   0.304   10.310  1.00 0.00 ? 82  THR A N    1 
ATOM   1268 C CA   . THR A 1 82  ? 2.054   0.808   11.490  1.00 0.00 ? 82  THR A CA   1 
ATOM   1269 C C    . THR A 1 82  ? 1.067   0.981   12.645  1.00 0.00 ? 82  THR A C    1 
ATOM   1270 O O    . THR A 1 82  ? 0.097   1.730   12.532  1.00 0.00 ? 82  THR A O    1 
ATOM   1271 C CB   . THR A 1 82  ? 2.771   2.103   11.103  1.00 0.00 ? 82  THR A CB   1 
ATOM   1272 O OG1  . THR A 1 82  ? 2.789   2.862   12.307  1.00 0.00 ? 82  THR A OG1  1 
ATOM   1273 C CG2  . THR A 1 82  ? 1.951   2.959   10.135  1.00 0.00 ? 82  THR A CG2  1 
ATOM   1274 H H    . THR A 1 82  ? 0.480   -0.116  10.485  1.00 0.00 ? 82  THR A H    1 
ATOM   1275 H HA   . THR A 1 82  ? 2.788   0.065   11.804  1.00 0.00 ? 82  THR A HA   1 
ATOM   1276 H HB   . THR A 1 82  ? 3.760   1.894   10.696  1.00 0.00 ? 82  THR A HB   1 
ATOM   1277 H HG1  . THR A 1 82  ? 3.476   2.494   12.935  1.00 0.00 ? 82  THR A HG1  1 
ATOM   1278 H HG21 . THR A 1 82  ? 1.835   3.962   10.546  1.00 0.00 ? 82  THR A HG21 1 
ATOM   1279 H HG22 . THR A 1 82  ? 2.467   3.017   9.176   1.00 0.00 ? 82  THR A HG22 1 
ATOM   1280 H HG23 . THR A 1 82  ? 0.969   2.509   9.994   1.00 0.00 ? 82  THR A HG23 1 
ATOM   1281 N N    . ALA A 1 83  ? 1.348   0.276   13.731  1.00 0.00 ? 83  ALA A N    1 
ATOM   1282 C CA   . ALA A 1 83  ? 0.496   0.343   14.907  1.00 0.00 ? 83  ALA A CA   1 
ATOM   1283 C C    . ALA A 1 83  ? 0.892   1.557   15.750  1.00 0.00 ? 83  ALA A C    1 
ATOM   1284 O O    . ALA A 1 83  ? 1.255   2.601   15.209  1.00 0.00 ? 83  ALA A O    1 
ATOM   1285 C CB   . ALA A 1 83  ? 0.602   -0.968  15.689  1.00 0.00 ? 83  ALA A CB   1 
ATOM   1286 H H    . ALA A 1 83  ? 2.138   -0.329  13.816  1.00 0.00 ? 83  ALA A H    1 
ATOM   1287 H HA   . ALA A 1 83  ? -0.531  0.468   14.567  1.00 0.00 ? 83  ALA A HA   1 
ATOM   1288 H HB1  . ALA A 1 83  ? 0.863   -1.777  15.007  1.00 0.00 ? 83  ALA A HB1  1 
ATOM   1289 H HB2  . ALA A 1 83  ? 1.372   -0.874  16.454  1.00 0.00 ? 83  ALA A HB2  1 
ATOM   1290 H HB3  . ALA A 1 83  ? -0.356  -1.187  16.162  1.00 0.00 ? 83  ALA A HB3  1 
ATOM   1291 N N    . HIS A 1 84  ? 0.808   1.381   17.060  1.00 0.00 ? 84  HIS A N    1 
ATOM   1292 C CA   . HIS A 1 84  ? 1.152   2.449   17.983  1.00 0.00 ? 84  HIS A CA   1 
ATOM   1293 C C    . HIS A 1 84  ? 0.509   3.757   17.517  1.00 0.00 ? 84  HIS A C    1 
ATOM   1294 O O    . HIS A 1 84  ? -0.485  3.741   16.792  1.00 0.00 ? 84  HIS A O    1 
ATOM   1295 C CB   . HIS A 1 84  ? 2.670   2.560   18.144  1.00 0.00 ? 84  HIS A CB   1 
ATOM   1296 C CG   . HIS A 1 84  ? 3.372   1.230   18.277  1.00 0.00 ? 84  HIS A CG   1 
ATOM   1297 N ND1  . HIS A 1 84  ? 4.710   1.054   17.967  1.00 0.00 ? 84  HIS A ND1  1 
ATOM   1298 C CD2  . HIS A 1 84  ? 2.910   0.015   18.689  1.00 0.00 ? 84  HIS A CD2  1 
ATOM   1299 C CE1  . HIS A 1 84  ? 5.026   -0.215  18.187  1.00 0.00 ? 84  HIS A CE1  1 
ATOM   1300 N NE2  . HIS A 1 84  ? 3.908   -0.856  18.633  1.00 0.00 ? 84  HIS A NE2  1 
ATOM   1301 H H    . HIS A 1 84  ? 0.512   0.529   17.492  1.00 0.00 ? 84  HIS A H    1 
ATOM   1302 H HA   . HIS A 1 84  ? 0.736   2.174   18.951  1.00 0.00 ? 84  HIS A HA   1 
ATOM   1303 H HB2  . HIS A 1 84  ? 3.078   3.091   17.283  1.00 0.00 ? 84  HIS A HB2  1 
ATOM   1304 H HB3  . HIS A 1 84  ? 2.889   3.165   19.024  1.00 0.00 ? 84  HIS A HB3  1 
ATOM   1305 H HD1  . HIS A 1 84  ? 5.331   1.763   17.634  1.00 0.00 ? 84  HIS A HD1  1 
ATOM   1306 H HD2  . HIS A 1 84  ? 1.891   -0.203  19.010  1.00 0.00 ? 84  HIS A HD2  1 
ATOM   1307 H HE1  . HIS A 1 84  ? 6.007   -0.665  18.037  1.00 0.00 ? 84  HIS A HE1  1 
ATOM   1308 N N    . SER A 1 85  ? 1.101   4.859   17.953  1.00 0.00 ? 85  SER A N    1 
ATOM   1309 C CA   . SER A 1 85  ? 0.599   6.173   17.590  1.00 0.00 ? 85  SER A CA   1 
ATOM   1310 C C    . SER A 1 85  ? 0.706   6.375   16.077  1.00 0.00 ? 85  SER A C    1 
ATOM   1311 O O    . SER A 1 85  ? 1.560   5.774   15.426  1.00 0.00 ? 85  SER A O    1 
ATOM   1312 C CB   . SER A 1 85  ? 1.358   7.277   18.328  1.00 0.00 ? 85  SER A CB   1 
ATOM   1313 O OG   . SER A 1 85  ? 2.732   7.320   17.955  1.00 0.00 ? 85  SER A OG   1 
ATOM   1314 H H    . SER A 1 85  ? 1.909   4.864   18.543  1.00 0.00 ? 85  SER A H    1 
ATOM   1315 H HA   . SER A 1 85  ? -0.445  6.179   17.904  1.00 0.00 ? 85  SER A HA   1 
ATOM   1316 H HB2  . SER A 1 85  ? 0.895   8.241   18.115  1.00 0.00 ? 85  SER A HB2  1 
ATOM   1317 H HB3  . SER A 1 85  ? 1.279   7.116   19.404  1.00 0.00 ? 85  SER A HB3  1 
ATOM   1318 H HG   . SER A 1 85  ? 3.286   6.830   18.628  1.00 0.00 ? 85  SER A HG   1 
ATOM   1319 N N    . ASP A 1 86  ? -0.172  7.222   15.562  1.00 0.00 ? 86  ASP A N    1 
ATOM   1320 C CA   . ASP A 1 86  ? -0.186  7.511   14.138  1.00 0.00 ? 86  ASP A CA   1 
ATOM   1321 C C    . ASP A 1 86  ? -1.311  8.504   13.834  1.00 0.00 ? 86  ASP A C    1 
ATOM   1322 O O    . ASP A 1 86  ? -2.175  8.234   13.002  1.00 0.00 ? 86  ASP A O    1 
ATOM   1323 C CB   . ASP A 1 86  ? -0.444  6.243   13.321  1.00 0.00 ? 86  ASP A CB   1 
ATOM   1324 C CG   . ASP A 1 86  ? -1.772  5.542   13.614  1.00 0.00 ? 86  ASP A CG   1 
ATOM   1325 O OD1  . ASP A 1 86  ? -2.821  5.903   13.058  1.00 0.00 ? 86  ASP A OD1  1 
ATOM   1326 O OD2  . ASP A 1 86  ? -1.702  4.575   14.466  1.00 0.00 ? 86  ASP A OD2  1 
ATOM   1327 H H    . ASP A 1 86  ? -0.863  7.707   16.098  1.00 0.00 ? 86  ASP A H    1 
ATOM   1328 H HA   . ASP A 1 86  ? 0.800   7.918   13.918  1.00 0.00 ? 86  ASP A HA   1 
ATOM   1329 H HB2  . ASP A 1 86  ? -0.410  6.498   12.262  1.00 0.00 ? 86  ASP A HB2  1 
ATOM   1330 H HB3  . ASP A 1 86  ? 0.369   5.539   13.505  1.00 0.00 ? 86  ASP A HB3  1 
ATOM   1331 H HD2  . ASP A 1 86  ? -1.792  3.698   13.994  1.00 0.00 ? 86  ASP A HD2  1 
ATOM   1332 N N    . LEU A 1 87  ? -1.262  9.633   14.527  1.00 0.00 ? 87  LEU A N    1 
ATOM   1333 C CA   . LEU A 1 87  ? -2.266  10.667  14.342  1.00 0.00 ? 87  LEU A CA   1 
ATOM   1334 C C    . LEU A 1 87  ? -2.099  11.292  12.955  1.00 0.00 ? 87  LEU A C    1 
ATOM   1335 O O    . LEU A 1 87  ? -2.994  11.981  12.469  1.00 0.00 ? 87  LEU A O    1 
ATOM   1336 C CB   . LEU A 1 87  ? -2.205  11.683  15.484  1.00 0.00 ? 87  LEU A CB   1 
ATOM   1337 C CG   . LEU A 1 87  ? -2.045  11.102  16.890  1.00 0.00 ? 87  LEU A CG   1 
ATOM   1338 C CD1  . LEU A 1 87  ? -1.106  11.963  17.736  1.00 0.00 ? 87  LEU A CD1  1 
ATOM   1339 C CD2  . LEU A 1 87  ? -3.407  10.908  17.562  1.00 0.00 ? 87  LEU A CD2  1 
ATOM   1340 H H    . LEU A 1 87  ? -0.556  9.845   15.201  1.00 0.00 ? 87  LEU A H    1 
ATOM   1341 H HA   . LEU A 1 87  ? -3.243  10.186  14.388  1.00 0.00 ? 87  LEU A HA   1 
ATOM   1342 H HB2  . LEU A 1 87  ? -1.374  12.362  15.296  1.00 0.00 ? 87  LEU A HB2  1 
ATOM   1343 H HB3  . LEU A 1 87  ? -3.116  12.281  15.461  1.00 0.00 ? 87  LEU A HB3  1 
ATOM   1344 H HG   . LEU A 1 87  ? -1.587  10.115  16.802  1.00 0.00 ? 87  LEU A HG   1 
ATOM   1345 H HD11 . LEU A 1 87  ? -0.988  11.511  18.721  1.00 0.00 ? 87  LEU A HD11 1 
ATOM   1346 H HD12 . LEU A 1 87  ? -0.133  12.026  17.247  1.00 0.00 ? 87  LEU A HD12 1 
ATOM   1347 H HD13 . LEU A 1 87  ? -1.525  12.963  17.842  1.00 0.00 ? 87  LEU A HD13 1 
ATOM   1348 H HD21 . LEU A 1 87  ? -4.180  11.382  16.957  1.00 0.00 ? 87  LEU A HD21 1 
ATOM   1349 H HD22 . LEU A 1 87  ? -3.619  9.844   17.655  1.00 0.00 ? 87  LEU A HD22 1 
ATOM   1350 H HD23 . LEU A 1 87  ? -3.390  11.364  18.552  1.00 0.00 ? 87  LEU A HD23 1 
ATOM   1351 N N    . ASP A 1 88  ? -0.945  11.027  12.356  1.00 0.00 ? 88  ASP A N    1 
ATOM   1352 C CA   . ASP A 1 88  ? -0.651  11.554  11.035  1.00 0.00 ? 88  ASP A CA   1 
ATOM   1353 C C    . ASP A 1 88  ? -1.246  10.626  9.975   1.00 0.00 ? 88  ASP A C    1 
ATOM   1354 O O    . ASP A 1 88  ? -1.744  11.088  8.949   1.00 0.00 ? 88  ASP A O    1 
ATOM   1355 C CB   . ASP A 1 88  ? 0.859   11.634  10.799  1.00 0.00 ? 88  ASP A CB   1 
ATOM   1356 C CG   . ASP A 1 88  ? 1.577   12.741  11.575  1.00 0.00 ? 88  ASP A CG   1 
ATOM   1357 O OD1  . ASP A 1 88  ? 1.002   13.186  12.590  1.00 0.00 ? 88  ASP A OD1  1 
ATOM   1358 O OD2  . ASP A 1 88  ? 2.686   13.115  11.136  1.00 0.00 ? 88  ASP A OD2  1 
ATOM   1359 H H    . ASP A 1 88  ? -0.223  10.465  12.758  1.00 0.00 ? 88  ASP A H    1 
ATOM   1360 H HA   . ASP A 1 88  ? -1.096  12.549  11.018  1.00 0.00 ? 88  ASP A HA   1 
ATOM   1361 H HB2  . ASP A 1 88  ? 1.305   10.676  11.066  1.00 0.00 ? 88  ASP A HB2  1 
ATOM   1362 H HB3  . ASP A 1 88  ? 1.038   11.783  9.734   1.00 0.00 ? 88  ASP A HB3  1 
ATOM   1363 N N    . ALA A 1 89  ? -1.175  9.333   10.259  1.00 0.00 ? 89  ALA A N    1 
ATOM   1364 C CA   . ALA A 1 89  ? -1.703  8.337   9.342   1.00 0.00 ? 89  ALA A CA   1 
ATOM   1365 C C    . ALA A 1 89  ? -3.213  8.210   9.546   1.00 0.00 ? 89  ALA A C    1 
ATOM   1366 O O    . ALA A 1 89  ? -3.904  7.602   8.730   1.00 0.00 ? 89  ALA A O    1 
ATOM   1367 C CB   . ALA A 1 89  ? -0.973  7.009   9.560   1.00 0.00 ? 89  ALA A CB   1 
ATOM   1368 H H    . ALA A 1 89  ? -0.769  8.967   11.095  1.00 0.00 ? 89  ALA A H    1 
ATOM   1369 H HA   . ALA A 1 89  ? -1.508  8.683   8.327   1.00 0.00 ? 89  ALA A HA   1 
ATOM   1370 H HB1  . ALA A 1 89  ? -1.318  6.551   10.486  1.00 0.00 ? 89  ALA A HB1  1 
ATOM   1371 H HB2  . ALA A 1 89  ? -1.181  6.340   8.725   1.00 0.00 ? 89  ALA A HB2  1 
ATOM   1372 H HB3  . ALA A 1 89  ? 0.100   7.190   9.621   1.00 0.00 ? 89  ALA A HB3  1 
ATOM   1373 N N    . ALA A 1 90  ? -3.683  8.798   10.637  1.00 0.00 ? 90  ALA A N    1 
ATOM   1374 C CA   . ALA A 1 90  ? -5.100  8.759   10.957  1.00 0.00 ? 90  ALA A CA   1 
ATOM   1375 C C    . ALA A 1 90  ? -5.799  9.952   10.301  1.00 0.00 ? 90  ALA A C    1 
ATOM   1376 O O    . ALA A 1 90  ? -6.983  10.188  10.536  1.00 0.00 ? 90  ALA A O    1 
ATOM   1377 C CB   . ALA A 1 90  ? -5.279  8.740   12.476  1.00 0.00 ? 90  ALA A CB   1 
ATOM   1378 H H    . ALA A 1 90  ? -3.114  9.292   11.296  1.00 0.00 ? 90  ALA A H    1 
ATOM   1379 H HA   . ALA A 1 90  ? -5.508  7.837   10.544  1.00 0.00 ? 90  ALA A HA   1 
ATOM   1380 H HB1  . ALA A 1 90  ? -6.091  8.062   12.737  1.00 0.00 ? 90  ALA A HB1  1 
ATOM   1381 H HB2  . ALA A 1 90  ? -4.356  8.402   12.947  1.00 0.00 ? 90  ALA A HB2  1 
ATOM   1382 H HB3  . ALA A 1 90  ? -5.519  9.744   12.826  1.00 0.00 ? 90  ALA A HB3  1 
ATOM   1383 N N    . VAL A 1 91  ? -5.035  10.674  9.494   1.00 0.00 ? 91  VAL A N    1 
ATOM   1384 C CA   . VAL A 1 91  ? -5.566  11.838  8.805   1.00 0.00 ? 91  VAL A CA   1 
ATOM   1385 C C    . VAL A 1 91  ? -5.060  11.843  7.360   1.00 0.00 ? 91  VAL A C    1 
ATOM   1386 O O    . VAL A 1 91  ? -5.853  11.801  6.421   1.00 0.00 ? 91  VAL A O    1 
ATOM   1387 C CB   . VAL A 1 91  ? -5.204  13.111  9.569   1.00 0.00 ? 91  VAL A CB   1 
ATOM   1388 C CG1  . VAL A 1 91  ? -6.038  13.239  10.845  1.00 0.00 ? 91  VAL A CG1  1 
ATOM   1389 C CG2  . VAL A 1 91  ? -3.707  13.154  9.886   1.00 0.00 ? 91  VAL A CG2  1 
ATOM   1390 H H    . VAL A 1 91  ? -4.073  10.476  9.310   1.00 0.00 ? 91  VAL A H    1 
ATOM   1391 H HA   . VAL A 1 91  ? -6.653  11.746  8.795   1.00 0.00 ? 91  VAL A HA   1 
ATOM   1392 H HB   . VAL A 1 91  ? -5.436  13.964  8.931   1.00 0.00 ? 91  VAL A HB   1 
ATOM   1393 H HG11 . VAL A 1 91  ? -5.436  12.942  11.705  1.00 0.00 ? 91  VAL A HG11 1 
ATOM   1394 H HG12 . VAL A 1 91  ? -6.358  14.275  10.969  1.00 0.00 ? 91  VAL A HG12 1 
ATOM   1395 H HG13 . VAL A 1 91  ? -6.914  12.594  10.775  1.00 0.00 ? 91  VAL A HG13 1 
ATOM   1396 H HG21 . VAL A 1 91  ? -3.177  13.638  9.065   1.00 0.00 ? 91  VAL A HG21 1 
ATOM   1397 H HG22 . VAL A 1 91  ? -3.546  13.716  10.805  1.00 0.00 ? 91  VAL A HG22 1 
ATOM   1398 H HG23 . VAL A 1 91  ? -3.333  12.138  10.011  1.00 0.00 ? 91  VAL A HG23 1 
ATOM   1399 N N    . SER A 1 92  ? -3.743  11.895  7.228   1.00 0.00 ? 92  SER A N    1 
ATOM   1400 C CA   . SER A 1 92  ? -3.122  11.907  5.915   1.00 0.00 ? 92  SER A CA   1 
ATOM   1401 C C    . SER A 1 92  ? -3.397  10.585  5.195   1.00 0.00 ? 92  SER A C    1 
ATOM   1402 O O    . SER A 1 92  ? -3.379  10.529  3.966   1.00 0.00 ? 92  SER A O    1 
ATOM   1403 C CB   . SER A 1 92  ? -1.616  12.151  6.020   1.00 0.00 ? 92  SER A CB   1 
ATOM   1404 O OG   . SER A 1 92  ? -1.205  13.291  5.268   1.00 0.00 ? 92  SER A OG   1 
ATOM   1405 H H    . SER A 1 92  ? -3.105  11.929  7.998   1.00 0.00 ? 92  SER A H    1 
ATOM   1406 H HA   . SER A 1 92  ? -3.588  12.737  5.383   1.00 0.00 ? 92  SER A HA   1 
ATOM   1407 H HB2  . SER A 1 92  ? -1.343  12.292  7.066   1.00 0.00 ? 92  SER A HB2  1 
ATOM   1408 H HB3  . SER A 1 92  ? -1.079  11.271  5.668   1.00 0.00 ? 92  SER A HB3  1 
ATOM   1409 H HG   . SER A 1 92  ? -1.005  14.053  5.884   1.00 0.00 ? 92  SER A HG   1 
ATOM   1410 N N    . ALA A 1 93  ? -3.641  9.554   5.990   1.00 0.00 ? 93  ALA A N    1 
ATOM   1411 C CA   . ALA A 1 93  ? -3.919  8.238   5.444   1.00 0.00 ? 93  ALA A CA   1 
ATOM   1412 C C    . ALA A 1 93  ? -5.432  8.019   5.394   1.00 0.00 ? 93  ALA A C    1 
ATOM   1413 O O    . ALA A 1 93  ? -5.897  6.883   5.304   1.00 0.00 ? 93  ALA A O    1 
ATOM   1414 C CB   . ALA A 1 93  ? -3.204  7.175   6.283   1.00 0.00 ? 93  ALA A CB   1 
ATOM   1415 H H    . ALA A 1 93  ? -3.653  9.609   6.989   1.00 0.00 ? 93  ALA A H    1 
ATOM   1416 H HA   . ALA A 1 93  ? -3.522  8.209   4.429   1.00 0.00 ? 93  ALA A HA   1 
ATOM   1417 H HB1  . ALA A 1 93  ? -3.942  6.569   6.807   1.00 0.00 ? 93  ALA A HB1  1 
ATOM   1418 H HB2  . ALA A 1 93  ? -2.609  6.537   5.630   1.00 0.00 ? 93  ALA A HB2  1 
ATOM   1419 H HB3  . ALA A 1 93  ? -2.553  7.664   7.009   1.00 0.00 ? 93  ALA A HB3  1 
ATOM   1420 N N    . TYR A 1 94  ? -6.159  9.124   5.454   1.00 0.00 ? 94  TYR A N    1 
ATOM   1421 C CA   . TYR A 1 94  ? -7.611  9.068   5.416   1.00 0.00 ? 94  TYR A CA   1 
ATOM   1422 C C    . TYR A 1 94  ? -8.163  9.916   4.267   1.00 0.00 ? 94  TYR A C    1 
ATOM   1423 O O    . TYR A 1 94  ? -9.374  9.965   4.053   1.00 0.00 ? 94  TYR A O    1 
ATOM   1424 C CB   . TYR A 1 94  ? -8.091  9.656   6.744   1.00 0.00 ? 94  TYR A CB   1 
ATOM   1425 C CG   . TYR A 1 94  ? -8.211  8.629   7.872   1.00 0.00 ? 94  TYR A CG   1 
ATOM   1426 C CD1  . TYR A 1 94  ? -7.129  7.841   8.206   1.00 0.00 ? 94  TYR A CD1  1 
ATOM   1427 C CD2  . TYR A 1 94  ? -9.402  8.491   8.555   1.00 0.00 ? 94  TYR A CD2  1 
ATOM   1428 C CE1  . TYR A 1 94  ? -7.242  6.875   9.267   1.00 0.00 ? 94  TYR A CE1  1 
ATOM   1429 C CE2  . TYR A 1 94  ? -9.515  7.525   9.617   1.00 0.00 ? 94  TYR A CE2  1 
ATOM   1430 C CZ   . TYR A 1 94  ? -8.430  6.764   9.920   1.00 0.00 ? 94  TYR A CZ   1 
ATOM   1431 O OH   . TYR A 1 94  ? -8.536  5.851   10.924  1.00 0.00 ? 94  TYR A OH   1 
ATOM   1432 H H    . TYR A 1 94  ? -5.774  10.044  5.527   1.00 0.00 ? 94  TYR A H    1 
ATOM   1433 H HA   . TYR A 1 94  ? -7.904  8.029   5.264   1.00 0.00 ? 94  TYR A HA   1 
ATOM   1434 H HB2  . TYR A 1 94  ? -7.400  10.441  7.053   1.00 0.00 ? 94  TYR A HB2  1 
ATOM   1435 H HB3  . TYR A 1 94  ? -9.062  10.129  6.592   1.00 0.00 ? 94  TYR A HB3  1 
ATOM   1436 H HD1  . TYR A 1 94  ? -6.188  7.950   7.666   1.00 0.00 ? 94  TYR A HD1  1 
ATOM   1437 H HD2  . TYR A 1 94  ? -10.257 9.114   8.292   1.00 0.00 ? 94  TYR A HD2  1 
ATOM   1438 H HE1  . TYR A 1 94  ? -6.395  6.246   9.541   1.00 0.00 ? 94  TYR A HE1  1 
ATOM   1439 H HE2  . TYR A 1 94  ? -10.449 7.406   10.164  1.00 0.00 ? 94  TYR A HE2  1 
ATOM   1440 H HH   . TYR A 1 94  ? -8.236  6.256   11.787  1.00 0.00 ? 94  TYR A HH   1 
ATOM   1441 N N    . GLN A 1 95  ? -7.248  10.562  3.559   1.00 0.00 ? 95  GLN A N    1 
ATOM   1442 C CA   . GLN A 1 95  ? -7.629  11.406  2.438   1.00 0.00 ? 95  GLN A CA   1 
ATOM   1443 C C    . GLN A 1 95  ? -6.385  12.011  1.784   1.00 0.00 ? 95  GLN A C    1 
ATOM   1444 O O    . GLN A 1 95  ? -6.358  13.203  1.479   1.00 0.00 ? 95  GLN A O    1 
ATOM   1445 C CB   . GLN A 1 95  ? -8.604  12.497  2.880   1.00 0.00 ? 95  GLN A CB   1 
ATOM   1446 C CG   . GLN A 1 95  ? -7.855  13.695  3.469   1.00 0.00 ? 95  GLN A CG   1 
ATOM   1447 C CD   . GLN A 1 95  ? -8.603  14.272  4.672   1.00 0.00 ? 95  GLN A CD   1 
ATOM   1448 O OE1  . GLN A 1 95  ? -9.804  14.478  4.648   1.00 0.00 ? 95  GLN A OE1  1 
ATOM   1449 N NE2  . GLN A 1 95  ? -7.827  14.520  5.724   1.00 0.00 ? 95  GLN A NE2  1 
ATOM   1450 H H    . GLN A 1 95  ? -6.266  10.518  3.739   1.00 0.00 ? 95  GLN A H    1 
ATOM   1451 H HA   . GLN A 1 95  ? -8.132  10.741  1.734   1.00 0.00 ? 95  GLN A HA   1 
ATOM   1452 H HB2  . GLN A 1 95  ? -9.203  12.821  2.029   1.00 0.00 ? 95  GLN A HB2  1 
ATOM   1453 H HB3  . GLN A 1 95  ? -9.295  12.097  3.621   1.00 0.00 ? 95  GLN A HB3  1 
ATOM   1454 H HG2  . GLN A 1 95  ? -6.854  13.390  3.771   1.00 0.00 ? 95  GLN A HG2  1 
ATOM   1455 H HG3  . GLN A 1 95  ? -7.737  14.466  2.707   1.00 0.00 ? 95  GLN A HG3  1 
ATOM   1456 H HE21 . GLN A 1 95  ? -6.847  14.327  5.677   1.00 0.00 ? 95  GLN A HE21 1 
ATOM   1457 H HE22 . GLN A 1 95  ? -8.223  14.899  6.560   1.00 0.00 ? 95  GLN A HE22 1 
ATOM   1458 N N    . GLN A 1 96  ? -5.386  11.162  1.588   1.00 0.00 ? 96  GLN A N    1 
ATOM   1459 C CA   . GLN A 1 96  ? -4.144  11.600  0.976   1.00 0.00 ? 96  GLN A CA   1 
ATOM   1460 C C    . GLN A 1 96  ? -3.217  10.404  0.743   1.00 0.00 ? 96  GLN A C    1 
ATOM   1461 O O    . GLN A 1 96  ? -3.262  9.777   -0.315  1.00 0.00 ? 96  GLN A O    1 
ATOM   1462 C CB   . GLN A 1 96  ? -3.456  12.666  1.831   1.00 0.00 ? 96  GLN A CB   1 
ATOM   1463 C CG   . GLN A 1 96  ? -3.837  14.073  1.366   1.00 0.00 ? 96  GLN A CG   1 
ATOM   1464 C CD   . GLN A 1 96  ? -2.595  14.880  0.982   1.00 0.00 ? 96  GLN A CD   1 
ATOM   1465 O OE1  . GLN A 1 96  ? -1.612  14.356  0.484   1.00 0.00 ? 96  GLN A OE1  1 
ATOM   1466 N NE2  . GLN A 1 96  ? -2.693  16.180  1.243   1.00 0.00 ? 96  GLN A NE2  1 
ATOM   1467 H H    . GLN A 1 96  ? -5.416  10.196  1.840   1.00 0.00 ? 96  GLN A H    1 
ATOM   1468 H HA   . GLN A 1 96  ? -4.429  12.038  0.020   1.00 0.00 ? 96  GLN A HA   1 
ATOM   1469 H HB2  . GLN A 1 96  ? -3.738  12.536  2.876   1.00 0.00 ? 96  GLN A HB2  1 
ATOM   1470 H HB3  . GLN A 1 96  ? -2.374  12.541  1.775   1.00 0.00 ? 96  GLN A HB3  1 
ATOM   1471 H HG2  . GLN A 1 96  ? -4.510  14.007  0.510   1.00 0.00 ? 96  GLN A HG2  1 
ATOM   1472 H HG3  . GLN A 1 96  ? -4.380  14.588  2.158   1.00 0.00 ? 96  GLN A HG3  1 
ATOM   1473 H HE21 . GLN A 1 96  ? -3.528  16.547  1.653   1.00 0.00 ? 96  GLN A HE21 1 
ATOM   1474 H HE22 . GLN A 1 96  ? -1.931  16.792  1.029   1.00 0.00 ? 96  GLN A HE22 1 
ATOM   1475 N N    . GLY A 1 97  ? -2.400  10.125  1.747   1.00 0.00 ? 97  GLY A N    1 
ATOM   1476 C CA   . GLY A 1 97  ? -1.465  9.015   1.665   1.00 0.00 ? 97  GLY A CA   1 
ATOM   1477 C C    . GLY A 1 97  ? -2.189  7.676   1.821   1.00 0.00 ? 97  GLY A C    1 
ATOM   1478 O O    . GLY A 1 97  ? -1.800  6.849   2.645   1.00 0.00 ? 97  GLY A O    1 
ATOM   1479 H H    . GLY A 1 97  ? -2.369  10.639  2.604   1.00 0.00 ? 97  GLY A H    1 
ATOM   1480 H HA2  . GLY A 1 97  ? -0.947  9.043   0.706   1.00 0.00 ? 97  GLY A HA2  1 
ATOM   1481 H HA3  . GLY A 1 97  ? -0.706  9.116   2.439   1.00 0.00 ? 97  GLY A HA3  1 
ATOM   1482 N N    . ALA A 1 98  ? -3.227  7.503   1.017   1.00 0.00 ? 98  ALA A N    1 
ATOM   1483 C CA   . ALA A 1 98  ? -4.008  6.278   1.057   1.00 0.00 ? 98  ALA A CA   1 
ATOM   1484 C C    . ALA A 1 98  ? -5.205  6.470   1.991   1.00 0.00 ? 98  ALA A C    1 
ATOM   1485 O O    . ALA A 1 98  ? -5.051  6.959   3.110   1.00 0.00 ? 98  ALA A O    1 
ATOM   1486 C CB   . ALA A 1 98  ? -3.113  5.115   1.488   1.00 0.00 ? 98  ALA A CB   1 
ATOM   1487 H H    . ALA A 1 98  ? -3.537  8.180   0.350   1.00 0.00 ? 98  ALA A H    1 
ATOM   1488 H HA   . ALA A 1 98  ? -4.374  6.085   0.048   1.00 0.00 ? 98  ALA A HA   1 
ATOM   1489 H HB1  . ALA A 1 98  ? -3.539  4.178   1.134   1.00 0.00 ? 98  ALA A HB1  1 
ATOM   1490 H HB2  . ALA A 1 98  ? -2.118  5.245   1.063   1.00 0.00 ? 98  ALA A HB2  1 
ATOM   1491 H HB3  . ALA A 1 98  ? -3.043  5.095   2.576   1.00 0.00 ? 98  ALA A HB3  1 
ATOM   1492 N N    . PHE A 1 99  ? -6.370  6.079   1.497   1.00 0.00 ? 99  PHE A N    1 
ATOM   1493 C CA   . PHE A 1 99  ? -7.591  6.202   2.274   1.00 0.00 ? 99  PHE A CA   1 
ATOM   1494 C C    . PHE A 1 99  ? -7.832  4.951   3.121   1.00 0.00 ? 99  PHE A C    1 
ATOM   1495 O O    . PHE A 1 99  ? -8.733  4.927   3.958   1.00 0.00 ? 99  PHE A O    1 
ATOM   1496 C CB   . PHE A 1 99  ? -8.742  6.357   1.277   1.00 0.00 ? 99  PHE A CB   1 
ATOM   1497 C CG   . PHE A 1 99  ? -8.538  5.593   -0.032  1.00 0.00 ? 99  PHE A CG   1 
ATOM   1498 C CD1  . PHE A 1 99  ? -8.808  4.261   -0.091  1.00 0.00 ? 99  PHE A CD1  1 
ATOM   1499 C CD2  . PHE A 1 99  ? -8.086  6.244   -1.136  1.00 0.00 ? 99  PHE A CD2  1 
ATOM   1500 C CE1  . PHE A 1 99  ? -8.619  3.551   -1.306  1.00 0.00 ? 99  PHE A CE1  1 
ATOM   1501 C CE2  . PHE A 1 99  ? -7.897  5.535   -2.352  1.00 0.00 ? 99  PHE A CE2  1 
ATOM   1502 C CZ   . PHE A 1 99  ? -8.167  4.203   -2.411  1.00 0.00 ? 99  PHE A CZ   1 
ATOM   1503 H H    . PHE A 1 99  ? -6.487  5.683   0.586   1.00 0.00 ? 99  PHE A H    1 
ATOM   1504 H HA   . PHE A 1 99  ? -7.472  7.065   2.929   1.00 0.00 ? 99  PHE A HA   1 
ATOM   1505 H HB2  . PHE A 1 99  ? -9.664  6.015   1.747   1.00 0.00 ? 99  PHE A HB2  1 
ATOM   1506 H HB3  . PHE A 1 99  ? -8.873  7.415   1.050   1.00 0.00 ? 99  PHE A HB3  1 
ATOM   1507 H HD1  . PHE A 1 99  ? -9.170  3.739   0.795   1.00 0.00 ? 99  PHE A HD1  1 
ATOM   1508 H HD2  . PHE A 1 99  ? -7.869  7.312   -1.090  1.00 0.00 ? 99  PHE A HD2  1 
ATOM   1509 H HE1  . PHE A 1 99  ? -8.836  2.484   -1.353  1.00 0.00 ? 99  PHE A HE1  1 
ATOM   1510 H HE2  . PHE A 1 99  ? -7.534  6.057   -3.237  1.00 0.00 ? 99  PHE A HE2  1 
ATOM   1511 H HZ   . PHE A 1 99  ? -8.021  3.658   -3.343  1.00 0.00 ? 99  PHE A HZ   1 
ATOM   1512 N N    . ASP A 1 100 ? -7.008  3.941   2.875   1.00 0.00 ? 100 ASP A N    1 
ATOM   1513 C CA   . ASP A 1 100 ? -7.120  2.691   3.605   1.00 0.00 ? 100 ASP A CA   1 
ATOM   1514 C C    . ASP A 1 100 ? -6.069  2.657   4.716   1.00 0.00 ? 100 ASP A C    1 
ATOM   1515 O O    . ASP A 1 100 ? -5.391  3.654   4.965   1.00 0.00 ? 100 ASP A O    1 
ATOM   1516 C CB   . ASP A 1 100 ? -6.873  1.493   2.685   1.00 0.00 ? 100 ASP A CB   1 
ATOM   1517 C CG   . ASP A 1 100 ? -7.874  1.342   1.538   1.00 0.00 ? 100 ASP A CG   1 
ATOM   1518 O OD1  . ASP A 1 100 ? -8.901  0.667   1.764   1.00 0.00 ? 100 ASP A OD1  1 
ATOM   1519 O OD2  . ASP A 1 100 ? -7.589  1.905   0.459   1.00 0.00 ? 100 ASP A OD2  1 
ATOM   1520 H H    . ASP A 1 100 ? -6.278  3.970   2.194   1.00 0.00 ? 100 ASP A H    1 
ATOM   1521 H HA   . ASP A 1 100 ? -8.139  2.674   3.993   1.00 0.00 ? 100 ASP A HA   1 
ATOM   1522 H HB2  . ASP A 1 100 ? -5.871  1.578   2.265   1.00 0.00 ? 100 ASP A HB2  1 
ATOM   1523 H HB3  . ASP A 1 100 ? -6.892  0.584   3.285   1.00 0.00 ? 100 ASP A HB3  1 
ATOM   1524 N N    . TYR A 1 101 ? -5.965  1.502   5.356   1.00 0.00 ? 101 TYR A N    1 
ATOM   1525 C CA   . TYR A 1 101 ? -5.009  1.326   6.435   1.00 0.00 ? 101 TYR A CA   1 
ATOM   1526 C C    . TYR A 1 101 ? -5.019  -0.115  6.947   1.00 0.00 ? 101 TYR A C    1 
ATOM   1527 O O    . TYR A 1 101 ? -6.077  -0.733  7.053   1.00 0.00 ? 101 TYR A O    1 
ATOM   1528 C CB   . TYR A 1 101 ? -5.464  2.258   7.560   1.00 0.00 ? 101 TYR A CB   1 
ATOM   1529 C CG   . TYR A 1 101 ? -4.320  2.824   8.401   1.00 0.00 ? 101 TYR A CG   1 
ATOM   1530 C CD1  . TYR A 1 101 ? -3.400  1.971   8.977   1.00 0.00 ? 101 TYR A CD1  1 
ATOM   1531 C CD2  . TYR A 1 101 ? -4.208  4.186   8.587   1.00 0.00 ? 101 TYR A CD2  1 
ATOM   1532 C CE1  . TYR A 1 101 ? -2.322  2.502   9.770   1.00 0.00 ? 101 TYR A CE1  1 
ATOM   1533 C CE2  . TYR A 1 101 ? -3.131  4.719   9.381   1.00 0.00 ? 101 TYR A CE2  1 
ATOM   1534 C CZ   . TYR A 1 101 ? -2.242  3.850   9.933   1.00 0.00 ? 101 TYR A CZ   1 
ATOM   1535 O OH   . TYR A 1 101 ? -1.223  4.353   10.683  1.00 0.00 ? 101 TYR A OH   1 
ATOM   1536 H H    . TYR A 1 101 ? -6.520  0.696   5.148   1.00 0.00 ? 101 TYR A H    1 
ATOM   1537 H HA   . TYR A 1 101 ? -4.017  1.559   6.046   1.00 0.00 ? 101 TYR A HA   1 
ATOM   1538 H HB2  . TYR A 1 101 ? -6.027  3.085   7.125   1.00 0.00 ? 101 TYR A HB2  1 
ATOM   1539 H HB3  . TYR A 1 101 ? -6.150  1.715   8.212   1.00 0.00 ? 101 TYR A HB3  1 
ATOM   1540 H HD1  . TYR A 1 101 ? -3.488  0.895   8.830   1.00 0.00 ? 101 TYR A HD1  1 
ATOM   1541 H HD2  . TYR A 1 101 ? -4.935  4.860   8.133   1.00 0.00 ? 101 TYR A HD2  1 
ATOM   1542 H HE1  . TYR A 1 101 ? -1.589  1.840   10.230  1.00 0.00 ? 101 TYR A HE1  1 
ATOM   1543 H HE2  . TYR A 1 101 ? -3.030  5.793   9.535   1.00 0.00 ? 101 TYR A HE2  1 
ATOM   1544 H HH   . TYR A 1 101 ? -0.364  4.294   10.176  1.00 0.00 ? 101 TYR A HH   1 
ATOM   1545 N N    . LEU A 1 102 ? -3.827  -0.609  7.254   1.00 0.00 ? 102 LEU A N    1 
ATOM   1546 C CA   . LEU A 1 102 ? -3.687  -1.966  7.753   1.00 0.00 ? 102 LEU A CA   1 
ATOM   1547 C C    . LEU A 1 102 ? -2.891  -1.944  9.060   1.00 0.00 ? 102 LEU A C    1 
ATOM   1548 O O    . LEU A 1 102 ? -1.756  -2.417  9.107   1.00 0.00 ? 102 LEU A O    1 
ATOM   1549 C CB   . LEU A 1 102 ? -3.080  -2.872  6.678   1.00 0.00 ? 102 LEU A CB   1 
ATOM   1550 C CG   . LEU A 1 102 ? -3.915  -4.089  6.278   1.00 0.00 ? 102 LEU A CG   1 
ATOM   1551 C CD1  . LEU A 1 102 ? -5.389  -3.714  6.113   1.00 0.00 ? 102 LEU A CD1  1 
ATOM   1552 C CD2  . LEU A 1 102 ? -3.348  -4.754  5.022   1.00 0.00 ? 102 LEU A CD2  1 
ATOM   1553 H H    . LEU A 1 102 ? -2.972  -0.100  7.165   1.00 0.00 ? 102 LEU A H    1 
ATOM   1554 H HA   . LEU A 1 102 ? -4.687  -2.342  7.964   1.00 0.00 ? 102 LEU A HA   1 
ATOM   1555 H HB2  . LEU A 1 102 ? -2.898  -2.272  5.787   1.00 0.00 ? 102 LEU A HB2  1 
ATOM   1556 H HB3  . LEU A 1 102 ? -2.109  -3.221  7.031   1.00 0.00 ? 102 LEU A HB3  1 
ATOM   1557 H HG   . LEU A 1 102 ? -3.858  -4.823  7.083   1.00 0.00 ? 102 LEU A HG   1 
ATOM   1558 H HD11 . LEU A 1 102 ? -5.758  -4.102  5.165   1.00 0.00 ? 102 LEU A HD11 1 
ATOM   1559 H HD12 . LEU A 1 102 ? -5.967  -4.142  6.932   1.00 0.00 ? 102 LEU A HD12 1 
ATOM   1560 H HD13 . LEU A 1 102 ? -5.491  -2.628  6.125   1.00 0.00 ? 102 LEU A HD13 1 
ATOM   1561 H HD21 . LEU A 1 102 ? -3.914  -5.660  4.804   1.00 0.00 ? 102 LEU A HD21 1 
ATOM   1562 H HD22 . LEU A 1 102 ? -3.426  -4.066  4.180   1.00 0.00 ? 102 LEU A HD22 1 
ATOM   1563 H HD23 . LEU A 1 102 ? -2.302  -5.011  5.188   1.00 0.00 ? 102 LEU A HD23 1 
ATOM   1564 N N    . PRO A 1 103 ? -3.533  -1.375  10.114  1.00 0.00 ? 103 PRO A N    1 
ATOM   1565 C CA   . PRO A 1 103 ? -2.898  -1.285  11.418  1.00 0.00 ? 103 PRO A CA   1 
ATOM   1566 C C    . PRO A 1 103 ? -2.883  -2.646  12.116  1.00 0.00 ? 103 PRO A C    1 
ATOM   1567 O O    . PRO A 1 103 ? -3.648  -3.540  11.757  1.00 0.00 ? 103 PRO A O    1 
ATOM   1568 C CB   . PRO A 1 103 ? -3.698  -0.238  12.174  1.00 0.00 ? 103 PRO A CB   1 
ATOM   1569 C CG   . PRO A 1 103 ? -5.024  -0.118  11.442  1.00 0.00 ? 103 PRO A CG   1 
ATOM   1570 C CD   . PRO A 1 103 ? -4.877  -0.805  10.095  1.00 0.00 ? 103 PRO A CD   1 
ATOM   1571 H HA   . PRO A 1 103 ? -1.938  -1.018  11.319  1.00 0.00 ? 103 PRO A HA   1 
ATOM   1572 H HB2  . PRO A 1 103 ? -3.849  -0.537  13.212  1.00 0.00 ? 103 PRO A HB2  1 
ATOM   1573 H HB3  . PRO A 1 103 ? -3.174  0.718   12.191  1.00 0.00 ? 103 PRO A HB3  1 
ATOM   1574 H HG2  . PRO A 1 103 ? -5.824  -0.581  12.021  1.00 0.00 ? 103 PRO A HG2  1 
ATOM   1575 H HG3  . PRO A 1 103 ? -5.294  0.929   11.310  1.00 0.00 ? 103 PRO A HG3  1 
ATOM   1576 H HD2  . PRO A 1 103 ? -5.633  -1.577  9.958   1.00 0.00 ? 103 PRO A HD2  1 
ATOM   1577 H HD3  . PRO A 1 103 ? -4.994  -0.097  9.274   1.00 0.00 ? 103 PRO A HD3  1 
ATOM   1578 N N    . LYS A 1 104 ? -2.005  -2.761  13.101  1.00 0.00 ? 104 LYS A N    1 
ATOM   1579 C CA   . LYS A 1 104 ? -1.882  -3.998  13.853  1.00 0.00 ? 104 LYS A CA   1 
ATOM   1580 C C    . LYS A 1 104 ? -1.612  -5.153  12.886  1.00 0.00 ? 104 LYS A C    1 
ATOM   1581 O O    . LYS A 1 104 ? -1.688  -4.980  11.670  1.00 0.00 ? 104 LYS A O    1 
ATOM   1582 C CB   . LYS A 1 104 ? -3.110  -4.212  14.738  1.00 0.00 ? 104 LYS A CB   1 
ATOM   1583 C CG   . LYS A 1 104 ? -2.754  -4.052  16.219  1.00 0.00 ? 104 LYS A CG   1 
ATOM   1584 C CD   . LYS A 1 104 ? -3.626  -4.954  17.094  1.00 0.00 ? 104 LYS A CD   1 
ATOM   1585 C CE   . LYS A 1 104 ? -3.356  -4.705  18.578  1.00 0.00 ? 104 LYS A CE   1 
ATOM   1586 N NZ   . LYS A 1 104 ? -4.091  -3.508  19.045  1.00 0.00 ? 104 LYS A NZ   1 
ATOM   1587 H H    . LYS A 1 104 ? -1.386  -2.029  13.387  1.00 0.00 ? 104 LYS A H    1 
ATOM   1588 H HA   . LYS A 1 104 ? -1.021  -3.894  14.514  1.00 0.00 ? 104 LYS A HA   1 
ATOM   1589 H HB2  . LYS A 1 104 ? -3.887  -3.497  14.469  1.00 0.00 ? 104 LYS A HB2  1 
ATOM   1590 H HB3  . LYS A 1 104 ? -3.519  -5.207  14.565  1.00 0.00 ? 104 LYS A HB3  1 
ATOM   1591 H HG2  . LYS A 1 104 ? -1.702  -4.298  16.372  1.00 0.00 ? 104 LYS A HG2  1 
ATOM   1592 H HG3  . LYS A 1 104 ? -2.885  -3.012  16.518  1.00 0.00 ? 104 LYS A HG3  1 
ATOM   1593 H HD2  . LYS A 1 104 ? -4.678  -4.770  16.875  1.00 0.00 ? 104 LYS A HD2  1 
ATOM   1594 H HD3  . LYS A 1 104 ? -3.430  -6.000  16.853  1.00 0.00 ? 104 LYS A HD3  1 
ATOM   1595 H HE2  . LYS A 1 104 ? -3.660  -5.575  19.160  1.00 0.00 ? 104 LYS A HE2  1 
ATOM   1596 H HE3  . LYS A 1 104 ? -2.286  -4.571  18.742  1.00 0.00 ? 104 LYS A HE3  1 
ATOM   1597 H HZ1  . LYS A 1 104 ? -5.037  -3.551  18.725  1.00 0.00 ? 104 LYS A HZ1  1 
ATOM   1598 H HZ2  . LYS A 1 104 ? -4.076  -3.477  20.045  1.00 0.00 ? 104 LYS A HZ2  1 
ATOM   1599 H HZ3  . LYS A 1 104 ? -3.652  -2.685  18.681  1.00 0.00 ? 104 LYS A HZ3  1 
ATOM   1600 N N    . PRO A 1 105 ? -1.293  -6.335  13.477  1.00 0.00 ? 105 PRO A N    1 
ATOM   1601 C CA   . PRO A 1 105 ? -1.012  -7.519  12.682  1.00 0.00 ? 105 PRO A CA   1 
ATOM   1602 C C    . PRO A 1 105 ? -2.301  -8.112  12.107  1.00 0.00 ? 105 PRO A C    1 
ATOM   1603 O O    . PRO A 1 105 ? -2.721  -9.195  12.510  1.00 0.00 ? 105 PRO A O    1 
ATOM   1604 C CB   . PRO A 1 105 ? -0.290  -8.465  13.626  1.00 0.00 ? 105 PRO A CB   1 
ATOM   1605 C CG   . PRO A 1 105 ? -0.604  -7.974  15.029  1.00 0.00 ? 105 PRO A CG   1 
ATOM   1606 C CD   . PRO A 1 105 ? -1.192  -6.577  14.913  1.00 0.00 ? 105 PRO A CD   1 
ATOM   1607 H HA   . PRO A 1 105 ? -0.446  -7.279  11.893  1.00 0.00 ? 105 PRO A HA   1 
ATOM   1608 H HB2  . PRO A 1 105 ? -0.632  -9.492  13.487  1.00 0.00 ? 105 PRO A HB2  1 
ATOM   1609 H HB3  . PRO A 1 105 ? 0.784   -8.459  13.441  1.00 0.00 ? 105 PRO A HB3  1 
ATOM   1610 H HG2  . PRO A 1 105 ? -1.308  -8.645  15.521  1.00 0.00 ? 105 PRO A HG2  1 
ATOM   1611 H HG3  . PRO A 1 105 ? 0.300   -7.958  15.639  1.00 0.00 ? 105 PRO A HG3  1 
ATOM   1612 H HD2  . PRO A 1 105 ? -2.169  -6.518  15.394  1.00 0.00 ? 105 PRO A HD2  1 
ATOM   1613 H HD3  . PRO A 1 105 ? -0.554  -5.838  15.396  1.00 0.00 ? 105 PRO A HD3  1 
ATOM   1614 N N    . PHE A 1 106 ? -2.890  -7.376  11.178  1.00 0.00 ? 106 PHE A N    1 
ATOM   1615 C CA   . PHE A 1 106 ? -4.123  -7.817  10.546  1.00 0.00 ? 106 PHE A CA   1 
ATOM   1616 C C    . PHE A 1 106 ? -3.985  -9.243  10.010  1.00 0.00 ? 106 PHE A C    1 
ATOM   1617 O O    . PHE A 1 106 ? -2.991  -9.917  10.278  1.00 0.00 ? 106 PHE A O    1 
ATOM   1618 C CB   . PHE A 1 106 ? -4.387  -6.869  9.373   1.00 0.00 ? 106 PHE A CB   1 
ATOM   1619 C CG   . PHE A 1 106 ? -3.139  -6.525  8.557   1.00 0.00 ? 106 PHE A CG   1 
ATOM   1620 C CD1  . PHE A 1 106 ? -2.728  -7.355  7.561   1.00 0.00 ? 106 PHE A CD1  1 
ATOM   1621 C CD2  . PHE A 1 106 ? -2.440  -5.390  8.830   1.00 0.00 ? 106 PHE A CD2  1 
ATOM   1622 C CE1  . PHE A 1 106 ? -1.569  -7.035  6.804   1.00 0.00 ? 106 PHE A CE1  1 
ATOM   1623 C CE2  . PHE A 1 106 ? -1.283  -5.071  8.072   1.00 0.00 ? 106 PHE A CE2  1 
ATOM   1624 C CZ   . PHE A 1 106 ? -0.871  -5.901  7.075   1.00 0.00 ? 106 PHE A CZ   1 
ATOM   1625 H H    . PHE A 1 106 ? -2.542  -6.496  10.857  1.00 0.00 ? 106 PHE A H    1 
ATOM   1626 H HA   . PHE A 1 106 ? -4.905  -7.788  11.304  1.00 0.00 ? 106 PHE A HA   1 
ATOM   1627 H HB2  . PHE A 1 106 ? -5.126  -7.322  8.713   1.00 0.00 ? 106 PHE A HB2  1 
ATOM   1628 H HB3  . PHE A 1 106 ? -4.824  -5.947  9.756   1.00 0.00 ? 106 PHE A HB3  1 
ATOM   1629 H HD1  . PHE A 1 106 ? -3.288  -8.264  7.343   1.00 0.00 ? 106 PHE A HD1  1 
ATOM   1630 H HD2  . PHE A 1 106 ? -2.769  -4.725  9.627   1.00 0.00 ? 106 PHE A HD2  1 
ATOM   1631 H HE1  . PHE A 1 106 ? -1.239  -7.701  6.006   1.00 0.00 ? 106 PHE A HE1  1 
ATOM   1632 H HE2  . PHE A 1 106 ? -0.723  -4.162  8.290   1.00 0.00 ? 106 PHE A HE2  1 
ATOM   1633 H HZ   . PHE A 1 106 ? 0.018   -5.656  6.494   1.00 0.00 ? 106 PHE A HZ   1 
ATOM   1634 N N    . ASP A 1 107 ? -4.997  -9.662  9.266   1.00 0.00 ? 107 ASP A N    1 
ATOM   1635 C CA   . ASP A 1 107 ? -5.001  -10.997 8.691   1.00 0.00 ? 107 ASP A CA   1 
ATOM   1636 C C    . ASP A 1 107 ? -4.804  -10.898 7.177   1.00 0.00 ? 107 ASP A C    1 
ATOM   1637 O O    . ASP A 1 107 ? -4.577  -9.810  6.648   1.00 0.00 ? 107 ASP A O    1 
ATOM   1638 C CB   . ASP A 1 107 ? -6.335  -11.703 8.949   1.00 0.00 ? 107 ASP A CB   1 
ATOM   1639 C CG   . ASP A 1 107 ? -6.219  -13.098 9.567   1.00 0.00 ? 107 ASP A CG   1 
ATOM   1640 O OD1  . ASP A 1 107 ? -5.435  -13.228 10.531  1.00 0.00 ? 107 ASP A OD1  1 
ATOM   1641 O OD2  . ASP A 1 107 ? -6.917  -14.003 9.059   1.00 0.00 ? 107 ASP A OD2  1 
ATOM   1642 H H    . ASP A 1 107 ? -5.802  -9.108  9.052   1.00 0.00 ? 107 ASP A H    1 
ATOM   1643 H HA   . ASP A 1 107 ? -4.184  -11.524 9.185   1.00 0.00 ? 107 ASP A HA   1 
ATOM   1644 H HB2  . ASP A 1 107 ? -6.938  -11.078 9.609   1.00 0.00 ? 107 ASP A HB2  1 
ATOM   1645 H HB3  . ASP A 1 107 ? -6.873  -11.784 8.005   1.00 0.00 ? 107 ASP A HB3  1 
ATOM   1646 N N    . ILE A 1 108 ? -4.897  -12.046 6.524   1.00 0.00 ? 108 ILE A N    1 
ATOM   1647 C CA   . ILE A 1 108 ? -4.731  -12.101 5.081   1.00 0.00 ? 108 ILE A CA   1 
ATOM   1648 C C    . ILE A 1 108 ? -5.982  -11.534 4.405   1.00 0.00 ? 108 ILE A C    1 
ATOM   1649 O O    . ILE A 1 108 ? -5.927  -10.477 3.780   1.00 0.00 ? 108 ILE A O    1 
ATOM   1650 C CB   . ILE A 1 108 ? -4.384  -13.523 4.637   1.00 0.00 ? 108 ILE A CB   1 
ATOM   1651 C CG1  . ILE A 1 108 ? -2.869  -13.706 4.514   1.00 0.00 ? 108 ILE A CG1  1 
ATOM   1652 C CG2  . ILE A 1 108 ? -5.112  -13.885 3.339   1.00 0.00 ? 108 ILE A CG2  1 
ATOM   1653 C CD1  . ILE A 1 108 ? -2.235  -12.532 3.764   1.00 0.00 ? 108 ILE A CD1  1 
ATOM   1654 H H    . ILE A 1 108 ? -5.081  -12.926 6.962   1.00 0.00 ? 108 ILE A H    1 
ATOM   1655 H HA   . ILE A 1 108 ? -3.883  -11.468 4.826   1.00 0.00 ? 108 ILE A HA   1 
ATOM   1656 H HB   . ILE A 1 108 ? -4.730  -14.215 5.404   1.00 0.00 ? 108 ILE A HB   1 
ATOM   1657 H HG12 . ILE A 1 108 ? -2.429  -13.789 5.507   1.00 0.00 ? 108 ILE A HG12 1 
ATOM   1658 H HG13 . ILE A 1 108 ? -2.653  -14.637 3.990   1.00 0.00 ? 108 ILE A HG13 1 
ATOM   1659 H HG21 . ILE A 1 108 ? -5.161  -13.008 2.694   1.00 0.00 ? 108 ILE A HG21 1 
ATOM   1660 H HG22 . ILE A 1 108 ? -4.569  -14.682 2.829   1.00 0.00 ? 108 ILE A HG22 1 
ATOM   1661 H HG23 . ILE A 1 108 ? -6.122  -14.223 3.572   1.00 0.00 ? 108 ILE A HG23 1 
ATOM   1662 H HD11 . ILE A 1 108 ? -1.398  -12.893 3.167   1.00 0.00 ? 108 ILE A HD11 1 
ATOM   1663 H HD12 . ILE A 1 108 ? -2.978  -12.075 3.110   1.00 0.00 ? 108 ILE A HD12 1 
ATOM   1664 H HD13 . ILE A 1 108 ? -1.876  -11.794 4.481   1.00 0.00 ? 108 ILE A HD13 1 
ATOM   1665 N N    . ASP A 1 109 ? -7.078  -12.261 4.558   1.00 0.00 ? 109 ASP A N    1 
ATOM   1666 C CA   . ASP A 1 109 ? -8.341  -11.843 3.971   1.00 0.00 ? 109 ASP A CA   1 
ATOM   1667 C C    . ASP A 1 109 ? -8.636  -10.400 4.383   1.00 0.00 ? 109 ASP A C    1 
ATOM   1668 O O    . ASP A 1 109 ? -9.043  -9.585  3.556   1.00 0.00 ? 109 ASP A O    1 
ATOM   1669 C CB   . ASP A 1 109 ? -9.494  -12.720 4.462   1.00 0.00 ? 109 ASP A CB   1 
ATOM   1670 C CG   . ASP A 1 109 ? -10.421 -13.242 3.364   1.00 0.00 ? 109 ASP A CG   1 
ATOM   1671 O OD1  . ASP A 1 109 ? -11.191 -12.415 2.829   1.00 0.00 ? 109 ASP A OD1  1 
ATOM   1672 O OD2  . ASP A 1 109 ? -10.339 -14.458 3.082   1.00 0.00 ? 109 ASP A OD2  1 
ATOM   1673 H H    . ASP A 1 109 ? -7.114  -13.119 5.070   1.00 0.00 ? 109 ASP A H    1 
ATOM   1674 H HA   . ASP A 1 109 ? -8.205  -11.950 2.895   1.00 0.00 ? 109 ASP A HA   1 
ATOM   1675 H HB2  . ASP A 1 109 ? -9.079  -13.571 5.001   1.00 0.00 ? 109 ASP A HB2  1 
ATOM   1676 H HB3  . ASP A 1 109 ? -10.087 -12.149 5.176   1.00 0.00 ? 109 ASP A HB3  1 
ATOM   1677 N N    . GLU A 1 110 ? -8.421  -10.127 5.661   1.00 0.00 ? 110 GLU A N    1 
ATOM   1678 C CA   . GLU A 1 110 ? -8.658  -8.795  6.193   1.00 0.00 ? 110 GLU A CA   1 
ATOM   1679 C C    . GLU A 1 110 ? -7.717  -7.784  5.535   1.00 0.00 ? 110 GLU A C    1 
ATOM   1680 O O    . GLU A 1 110 ? -7.993  -6.586  5.531   1.00 0.00 ? 110 GLU A O    1 
ATOM   1681 C CB   . GLU A 1 110 ? -8.506  -8.777  7.715   1.00 0.00 ? 110 GLU A CB   1 
ATOM   1682 C CG   . GLU A 1 110 ? -9.788  -9.252  8.401   1.00 0.00 ? 110 GLU A CG   1 
ATOM   1683 C CD   . GLU A 1 110 ? -10.811 -8.118  8.498   1.00 0.00 ? 110 GLU A CD   1 
ATOM   1684 O OE1  . GLU A 1 110 ? -10.745 -7.379  9.505   1.00 0.00 ? 110 GLU A OE1  1 
ATOM   1685 O OE2  . GLU A 1 110 ? -11.634 -8.016  7.563   1.00 0.00 ? 110 GLU A OE2  1 
ATOM   1686 H H    . GLU A 1 110 ? -8.090  -10.795 6.328   1.00 0.00 ? 110 GLU A H    1 
ATOM   1687 H HA   . GLU A 1 110 ? -9.692  -8.561  5.936   1.00 0.00 ? 110 GLU A HA   1 
ATOM   1688 H HB2  . GLU A 1 110 ? -7.673  -9.418  8.009   1.00 0.00 ? 110 GLU A HB2  1 
ATOM   1689 H HB3  . GLU A 1 110 ? -8.264  -7.768  8.048   1.00 0.00 ? 110 GLU A HB3  1 
ATOM   1690 H HG2  . GLU A 1 110 ? -10.216 -10.086 7.843   1.00 0.00 ? 110 GLU A HG2  1 
ATOM   1691 H HG3  . GLU A 1 110 ? -9.556  -9.623  9.400   1.00 0.00 ? 110 GLU A HG3  1 
ATOM   1692 N N    . ALA A 1 111 ? -6.626  -8.306  4.995   1.00 0.00 ? 111 ALA A N    1 
ATOM   1693 C CA   . ALA A 1 111 ? -5.642  -7.463  4.336   1.00 0.00 ? 111 ALA A CA   1 
ATOM   1694 C C    . ALA A 1 111 ? -5.957  -7.392  2.842   1.00 0.00 ? 111 ALA A C    1 
ATOM   1695 O O    . ALA A 1 111 ? -6.004  -6.306  2.264   1.00 0.00 ? 111 ALA A O    1 
ATOM   1696 C CB   . ALA A 1 111 ? -4.237  -8.007  4.610   1.00 0.00 ? 111 ALA A CB   1 
ATOM   1697 H H    . ALA A 1 111 ? -6.409  -9.282  5.003   1.00 0.00 ? 111 ALA A H    1 
ATOM   1698 H HA   . ALA A 1 111 ? -5.720  -6.464  4.764   1.00 0.00 ? 111 ALA A HA   1 
ATOM   1699 H HB1  . ALA A 1 111 ? -4.267  -9.097  4.622   1.00 0.00 ? 111 ALA A HB1  1 
ATOM   1700 H HB2  . ALA A 1 111 ? -3.559  -7.671  3.826   1.00 0.00 ? 111 ALA A HB2  1 
ATOM   1701 H HB3  . ALA A 1 111 ? -3.889  -7.643  5.575   1.00 0.00 ? 111 ALA A HB3  1 
ATOM   1702 N N    . VAL A 1 112 ? -6.168  -8.562  2.256   1.00 0.00 ? 112 VAL A N    1 
ATOM   1703 C CA   . VAL A 1 112 ? -6.478  -8.646  0.840   1.00 0.00 ? 112 VAL A CA   1 
ATOM   1704 C C    . VAL A 1 112 ? -7.857  -8.030  0.586   1.00 0.00 ? 112 VAL A C    1 
ATOM   1705 O O    . VAL A 1 112 ? -8.009  -7.180  -0.289  1.00 0.00 ? 112 VAL A O    1 
ATOM   1706 C CB   . VAL A 1 112 ? -6.375  -10.098 0.366   1.00 0.00 ? 112 VAL A CB   1 
ATOM   1707 C CG1  . VAL A 1 112 ? -6.696  -10.211 -1.126  1.00 0.00 ? 112 VAL A CG1  1 
ATOM   1708 C CG2  . VAL A 1 112 ? -4.995  -10.679 0.677   1.00 0.00 ? 112 VAL A CG2  1 
ATOM   1709 H H    . VAL A 1 112 ? -6.128  -9.440  2.734   1.00 0.00 ? 112 VAL A H    1 
ATOM   1710 H HA   . VAL A 1 112 ? -5.729  -8.062  0.304   1.00 0.00 ? 112 VAL A HA   1 
ATOM   1711 H HB   . VAL A 1 112 ? -7.116  -10.682 0.913   1.00 0.00 ? 112 VAL A HB   1 
ATOM   1712 H HG11 . VAL A 1 112 ? -7.595  -9.636  -1.349  1.00 0.00 ? 112 VAL A HG11 1 
ATOM   1713 H HG12 . VAL A 1 112 ? -5.861  -9.822  -1.708  1.00 0.00 ? 112 VAL A HG12 1 
ATOM   1714 H HG13 . VAL A 1 112 ? -6.861  -11.258 -1.383  1.00 0.00 ? 112 VAL A HG13 1 
ATOM   1715 H HG21 . VAL A 1 112 ? -4.528  -10.100 1.473   1.00 0.00 ? 112 VAL A HG21 1 
ATOM   1716 H HG22 . VAL A 1 112 ? -5.101  -11.716 0.996   1.00 0.00 ? 112 VAL A HG22 1 
ATOM   1717 H HG23 . VAL A 1 112 ? -4.373  -10.636 -0.218  1.00 0.00 ? 112 VAL A HG23 1 
ATOM   1718 N N    . ALA A 1 113 ? -8.825  -8.485  1.369   1.00 0.00 ? 113 ALA A N    1 
ATOM   1719 C CA   . ALA A 1 113 ? -10.184 -7.991  1.240   1.00 0.00 ? 113 ALA A CA   1 
ATOM   1720 C C    . ALA A 1 113 ? -10.191 -6.473  1.443   1.00 0.00 ? 113 ALA A C    1 
ATOM   1721 O O    . ALA A 1 113 ? -11.152 -5.799  1.075   1.00 0.00 ? 113 ALA A O    1 
ATOM   1722 C CB   . ALA A 1 113 ? -11.088 -8.717  2.237   1.00 0.00 ? 113 ALA A CB   1 
ATOM   1723 H H    . ALA A 1 113 ? -8.692  -9.177  2.077   1.00 0.00 ? 113 ALA A H    1 
ATOM   1724 H HA   . ALA A 1 113 ? -10.524 -8.214  0.229   1.00 0.00 ? 113 ALA A HA   1 
ATOM   1725 H HB1  . ALA A 1 113 ? -10.844 -9.778  2.243   1.00 0.00 ? 113 ALA A HB1  1 
ATOM   1726 H HB2  . ALA A 1 113 ? -10.937 -8.304  3.234   1.00 0.00 ? 113 ALA A HB2  1 
ATOM   1727 H HB3  . ALA A 1 113 ? -12.130 -8.586  1.945   1.00 0.00 ? 113 ALA A HB3  1 
ATOM   1728 N N    . LEU A 1 114 ? -9.109  -5.982  2.030   1.00 0.00 ? 114 LEU A N    1 
ATOM   1729 C CA   . LEU A 1 114 ? -8.980  -4.557  2.288   1.00 0.00 ? 114 LEU A CA   1 
ATOM   1730 C C    . LEU A 1 114 ? -8.447  -3.863  1.032   1.00 0.00 ? 114 LEU A C    1 
ATOM   1731 O O    . LEU A 1 114 ? -8.626  -2.658  0.863   1.00 0.00 ? 114 LEU A O    1 
ATOM   1732 C CB   . LEU A 1 114 ? -8.124  -4.315  3.533   1.00 0.00 ? 114 LEU A CB   1 
ATOM   1733 C CG   . LEU A 1 114 ? -7.971  -2.855  3.966   1.00 0.00 ? 114 LEU A CG   1 
ATOM   1734 C CD1  . LEU A 1 114 ? -8.111  -2.716  5.484   1.00 0.00 ? 114 LEU A CD1  1 
ATOM   1735 C CD2  . LEU A 1 114 ? -6.654  -2.268  3.457   1.00 0.00 ? 114 LEU A CD2  1 
ATOM   1736 H H    . LEU A 1 114 ? -8.332  -6.537  2.327   1.00 0.00 ? 114 LEU A H    1 
ATOM   1737 H HA   . LEU A 1 114 ? -9.976  -4.172  2.500   1.00 0.00 ? 114 LEU A HA   1 
ATOM   1738 H HB2  . LEU A 1 114 ? -8.557  -4.875  4.362   1.00 0.00 ? 114 LEU A HB2  1 
ATOM   1739 H HB3  . LEU A 1 114 ? -7.131  -4.726  3.354   1.00 0.00 ? 114 LEU A HB3  1 
ATOM   1740 H HG   . LEU A 1 114 ? -8.778  -2.278  3.515   1.00 0.00 ? 114 LEU A HG   1 
ATOM   1741 H HD11 . LEU A 1 114 ? -9.139  -2.452  5.730   1.00 0.00 ? 114 LEU A HD11 1 
ATOM   1742 H HD12 . LEU A 1 114 ? -7.855  -3.663  5.960   1.00 0.00 ? 114 LEU A HD12 1 
ATOM   1743 H HD13 . LEU A 1 114 ? -7.440  -1.936  5.841   1.00 0.00 ? 114 LEU A HD13 1 
ATOM   1744 H HD21 . LEU A 1 114 ? -6.384  -1.402  4.061   1.00 0.00 ? 114 LEU A HD21 1 
ATOM   1745 H HD22 . LEU A 1 114 ? -5.869  -3.020  3.527   1.00 0.00 ? 114 LEU A HD22 1 
ATOM   1746 H HD23 . LEU A 1 114 ? -6.772  -1.962  2.416   1.00 0.00 ? 114 LEU A HD23 1 
ATOM   1747 N N    . VAL A 1 115 ? -7.807  -4.655  0.183   1.00 0.00 ? 115 VAL A N    1 
ATOM   1748 C CA   . VAL A 1 115 ? -7.248  -4.130  -1.052  1.00 0.00 ? 115 VAL A CA   1 
ATOM   1749 C C    . VAL A 1 115 ? -8.316  -4.175  -2.147  1.00 0.00 ? 115 VAL A C    1 
ATOM   1750 O O    . VAL A 1 115 ? -8.298  -3.361  -3.070  1.00 0.00 ? 115 VAL A O    1 
ATOM   1751 C CB   . VAL A 1 115 ? -5.979  -4.902  -1.421  1.00 0.00 ? 115 VAL A CB   1 
ATOM   1752 C CG1  . VAL A 1 115 ? -5.736  -4.867  -2.931  1.00 0.00 ? 115 VAL A CG1  1 
ATOM   1753 C CG2  . VAL A 1 115 ? -4.768  -4.363  -0.658  1.00 0.00 ? 115 VAL A CG2  1 
ATOM   1754 H H    . VAL A 1 115 ? -7.667  -5.633  0.329   1.00 0.00 ? 115 VAL A H    1 
ATOM   1755 H HA   . VAL A 1 115 ? -6.972  -3.091  -0.872  1.00 0.00 ? 115 VAL A HA   1 
ATOM   1756 H HB   . VAL A 1 115 ? -6.123  -5.942  -1.129  1.00 0.00 ? 115 VAL A HB   1 
ATOM   1757 H HG11 . VAL A 1 115 ? -6.550  -5.384  -3.442  1.00 0.00 ? 115 VAL A HG11 1 
ATOM   1758 H HG12 . VAL A 1 115 ? -5.696  -3.831  -3.267  1.00 0.00 ? 115 VAL A HG12 1 
ATOM   1759 H HG13 . VAL A 1 115 ? -4.792  -5.361  -3.158  1.00 0.00 ? 115 VAL A HG13 1 
ATOM   1760 H HG21 . VAL A 1 115 ? -4.612  -4.957  0.242   1.00 0.00 ? 115 VAL A HG21 1 
ATOM   1761 H HG22 . VAL A 1 115 ? -3.884  -4.423  -1.291  1.00 0.00 ? 115 VAL A HG22 1 
ATOM   1762 H HG23 . VAL A 1 115 ? -4.947  -3.323  -0.380  1.00 0.00 ? 115 VAL A HG23 1 
ATOM   1763 N N    . GLU A 1 116 ? -9.219  -5.134  -2.011  1.00 0.00 ? 116 GLU A N    1 
ATOM   1764 C CA   . GLU A 1 116 ? -10.291 -5.295  -2.978  1.00 0.00 ? 116 GLU A CA   1 
ATOM   1765 C C    . GLU A 1 116 ? -11.286 -4.138  -2.865  1.00 0.00 ? 116 GLU A C    1 
ATOM   1766 O O    . GLU A 1 116 ? -11.983 -3.819  -3.827  1.00 0.00 ? 116 GLU A O    1 
ATOM   1767 C CB   . GLU A 1 116 ? -10.995 -6.641  -2.797  1.00 0.00 ? 116 GLU A CB   1 
ATOM   1768 C CG   . GLU A 1 116 ? -10.394 -7.702  -3.722  1.00 0.00 ? 116 GLU A CG   1 
ATOM   1769 C CD   . GLU A 1 116 ? -11.100 -7.709  -5.079  1.00 0.00 ? 116 GLU A CD   1 
ATOM   1770 O OE1  . GLU A 1 116 ? -11.024 -6.667  -5.764  1.00 0.00 ? 116 GLU A OE1  1 
ATOM   1771 O OE2  . GLU A 1 116 ? -11.698 -8.758  -5.402  1.00 0.00 ? 116 GLU A OE2  1 
ATOM   1772 H H    . GLU A 1 116 ? -9.226  -5.792  -1.258  1.00 0.00 ? 116 GLU A H    1 
ATOM   1773 H HA   . GLU A 1 116 ? -9.807  -5.273  -3.954  1.00 0.00 ? 116 GLU A HA   1 
ATOM   1774 H HB2  . GLU A 1 116 ? -10.907 -6.966  -1.760  1.00 0.00 ? 116 GLU A HB2  1 
ATOM   1775 H HB3  . GLU A 1 116 ? -12.059 -6.532  -3.008  1.00 0.00 ? 116 GLU A HB3  1 
ATOM   1776 H HG2  . GLU A 1 116 ? -9.331  -7.507  -3.862  1.00 0.00 ? 116 GLU A HG2  1 
ATOM   1777 H HG3  . GLU A 1 116 ? -10.480 -8.685  -3.258  1.00 0.00 ? 116 GLU A HG3  1 
ATOM   1778 N N    . ARG A 1 117 ? -11.319 -3.540  -1.682  1.00 0.00 ? 117 ARG A N    1 
ATOM   1779 C CA   . ARG A 1 117 ? -12.217 -2.426  -1.432  1.00 0.00 ? 117 ARG A CA   1 
ATOM   1780 C C    . ARG A 1 117 ? -11.562 -1.111  -1.861  1.00 0.00 ? 117 ARG A C    1 
ATOM   1781 O O    . ARG A 1 117 ? -12.253 -0.130  -2.135  1.00 0.00 ? 117 ARG A O    1 
ATOM   1782 C CB   . ARG A 1 117 ? -12.591 -2.342  0.048   1.00 0.00 ? 117 ARG A CB   1 
ATOM   1783 C CG   . ARG A 1 117 ? -11.375 -1.972  0.901   1.00 0.00 ? 117 ARG A CG   1 
ATOM   1784 C CD   . ARG A 1 117 ? -11.697 -0.811  1.844   1.00 0.00 ? 117 ARG A CD   1 
ATOM   1785 N NE   . ARG A 1 117 ? -12.539 -1.286  2.965   1.00 0.00 ? 117 ARG A NE   1 
ATOM   1786 C CZ   . ARG A 1 117 ? -13.187 -0.478  3.813   1.00 0.00 ? 117 ARG A CZ   1 
ATOM   1787 N NH1  . ARG A 1 117 ? -13.095 0.853   3.673   1.00 0.00 ? 117 ARG A NH1  1 
ATOM   1788 N NH2  . ARG A 1 117 ? -13.927 -0.999  4.801   1.00 0.00 ? 117 ARG A NH2  1 
ATOM   1789 H H    . ARG A 1 117 ? -10.748 -3.806  -0.906  1.00 0.00 ? 117 ARG A H    1 
ATOM   1790 H HA   . ARG A 1 117 ? -13.100 -2.638  -2.033  1.00 0.00 ? 117 ARG A HA   1 
ATOM   1791 H HB2  . ARG A 1 117 ? -13.376 -1.598  0.188   1.00 0.00 ? 117 ARG A HB2  1 
ATOM   1792 H HB3  . ARG A 1 117 ? -12.995 -3.298  0.381   1.00 0.00 ? 117 ARG A HB3  1 
ATOM   1793 H HG2  . ARG A 1 117 ? -11.057 -2.838  1.481   1.00 0.00 ? 117 ARG A HG2  1 
ATOM   1794 H HG3  . ARG A 1 117 ? -10.542 -1.699  0.253   1.00 0.00 ? 117 ARG A HG3  1 
ATOM   1795 H HD2  . ARG A 1 117 ? -10.775 -0.376  2.228   1.00 0.00 ? 117 ARG A HD2  1 
ATOM   1796 H HD3  . ARG A 1 117 ? -12.217 -0.023  1.296   1.00 0.00 ? 117 ARG A HD3  1 
ATOM   1797 H HE   . ARG A 1 117 ? -12.627 -2.274  3.097   1.00 0.00 ? 117 ARG A HE   1 
ATOM   1798 H HH11 . ARG A 1 117 ? -12.543 1.240   2.936   1.00 0.00 ? 117 ARG A HH11 1 
ATOM   1799 H HH12 . ARG A 1 117 ? -13.579 1.456   4.307   1.00 0.00 ? 117 ARG A HH12 1 
ATOM   1800 H HH21 . ARG A 1 117 ? -13.995 -1.990  4.905   1.00 0.00 ? 117 ARG A HH21 1 
ATOM   1801 H HH22 . ARG A 1 117 ? -14.410 -0.394  5.435   1.00 0.00 ? 117 ARG A HH22 1 
ATOM   1802 N N    . ALA A 1 118 ? -10.237 -1.133  -1.908  1.00 0.00 ? 118 ALA A N    1 
ATOM   1803 C CA   . ALA A 1 118 ? -9.483  0.045   -2.300  1.00 0.00 ? 118 ALA A CA   1 
ATOM   1804 C C    . ALA A 1 118 ? -9.408  0.114   -3.826  1.00 0.00 ? 118 ALA A C    1 
ATOM   1805 O O    . ALA A 1 118 ? -9.257  1.192   -4.396  1.00 0.00 ? 118 ALA A O    1 
ATOM   1806 C CB   . ALA A 1 118 ? -8.099  0.003   -1.649  1.00 0.00 ? 118 ALA A CB   1 
ATOM   1807 H H    . ALA A 1 118 ? -9.684  -1.935  -1.685  1.00 0.00 ? 118 ALA A H    1 
ATOM   1808 H HA   . ALA A 1 118 ? -10.018 0.919   -1.930  1.00 0.00 ? 118 ALA A HA   1 
ATOM   1809 H HB1  . ALA A 1 118 ? -8.205  -0.186  -0.579  1.00 0.00 ? 118 ALA A HB1  1 
ATOM   1810 H HB2  . ALA A 1 118 ? -7.508  -0.792  -2.102  1.00 0.00 ? 118 ALA A HB2  1 
ATOM   1811 H HB3  . ALA A 1 118 ? -7.598  0.960   -1.798  1.00 0.00 ? 118 ALA A HB3  1 
ATOM   1812 N N    . ILE A 1 119 ? -9.514  -1.053  -4.445  1.00 0.00 ? 119 ILE A N    1 
ATOM   1813 C CA   . ILE A 1 119 ? -9.460  -1.140  -5.894  1.00 0.00 ? 119 ILE A CA   1 
ATOM   1814 C C    . ILE A 1 119 ? -10.770 -0.609  -6.481  1.00 0.00 ? 119 ILE A C    1 
ATOM   1815 O O    . ILE A 1 119 ? -10.756 0.165   -7.439  1.00 0.00 ? 119 ILE A O    1 
ATOM   1816 C CB   . ILE A 1 119 ? -9.124  -2.566  -6.333  1.00 0.00 ? 119 ILE A CB   1 
ATOM   1817 C CG1  . ILE A 1 119 ? -7.616  -2.819  -6.264  1.00 0.00 ? 119 ILE A CG1  1 
ATOM   1818 C CG2  . ILE A 1 119 ? -9.690  -2.859  -7.724  1.00 0.00 ? 119 ILE A CG2  1 
ATOM   1819 C CD1  . ILE A 1 119 ? -7.227  -4.041  -7.098  1.00 0.00 ? 119 ILE A CD1  1 
ATOM   1820 H H    . ILE A 1 119 ? -9.636  -1.927  -3.973  1.00 0.00 ? 119 ILE A H    1 
ATOM   1821 H HA   . ILE A 1 119 ? -8.646  -0.497  -6.229  1.00 0.00 ? 119 ILE A HA   1 
ATOM   1822 H HB   . ILE A 1 119 ? -9.599  -3.258  -5.640  1.00 0.00 ? 119 ILE A HB   1 
ATOM   1823 H HG12 . ILE A 1 119 ? -7.079  -1.942  -6.624  1.00 0.00 ? 119 ILE A HG12 1 
ATOM   1824 H HG13 . ILE A 1 119 ? -7.317  -2.971  -5.227  1.00 0.00 ? 119 ILE A HG13 1 
ATOM   1825 H HG21 . ILE A 1 119 ? -9.197  -2.224  -8.459  1.00 0.00 ? 119 ILE A HG21 1 
ATOM   1826 H HG22 . ILE A 1 119 ? -9.516  -3.905  -7.973  1.00 0.00 ? 119 ILE A HG22 1 
ATOM   1827 H HG23 . ILE A 1 119 ? -10.761 -2.657  -7.731  1.00 0.00 ? 119 ILE A HG23 1 
ATOM   1828 H HD11 . ILE A 1 119 ? -7.865  -4.883  -6.828  1.00 0.00 ? 119 ILE A HD11 1 
ATOM   1829 H HD12 . ILE A 1 119 ? -7.353  -3.813  -8.157  1.00 0.00 ? 119 ILE A HD12 1 
ATOM   1830 H HD13 . ILE A 1 119 ? -6.185  -4.298  -6.902  1.00 0.00 ? 119 ILE A HD13 1 
ATOM   1831 N N    . SER A 1 120 ? -11.868 -1.044  -5.884  1.00 0.00 ? 120 SER A N    1 
ATOM   1832 C CA   . SER A 1 120 ? -13.184 -0.622  -6.336  1.00 0.00 ? 120 SER A CA   1 
ATOM   1833 C C    . SER A 1 120 ? -13.459 0.814   -5.880  1.00 0.00 ? 120 SER A C    1 
ATOM   1834 O O    . SER A 1 120 ? -14.362 1.470   -6.396  1.00 0.00 ? 120 SER A O    1 
ATOM   1835 C CB   . SER A 1 120 ? -14.273 -1.561  -5.816  1.00 0.00 ? 120 SER A CB   1 
ATOM   1836 O OG   . SER A 1 120 ? -15.407 -1.594  -6.678  1.00 0.00 ? 120 SER A OG   1 
ATOM   1837 H H    . SER A 1 120 ? -11.872 -1.673  -5.106  1.00 0.00 ? 120 SER A H    1 
ATOM   1838 H HA   . SER A 1 120 ? -13.146 -0.677  -7.423  1.00 0.00 ? 120 SER A HA   1 
ATOM   1839 H HB2  . SER A 1 120 ? -13.867 -2.567  -5.713  1.00 0.00 ? 120 SER A HB2  1 
ATOM   1840 H HB3  . SER A 1 120 ? -14.584 -1.240  -4.821  1.00 0.00 ? 120 SER A HB3  1 
ATOM   1841 H HG   . SER A 1 120 ? -16.212 -1.904  -6.172  1.00 0.00 ? 120 SER A HG   1 
ATOM   1842 N N    . HIS A 1 121 ? -12.663 1.256   -4.918  1.00 0.00 ? 121 HIS A N    1 
ATOM   1843 C CA   . HIS A 1 121 ? -12.808 2.602   -4.387  1.00 0.00 ? 121 HIS A CA   1 
ATOM   1844 C C    . HIS A 1 121 ? -12.575 3.622   -5.503  1.00 0.00 ? 121 HIS A C    1 
ATOM   1845 O O    . HIS A 1 121 ? -12.979 4.778   -5.386  1.00 0.00 ? 121 HIS A O    1 
ATOM   1846 C CB   . HIS A 1 121 ? -11.886 2.815   -3.186  1.00 0.00 ? 121 HIS A CB   1 
ATOM   1847 C CG   . HIS A 1 121 ? -12.520 3.583   -2.051  1.00 0.00 ? 121 HIS A CG   1 
ATOM   1848 N ND1  . HIS A 1 121 ? -13.604 3.105   -1.337  1.00 0.00 ? 121 HIS A ND1  1 
ATOM   1849 C CD2  . HIS A 1 121 ? -12.211 4.798   -1.515  1.00 0.00 ? 121 HIS A CD2  1 
ATOM   1850 C CE1  . HIS A 1 121 ? -13.925 4.000   -0.415  1.00 0.00 ? 121 HIS A CE1  1 
ATOM   1851 N NE2  . HIS A 1 121 ? -13.062 5.051   -0.528  1.00 0.00 ? 121 HIS A NE2  1 
ATOM   1852 H H    . HIS A 1 121 ? -11.931 0.716   -4.503  1.00 0.00 ? 121 HIS A H    1 
ATOM   1853 H HA   . HIS A 1 121 ? -13.837 2.689   -4.035  1.00 0.00 ? 121 HIS A HA   1 
ATOM   1854 H HB2  . HIS A 1 121 ? -11.558 1.842   -2.815  1.00 0.00 ? 121 HIS A HB2  1 
ATOM   1855 H HB3  . HIS A 1 121 ? -10.992 3.347   -3.517  1.00 0.00 ? 121 HIS A HB3  1 
ATOM   1856 H HD1  . HIS A 1 121 ? -14.067 2.231   -1.490  1.00 0.00 ? 121 HIS A HD1  1 
ATOM   1857 H HD2  . HIS A 1 121 ? -11.402 5.452   -1.842  1.00 0.00 ? 121 HIS A HD2  1 
ATOM   1858 H HE1  . HIS A 1 121 ? -14.739 3.915   0.305   1.00 0.00 ? 121 HIS A HE1  1 
ATOM   1859 N N    . TYR A 1 122 ? -11.926 3.158   -6.559  1.00 0.00 ? 122 TYR A N    1 
ATOM   1860 C CA   . TYR A 1 122 ? -11.634 4.015   -7.695  1.00 0.00 ? 122 TYR A CA   1 
ATOM   1861 C C    . TYR A 1 122 ? -12.894 4.280   -8.520  1.00 0.00 ? 122 TYR A C    1 
ATOM   1862 O O    . TYR A 1 122 ? -13.093 5.386   -9.020  1.00 0.00 ? 122 TYR A O    1 
ATOM   1863 C CB   . TYR A 1 122 ? -10.629 3.247   -8.556  1.00 0.00 ? 122 TYR A CB   1 
ATOM   1864 C CG   . TYR A 1 122 ? -9.594  4.137   -9.248  1.00 0.00 ? 122 TYR A CG   1 
ATOM   1865 C CD1  . TYR A 1 122 ? -9.924  4.799   -10.414 1.00 0.00 ? 122 TYR A CD1  1 
ATOM   1866 C CD2  . TYR A 1 122 ? -8.333  4.281   -8.708  1.00 0.00 ? 122 TYR A CD2  1 
ATOM   1867 C CE1  . TYR A 1 122 ? -8.951  5.637   -11.067 1.00 0.00 ? 122 TYR A CE1  1 
ATOM   1868 C CE2  . TYR A 1 122 ? -7.361  5.118   -9.360  1.00 0.00 ? 122 TYR A CE2  1 
ATOM   1869 C CZ   . TYR A 1 122 ? -7.717  5.755   -10.507 1.00 0.00 ? 122 TYR A CZ   1 
ATOM   1870 O OH   . TYR A 1 122 ? -6.798  6.546   -11.123 1.00 0.00 ? 122 TYR A OH   1 
ATOM   1871 H H    . TYR A 1 122 ? -11.601 2.216   -6.648  1.00 0.00 ? 122 TYR A H    1 
ATOM   1872 H HA   . TYR A 1 122 ? -11.253 4.962   -7.313  1.00 0.00 ? 122 TYR A HA   1 
ATOM   1873 H HB2  . TYR A 1 122 ? -10.107 2.524   -7.930  1.00 0.00 ? 122 TYR A HB2  1 
ATOM   1874 H HB3  . TYR A 1 122 ? -11.171 2.681   -9.313  1.00 0.00 ? 122 TYR A HB3  1 
ATOM   1875 H HD1  . TYR A 1 122 ? -10.921 4.687   -10.842 1.00 0.00 ? 122 TYR A HD1  1 
ATOM   1876 H HD2  . TYR A 1 122 ? -8.072  3.758   -7.787  1.00 0.00 ? 122 TYR A HD2  1 
ATOM   1877 H HE1  . TYR A 1 122 ? -9.198  6.165   -11.988 1.00 0.00 ? 122 TYR A HE1  1 
ATOM   1878 H HE2  . TYR A 1 122 ? -6.360  5.239   -8.944  1.00 0.00 ? 122 TYR A HE2  1 
ATOM   1879 H HH   . TYR A 1 122 ? -6.550  7.309   -10.526 1.00 0.00 ? 122 TYR A HH   1 
ATOM   1880 N N    . GLN A 1 123 ? -13.716 3.247   -8.636  1.00 0.00 ? 123 GLN A N    1 
ATOM   1881 C CA   . GLN A 1 123 ? -14.952 3.354   -9.392  1.00 0.00 ? 123 GLN A CA   1 
ATOM   1882 C C    . GLN A 1 123 ? -16.092 3.815   -8.482  1.00 0.00 ? 123 GLN A C    1 
ATOM   1883 O O    . GLN A 1 123 ? -16.529 3.072   -7.604  1.00 0.00 ? 123 GLN A O    1 
ATOM   1884 C CB   . GLN A 1 123 ? -15.296 2.029   -10.072 1.00 0.00 ? 123 GLN A CB   1 
ATOM   1885 C CG   . GLN A 1 123 ? -16.704 2.067   -10.671 1.00 0.00 ? 123 GLN A CG   1 
ATOM   1886 C CD   . GLN A 1 123 ? -17.122 0.686   -11.181 1.00 0.00 ? 123 GLN A CD   1 
ATOM   1887 O OE1  . GLN A 1 123 ? -17.745 -0.097  -10.484 1.00 0.00 ? 123 GLN A OE1  1 
ATOM   1888 N NE2  . GLN A 1 123 ? -16.746 0.435   -12.431 1.00 0.00 ? 123 GLN A NE2  1 
ATOM   1889 H H    . GLN A 1 123 ? -13.548 2.351   -8.226  1.00 0.00 ? 123 GLN A H    1 
ATOM   1890 H HA   . GLN A 1 123 ? -14.760 4.108   -10.156 1.00 0.00 ? 123 GLN A HA   1 
ATOM   1891 H HB2  . GLN A 1 123 ? -14.570 1.819   -10.858 1.00 0.00 ? 123 GLN A HB2  1 
ATOM   1892 H HB3  . GLN A 1 123 ? -15.227 1.215   -9.350  1.00 0.00 ? 123 GLN A HB3  1 
ATOM   1893 H HG2  . GLN A 1 123 ? -17.413 2.412   -9.918  1.00 0.00 ? 123 GLN A HG2  1 
ATOM   1894 H HG3  . GLN A 1 123 ? -16.734 2.786   -11.490 1.00 0.00 ? 123 GLN A HG3  1 
ATOM   1895 H HE21 . GLN A 1 123 ? -16.237 1.123   -12.948 1.00 0.00 ? 123 GLN A HE21 1 
ATOM   1896 H HE22 . GLN A 1 123 ? -16.973 -0.442  -12.854 1.00 0.00 ? 123 GLN A HE22 1 
ATOM   1897 N N    . GLU A 1 124 ? -16.542 5.038   -8.721  1.00 0.00 ? 124 GLU A N    1 
ATOM   1898 C CA   . GLU A 1 124 ? -17.622 5.608   -7.935  1.00 0.00 ? 124 GLU A CA   1 
ATOM   1899 C C    . GLU A 1 124 ? -18.684 4.544   -7.646  1.00 0.00 ? 124 GLU A C    1 
ATOM   1900 O O    . GLU A 1 124 ? -19.525 4.724   -6.765  1.00 0.00 ? 124 GLU A O    1 
ATOM   1901 C CB   . GLU A 1 124 ? -18.236 6.819   -8.639  1.00 0.00 ? 124 GLU A CB   1 
ATOM   1902 C CG   . GLU A 1 124 ? -19.328 6.387   -9.619  1.00 0.00 ? 124 GLU A CG   1 
ATOM   1903 C CD   . GLU A 1 124 ? -19.771 7.560   -10.498 1.00 0.00 ? 124 GLU A CD   1 
ATOM   1904 O OE1  . GLU A 1 124 ? -19.086 7.794   -11.518 1.00 0.00 ? 124 GLU A OE1  1 
ATOM   1905 O OE2  . GLU A 1 124 ? -20.783 8.193   -10.130 1.00 0.00 ? 124 GLU A OE2  1 
ATOM   1906 H H    . GLU A 1 124 ? -16.180 5.636   -9.438  1.00 0.00 ? 124 GLU A H    1 
ATOM   1907 H HA   . GLU A 1 124 ? -17.162 5.932   -7.002  1.00 0.00 ? 124 GLU A HA   1 
ATOM   1908 H HB2  . GLU A 1 124 ? -18.655 7.500   -7.900  1.00 0.00 ? 124 GLU A HB2  1 
ATOM   1909 H HB3  . GLU A 1 124 ? -17.458 7.366   -9.173  1.00 0.00 ? 124 GLU A HB3  1 
ATOM   1910 H HG2  . GLU A 1 124 ? -18.958 5.576   -10.249 1.00 0.00 ? 124 GLU A HG2  1 
ATOM   1911 H HG3  . GLU A 1 124 ? -20.184 5.997   -9.069  1.00 0.00 ? 124 GLU A HG3  1 
# 
loop_
_pdbx_poly_seq_scheme.asym_id 
_pdbx_poly_seq_scheme.entity_id 
_pdbx_poly_seq_scheme.seq_id 
_pdbx_poly_seq_scheme.mon_id 
_pdbx_poly_seq_scheme.ndb_seq_num 
_pdbx_poly_seq_scheme.pdb_seq_num 
_pdbx_poly_seq_scheme.auth_seq_num 
_pdbx_poly_seq_scheme.pdb_mon_id 
_pdbx_poly_seq_scheme.auth_mon_id 
_pdbx_poly_seq_scheme.pdb_strand_id 
_pdbx_poly_seq_scheme.pdb_ins_code 
_pdbx_poly_seq_scheme.hetero 
A 1 1   MET 1   1   1   MET MET A . n 
A 1 2   GLN 2   2   2   GLN GLN A . n 
A 1 3   ARG 3   3   3   ARG ARG A . n 
A 1 4   GLY 4   4   4   GLY GLY A . n 
A 1 5   ILE 5   5   5   ILE ILE A . n 
A 1 6   VAL 6   6   6   VAL VAL A . n 
A 1 7   TRP 7   7   7   TRP TRP A . n 
A 1 8   VAL 8   8   8   VAL VAL A . n 
A 1 9   VAL 9   9   9   VAL VAL A . n 
A 1 10  ASP 10  10  10  ASP ASP A . n 
A 1 11  ASP 11  11  11  ASP ASP A . n 
A 1 12  ASP 12  12  12  ASP ASP A . n 
A 1 13  SER 13  13  13  SER SER A . n 
A 1 14  SER 14  14  14  SER SER A . n 
A 1 15  ILE 15  15  15  ILE ILE A . n 
A 1 16  ARG 16  16  16  ARG ARG A . n 
A 1 17  TRP 17  17  17  TRP TRP A . n 
A 1 18  VAL 18  18  18  VAL VAL A . n 
A 1 19  LEU 19  19  19  LEU LEU A . n 
A 1 20  GLU 20  20  20  GLU GLU A . n 
A 1 21  ARG 21  21  21  ARG ARG A . n 
A 1 22  ALA 22  22  22  ALA ALA A . n 
A 1 23  LEU 23  23  23  LEU LEU A . n 
A 1 24  ALA 24  24  24  ALA ALA A . n 
A 1 25  GLY 25  25  25  GLY GLY A . n 
A 1 26  ALA 26  26  26  ALA ALA A . n 
A 1 27  GLY 27  27  27  GLY GLY A . n 
A 1 28  LEU 28  28  28  LEU LEU A . n 
A 1 29  THR 29  29  29  THR THR A . n 
A 1 30  CYS 30  30  30  CYS CYS A . n 
A 1 31  THR 31  31  31  THR THR A . n 
A 1 32  THR 32  32  32  THR THR A . n 
A 1 33  PHE 33  33  33  PHE PHE A . n 
A 1 34  GLU 34  34  34  GLU GLU A . n 
A 1 35  ASN 35  35  35  ASN ASN A . n 
A 1 36  GLY 36  36  36  GLY GLY A . n 
A 1 37  ASN 37  37  37  ASN ASN A . n 
A 1 38  GLU 38  38  38  GLU GLU A . n 
A 1 39  VAL 39  39  39  VAL VAL A . n 
A 1 40  LEU 40  40  40  LEU LEU A . n 
A 1 41  ALA 41  41  41  ALA ALA A . n 
A 1 42  ALA 42  42  42  ALA ALA A . n 
A 1 43  LEU 43  43  43  LEU LEU A . n 
A 1 44  ALA 44  44  44  ALA ALA A . n 
A 1 45  SER 45  45  45  SER SER A . n 
A 1 46  LYS 46  46  46  LYS LYS A . n 
A 1 47  THR 47  47  47  THR THR A . n 
A 1 48  PRO 48  48  48  PRO PRO A . n 
A 1 49  ASP 49  49  49  ASP ASP A . n 
A 1 50  VAL 50  50  50  VAL VAL A . n 
A 1 51  LEU 51  51  51  LEU LEU A . n 
A 1 52  LEU 52  52  52  LEU LEU A . n 
A 1 53  SER 53  53  53  SER SER A . n 
A 1 54  PHD 54  54  54  PHD ASP A . n 
A 1 55  ILE 55  55  55  ILE ILE A . n 
A 1 56  ARG 56  56  56  ARG ARG A . n 
A 1 57  MET 57  57  57  MET MET A . n 
A 1 58  PRO 58  58  58  PRO PRO A . n 
A 1 59  GLY 59  59  59  GLY GLY A . n 
A 1 60  MET 60  60  60  MET MET A . n 
A 1 61  ASP 61  61  61  ASP ASP A . n 
A 1 62  GLY 62  62  62  GLY GLY A . n 
A 1 63  LEU 63  63  63  LEU LEU A . n 
A 1 64  ALA 64  64  64  ALA ALA A . n 
A 1 65  LEU 65  65  65  LEU LEU A . n 
A 1 66  LEU 66  66  66  LEU LEU A . n 
A 1 67  LYS 67  67  67  LYS LYS A . n 
A 1 68  GLN 68  68  68  GLN GLN A . n 
A 1 69  ILE 69  69  69  ILE ILE A . n 
A 1 70  LYS 70  70  70  LYS LYS A . n 
A 1 71  GLN 71  71  71  GLN GLN A . n 
A 1 72  ARG 72  72  72  ARG ARG A . n 
A 1 73  HIS 73  73  73  HIS HIS A . n 
A 1 74  PRO 74  74  74  PRO PRO A . n 
A 1 75  MET 75  75  75  MET MET A . n 
A 1 76  LEU 76  76  76  LEU LEU A . n 
A 1 77  PRO 77  77  77  PRO PRO A . n 
A 1 78  VAL 78  78  78  VAL VAL A . n 
A 1 79  ILE 79  79  79  ILE ILE A . n 
A 1 80  ILE 80  80  80  ILE ILE A . n 
A 1 81  MET 81  81  81  MET MET A . n 
A 1 82  THR 82  82  82  THR THR A . n 
A 1 83  ALA 83  83  83  ALA ALA A . n 
A 1 84  HIS 84  84  84  HIS HIS A . n 
A 1 85  SER 85  85  85  SER SER A . n 
A 1 86  ASP 86  86  86  ASP ASP A . n 
A 1 87  LEU 87  87  87  LEU LEU A . n 
A 1 88  ASP 88  88  88  ASP ASP A . n 
A 1 89  ALA 89  89  89  ALA ALA A . n 
A 1 90  ALA 90  90  90  ALA ALA A . n 
A 1 91  VAL 91  91  91  VAL VAL A . n 
A 1 92  SER 92  92  92  SER SER A . n 
A 1 93  ALA 93  93  93  ALA ALA A . n 
A 1 94  TYR 94  94  94  TYR TYR A . n 
A 1 95  GLN 95  95  95  GLN GLN A . n 
A 1 96  GLN 96  96  96  GLN GLN A . n 
A 1 97  GLY 97  97  97  GLY GLY A . n 
A 1 98  ALA 98  98  98  ALA ALA A . n 
A 1 99  PHE 99  99  99  PHE PHE A . n 
A 1 100 ASP 100 100 100 ASP ASP A . n 
A 1 101 TYR 101 101 101 TYR TYR A . n 
A 1 102 LEU 102 102 102 LEU LEU A . n 
A 1 103 PRO 103 103 103 PRO PRO A . n 
A 1 104 LYS 104 104 104 LYS LYS A . n 
A 1 105 PRO 105 105 105 PRO PRO A . n 
A 1 106 PHE 106 106 106 PHE PHE A . n 
A 1 107 ASP 107 107 107 ASP ASP A . n 
A 1 108 ILE 108 108 108 ILE ILE A . n 
A 1 109 ASP 109 109 109 ASP ASP A . n 
A 1 110 GLU 110 110 110 GLU GLU A . n 
A 1 111 ALA 111 111 111 ALA ALA A . n 
A 1 112 VAL 112 112 112 VAL VAL A . n 
A 1 113 ALA 113 113 113 ALA ALA A . n 
A 1 114 LEU 114 114 114 LEU LEU A . n 
A 1 115 VAL 115 115 115 VAL VAL A . n 
A 1 116 GLU 116 116 116 GLU GLU A . n 
A 1 117 ARG 117 117 117 ARG ARG A . n 
A 1 118 ALA 118 118 118 ALA ALA A . n 
A 1 119 ILE 119 119 119 ILE ILE A . n 
A 1 120 SER 120 120 120 SER SER A . n 
A 1 121 HIS 121 121 121 HIS HIS A . n 
A 1 122 TYR 122 122 122 TYR TYR A . n 
A 1 123 GLN 123 123 123 GLN GLN A . n 
A 1 124 GLU 124 124 124 GLU GLU A . n 
# 
_pdbx_struct_mod_residue.id               1 
_pdbx_struct_mod_residue.label_asym_id    A 
_pdbx_struct_mod_residue.label_comp_id    PHD 
_pdbx_struct_mod_residue.label_seq_id     54 
_pdbx_struct_mod_residue.auth_asym_id     A 
_pdbx_struct_mod_residue.auth_comp_id     PHD 
_pdbx_struct_mod_residue.auth_seq_id      54 
_pdbx_struct_mod_residue.PDB_ins_code     ? 
_pdbx_struct_mod_residue.parent_comp_id   ASP 
_pdbx_struct_mod_residue.details          'ASPARTYL PHOSPHATE' 
# 
_pdbx_struct_assembly.id                   1 
_pdbx_struct_assembly.details              author_defined_assembly 
_pdbx_struct_assembly.method_details       ? 
_pdbx_struct_assembly.oligomeric_details   monomeric 
_pdbx_struct_assembly.oligomeric_count     1 
# 
_pdbx_struct_assembly_gen.assembly_id       1 
_pdbx_struct_assembly_gen.oper_expression   1 
_pdbx_struct_assembly_gen.asym_id_list      A 
# 
_pdbx_struct_oper_list.id                   1 
_pdbx_struct_oper_list.type                 'identity operation' 
_pdbx_struct_oper_list.name                 1_555 
_pdbx_struct_oper_list.symmetry_operation   x,y,z 
_pdbx_struct_oper_list.matrix[1][1]         1.0000000000 
_pdbx_struct_oper_list.matrix[1][2]         0.0000000000 
_pdbx_struct_oper_list.matrix[1][3]         0.0000000000 
_pdbx_struct_oper_list.vector[1]            0.0000000000 
_pdbx_struct_oper_list.matrix[2][1]         0.0000000000 
_pdbx_struct_oper_list.matrix[2][2]         1.0000000000 
_pdbx_struct_oper_list.matrix[2][3]         0.0000000000 
_pdbx_struct_oper_list.vector[2]            0.0000000000 
_pdbx_struct_oper_list.matrix[3][1]         0.0000000000 
_pdbx_struct_oper_list.matrix[3][2]         0.0000000000 
_pdbx_struct_oper_list.matrix[3][3]         1.0000000000 
_pdbx_struct_oper_list.vector[3]            0.0000000000 
# 
loop_
_pdbx_audit_revision_history.ordinal 
_pdbx_audit_revision_history.data_content_type 
_pdbx_audit_revision_history.major_revision 
_pdbx_audit_revision_history.minor_revision 
_pdbx_audit_revision_history.revision_date 
1 'Structure model' 1 0 2000-01-05 
2 'Structure model' 1 1 2008-04-27 
3 'Structure model' 1 2 2011-07-13 
4 'Structure model' 1 3 2022-02-16 
5 'Structure model' 1 4 2022-12-21 
# 
_pdbx_audit_revision_details.ordinal             1 
_pdbx_audit_revision_details.revision_ordinal    1 
_pdbx_audit_revision_details.data_content_type   'Structure model' 
_pdbx_audit_revision_details.provider            repository 
_pdbx_audit_revision_details.type                'Initial release' 
_pdbx_audit_revision_details.description         ? 
_pdbx_audit_revision_details.details             ? 
# 
loop_
_pdbx_audit_revision_group.ordinal 
_pdbx_audit_revision_group.revision_ordinal 
_pdbx_audit_revision_group.data_content_type 
_pdbx_audit_revision_group.group 
1 2 'Structure model' 'Version format compliance' 
2 3 'Structure model' 'Version format compliance' 
3 4 'Structure model' 'Data collection'           
4 4 'Structure model' 'Database references'       
5 4 'Structure model' 'Derived calculations'      
6 5 'Structure model' 'Database references'       
# 
loop_
_pdbx_audit_revision_category.ordinal 
_pdbx_audit_revision_category.revision_ordinal 
_pdbx_audit_revision_category.data_content_type 
_pdbx_audit_revision_category.category 
1 4 'Structure model' database_2            
2 4 'Structure model' pdbx_nmr_software     
3 4 'Structure model' pdbx_struct_assembly  
4 4 'Structure model' pdbx_struct_oper_list 
5 4 'Structure model' struct_conn           
6 5 'Structure model' struct_ref_seq_dif    
# 
loop_
_pdbx_audit_revision_item.ordinal 
_pdbx_audit_revision_item.revision_ordinal 
_pdbx_audit_revision_item.data_content_type 
_pdbx_audit_revision_item.item 
1 4 'Structure model' '_database_2.pdbx_DOI'                
2 4 'Structure model' '_database_2.pdbx_database_accession' 
3 4 'Structure model' '_pdbx_nmr_software.name'             
4 4 'Structure model' '_struct_conn.pdbx_leaving_atom_flag' 
5 5 'Structure model' '_struct_ref_seq_dif.details'         
# 
loop_
_pdbx_validate_close_contact.id 
_pdbx_validate_close_contact.PDB_model_num 
_pdbx_validate_close_contact.auth_atom_id_1 
_pdbx_validate_close_contact.auth_asym_id_1 
_pdbx_validate_close_contact.auth_comp_id_1 
_pdbx_validate_close_contact.auth_seq_id_1 
_pdbx_validate_close_contact.PDB_ins_code_1 
_pdbx_validate_close_contact.label_alt_id_1 
_pdbx_validate_close_contact.auth_atom_id_2 
_pdbx_validate_close_contact.auth_asym_id_2 
_pdbx_validate_close_contact.auth_comp_id_2 
_pdbx_validate_close_contact.auth_seq_id_2 
_pdbx_validate_close_contact.PDB_ins_code_2 
_pdbx_validate_close_contact.label_alt_id_2 
_pdbx_validate_close_contact.dist 
1 1 O A ILE 108 ? ? H A VAL 112 ? ? 1.49 
2 1 O A ILE 15  ? ? H A LEU 19  ? ? 1.54 
3 1 O A ASP 109 ? ? H A ALA 113 ? ? 1.57 
# 
loop_
_pdbx_validate_torsion.id 
_pdbx_validate_torsion.PDB_model_num 
_pdbx_validate_torsion.auth_comp_id 
_pdbx_validate_torsion.auth_asym_id 
_pdbx_validate_torsion.auth_seq_id 
_pdbx_validate_torsion.PDB_ins_code 
_pdbx_validate_torsion.label_alt_id 
_pdbx_validate_torsion.phi 
_pdbx_validate_torsion.psi 
1  1 ASP A 11  ? ? -166.49 31.46   
2  1 ASP A 12  ? ? -62.13  -79.73  
3  1 SER A 13  ? ? -154.99 -44.69  
4  1 SER A 14  ? ? -174.95 41.73   
5  1 LEU A 28  ? ? 174.95  147.88  
6  1 THR A 29  ? ? 55.61   109.33  
7  1 GLU A 34  ? ? -95.82  -76.87  
8  1 ASN A 37  ? ? -59.81  -74.16  
9  1 LYS A 46  ? ? -97.65  -78.25  
10 1 THR A 47  ? ? 71.31   103.78  
11 1 PRO A 48  ? ? -75.00  -162.46 
12 1 LEU A 52  ? ? -104.78 -157.62 
13 1 SER A 53  ? ? 167.01  89.73   
14 1 ILE A 55  ? ? -176.04 -146.17 
15 1 ARG A 56  ? ? 175.50  38.98   
16 1 MET A 60  ? ? -139.57 -82.26  
17 1 ASP A 61  ? ? 50.41   165.04  
18 1 ALA A 64  ? ? 34.23   -139.33 
19 1 LEU A 65  ? ? -46.19  -89.98  
20 1 LEU A 66  ? ? 154.84  -25.20  
21 1 LYS A 67  ? ? -80.13  -72.39  
22 1 LYS A 70  ? ? -52.23  -91.81  
23 1 HIS A 73  ? ? -165.39 84.00   
24 1 ILE A 79  ? ? 35.37   -147.73 
25 1 THR A 82  ? ? 161.85  120.67  
26 1 ALA A 83  ? ? -83.93  -143.94 
27 1 HIS A 84  ? ? 45.96   -156.80 
28 1 ASP A 86  ? ? 179.30  55.69   
29 1 VAL A 91  ? ? -137.62 -60.26  
30 1 GLN A 95  ? ? -179.06 44.94   
31 1 GLN A 96  ? ? -174.47 -89.93  
32 1 ALA A 98  ? ? 93.97   131.98  
33 1 TYR A 101 ? ? -176.29 140.97  
34 1 LYS A 104 ? ? 55.52   171.30  
35 1 PHE A 106 ? ? -51.61  -171.52 
# 
loop_
_pdbx_unobs_or_zero_occ_atoms.id 
_pdbx_unobs_or_zero_occ_atoms.PDB_model_num 
_pdbx_unobs_or_zero_occ_atoms.polymer_flag 
_pdbx_unobs_or_zero_occ_atoms.occupancy_flag 
_pdbx_unobs_or_zero_occ_atoms.auth_asym_id 
_pdbx_unobs_or_zero_occ_atoms.auth_comp_id 
_pdbx_unobs_or_zero_occ_atoms.auth_seq_id 
_pdbx_unobs_or_zero_occ_atoms.PDB_ins_code 
_pdbx_unobs_or_zero_occ_atoms.auth_atom_id 
_pdbx_unobs_or_zero_occ_atoms.label_alt_id 
_pdbx_unobs_or_zero_occ_atoms.label_asym_id 
_pdbx_unobs_or_zero_occ_atoms.label_comp_id 
_pdbx_unobs_or_zero_occ_atoms.label_seq_id 
_pdbx_unobs_or_zero_occ_atoms.label_atom_id 
1 1 Y 1 A PHD 54 ? P   ? A PHD 54 P   
2 1 Y 1 A PHD 54 ? OP1 ? A PHD 54 OP1 
3 1 Y 1 A PHD 54 ? OP2 ? A PHD 54 OP2 
4 1 Y 1 A PHD 54 ? OP3 ? A PHD 54 OP3 
# 
